data_4OBV
#
_entry.id   4OBV
#
_cell.length_a   135.030
_cell.length_b   135.030
_cell.length_c   249.800
_cell.angle_alpha   90.00
_cell.angle_beta   90.00
_cell.angle_gamma   90.00
#
_symmetry.space_group_name_H-M   'P 41 21 2'
#
loop_
_entity.id
_entity.type
_entity.pdbx_description
1 polymer 'Pyridoxal-dependent decarboxylase domain protein'
2 non-polymer alpha-(fluoromethyl)-D-tryptophan
3 non-polymer '{5-hydroxy-4-[(1E)-4-(1H-indol-3-yl)-3-oxobut-1-en-1-yl]-6-methylpyridin-3-yl}methyl dihydrogen phosphate'
#
_entity_poly.entity_id   1
_entity_poly.type   'polypeptide(L)'
_entity_poly.pdbx_seq_one_letter_code
;MSQVIKKKRNTFMIGTEYILNSTQLEEAIKSFVHDFCAEKHEIHDQPVVVEAKEHQEDKIKQIKIPEKGRPVNEVVSEMM
NEVYRYRGDANHPRFFSFVPGPASSVSWLGDIMTSAYNIHAGGSKLAPMVNCIEQEVLKWLAKQVGFTENPGGVFVSGGS
MANITALTAARDNKLTDINLHLGTAYISDQTHSSVAKGLRIIGITDSRIRRIPTNSHFQMDTTKLEEAIETDKKSGYIPF
VVIGTAGTTNTGSIDPLTEISALCKKHDMWFHIDGAYGASVLLSPKYKSLLTGTGLADSISWDAHKWLFQTYGCAMVLVK
DIRNLFHSFHVNPEYLKDLENDIDNVNTWDIGMELTRPARGLKLWLTLQVLGSDLIGSAIEHGFQLAVWAEEALNPKKDW
EIVSPAQMAMINFRYAPKDLTKEEQDILNEKISHRILESGYAAIFTTVLNGKTVLRICAIHPEATQEDMQHTIDLLDQYG
REIYTEMKKA
;
_entity_poly.pdbx_strand_id   D,C,B,A
#
loop_
_chem_comp.id
_chem_comp.type
_chem_comp.name
_chem_comp.formula
2SU non-polymer alpha-(fluoromethyl)-D-tryptophan 'C12 H13 F N2 O2'
3SO non-polymer '{5-hydroxy-4-[(1E)-4-(1H-indol-3-yl)-3-oxobut-1-en-1-yl]-6-methylpyridin-3-yl}methyl dihydrogen phosphate' 'C19 H19 N2 O6 P'
#
# COMPACT_ATOMS: atom_id res chain seq x y z
N THR A 16 4.00 -2.91 13.29
CA THR A 16 4.22 -4.28 12.82
C THR A 16 4.07 -5.28 13.95
N GLU A 17 4.13 -6.56 13.62
CA GLU A 17 4.00 -7.63 14.61
C GLU A 17 5.37 -8.14 15.04
N TYR A 18 6.33 -8.10 14.13
CA TYR A 18 7.68 -8.56 14.42
C TYR A 18 8.65 -7.38 14.52
N ILE A 19 8.17 -6.20 14.19
CA ILE A 19 9.00 -4.99 14.24
C ILE A 19 8.99 -4.37 15.63
N LEU A 20 10.17 -4.18 16.20
CA LEU A 20 10.30 -3.59 17.52
C LEU A 20 10.03 -2.09 17.50
N ASN A 21 9.16 -1.62 18.40
CA ASN A 21 8.94 -0.20 18.57
C ASN A 21 9.92 0.38 19.59
N SER A 22 9.94 1.69 19.71
CA SER A 22 10.93 2.38 20.54
C SER A 22 10.88 1.94 22.01
N THR A 23 9.70 1.51 22.46
CA THR A 23 9.56 1.07 23.84
C THR A 23 10.01 -0.37 24.02
N GLN A 24 9.72 -1.21 23.03
CA GLN A 24 10.16 -2.60 23.05
C GLN A 24 11.67 -2.68 22.90
N LEU A 25 12.22 -1.86 22.02
CA LEU A 25 13.65 -1.81 21.77
C LEU A 25 14.42 -1.39 23.03
N GLU A 26 14.04 -0.25 23.58
CA GLU A 26 14.73 0.30 24.74
C GLU A 26 14.66 -0.66 25.93
N GLU A 27 13.56 -1.39 26.02
CA GLU A 27 13.36 -2.33 27.11
C GLU A 27 14.17 -3.61 26.90
N ALA A 28 14.23 -4.06 25.65
CA ALA A 28 15.01 -5.24 25.29
C ALA A 28 16.50 -5.02 25.53
N ILE A 29 16.98 -3.83 25.18
CA ILE A 29 18.38 -3.47 25.38
C ILE A 29 18.75 -3.38 26.86
N LYS A 30 17.98 -2.59 27.61
CA LYS A 30 18.24 -2.40 29.04
C LYS A 30 18.18 -3.72 29.79
N SER A 31 17.29 -4.60 29.37
CA SER A 31 17.17 -5.92 29.98
C SER A 31 18.47 -6.69 29.85
N PHE A 32 19.07 -6.63 28.66
CA PHE A 32 20.33 -7.31 28.39
C PHE A 32 21.49 -6.63 29.11
N VAL A 33 21.56 -5.31 28.99
CA VAL A 33 22.60 -4.52 29.64
C VAL A 33 22.64 -4.80 31.13
N HIS A 34 21.46 -4.93 31.73
CA HIS A 34 21.34 -5.21 33.15
C HIS A 34 21.83 -6.62 33.49
N ASP A 35 21.34 -7.61 32.75
CA ASP A 35 21.69 -9.01 33.01
C ASP A 35 23.15 -9.31 32.74
N PHE A 36 23.74 -8.60 31.79
CA PHE A 36 25.14 -8.85 31.43
C PHE A 36 26.10 -8.26 32.45
N CYS A 37 25.87 -7.01 32.83
CA CYS A 37 26.72 -6.33 33.80
C CYS A 37 26.80 -7.10 35.11
N ALA A 38 25.66 -7.64 35.54
CA ALA A 38 25.62 -8.45 36.75
C ALA A 38 26.46 -9.71 36.59
N GLU A 39 26.31 -10.37 35.44
CA GLU A 39 27.04 -11.60 35.17
C GLU A 39 28.55 -11.39 35.05
N LYS A 40 28.95 -10.33 34.36
CA LYS A 40 30.37 -10.07 34.12
C LYS A 40 31.05 -9.47 35.35
N HIS A 41 30.25 -8.98 36.28
CA HIS A 41 30.77 -8.44 37.53
C HIS A 41 31.39 -9.55 38.37
N GLU A 42 30.93 -10.78 38.16
CA GLU A 42 31.40 -11.93 38.93
C GLU A 42 32.34 -12.81 38.11
N ILE A 43 33.06 -12.18 37.18
CA ILE A 43 33.87 -12.92 36.22
C ILE A 43 35.07 -13.61 36.87
N HIS A 44 35.62 -13.00 37.92
CA HIS A 44 36.79 -13.57 38.60
C HIS A 44 36.48 -14.87 39.32
N ASP A 45 35.19 -15.21 39.40
CA ASP A 45 34.77 -16.43 40.09
C ASP A 45 34.02 -17.33 39.12
N GLN A 46 34.43 -17.29 37.86
CA GLN A 46 33.82 -18.08 36.80
C GLN A 46 34.90 -18.80 36.02
N PRO A 47 34.60 -20.04 35.56
CA PRO A 47 35.55 -20.80 34.76
C PRO A 47 35.93 -20.07 33.48
N VAL A 48 37.22 -20.04 33.17
CA VAL A 48 37.71 -19.31 32.02
C VAL A 48 37.18 -19.91 30.72
N VAL A 49 37.08 -21.24 30.70
CA VAL A 49 36.53 -21.95 29.55
C VAL A 49 35.30 -22.75 29.94
N VAL A 50 34.18 -22.49 29.26
CA VAL A 50 32.96 -23.23 29.51
C VAL A 50 32.65 -24.15 28.33
N GLU A 51 32.94 -25.43 28.49
CA GLU A 51 32.77 -26.42 27.43
C GLU A 51 31.31 -26.67 27.11
N ALA A 52 31.01 -26.78 25.81
CA ALA A 52 29.68 -27.15 25.35
C ALA A 52 29.52 -28.67 25.29
N LYS A 53 28.33 -29.15 25.65
CA LYS A 53 28.05 -30.58 25.64
C LYS A 53 28.04 -31.16 24.23
N GLU A 54 27.94 -32.48 24.13
CA GLU A 54 28.05 -33.17 22.84
C GLU A 54 26.85 -32.91 21.94
N HIS A 55 25.75 -32.47 22.55
CA HIS A 55 24.50 -32.34 21.84
C HIS A 55 24.14 -30.88 21.55
N GLN A 56 25.10 -29.99 21.77
CA GLN A 56 24.82 -28.57 21.66
C GLN A 56 24.81 -28.09 20.21
N GLU A 57 25.62 -28.74 19.38
CA GLU A 57 25.69 -28.38 17.96
C GLU A 57 24.39 -28.69 17.23
N ASP A 58 23.78 -29.83 17.55
CA ASP A 58 22.53 -30.23 16.91
C ASP A 58 21.35 -29.42 17.44
N LYS A 59 21.47 -28.97 18.69
CA LYS A 59 20.42 -28.13 19.28
C LYS A 59 20.33 -26.81 18.53
N ILE A 60 21.48 -26.30 18.10
CA ILE A 60 21.53 -25.04 17.37
C ILE A 60 21.07 -25.23 15.93
N LYS A 61 21.46 -26.34 15.33
CA LYS A 61 21.10 -26.63 13.94
C LYS A 61 19.61 -26.89 13.77
N GLN A 62 18.92 -27.13 14.87
CA GLN A 62 17.49 -27.45 14.84
C GLN A 62 16.62 -26.20 14.95
N ILE A 63 17.23 -25.08 15.29
CA ILE A 63 16.52 -23.81 15.46
C ILE A 63 16.01 -23.26 14.13
N LYS A 64 16.80 -23.47 13.08
CA LYS A 64 16.45 -23.08 11.71
C LYS A 64 16.31 -21.57 11.52
N ILE A 65 16.22 -21.15 10.26
CA ILE A 65 15.95 -19.75 9.92
C ILE A 65 14.46 -19.58 9.66
N PRO A 66 13.78 -18.84 10.55
CA PRO A 66 12.32 -18.74 10.51
C PRO A 66 11.80 -17.78 9.43
N GLU A 67 10.64 -18.11 8.88
CA GLU A 67 9.97 -17.23 7.93
C GLU A 67 9.21 -16.15 8.68
N LYS A 68 8.60 -16.54 9.80
CA LYS A 68 7.89 -15.61 10.66
C LYS A 68 8.75 -15.24 11.86
N GLY A 69 8.60 -14.01 12.34
CA GLY A 69 9.41 -13.52 13.44
C GLY A 69 9.19 -14.21 14.76
N ARG A 70 10.06 -13.92 15.71
CA ARG A 70 9.98 -14.49 17.05
C ARG A 70 10.09 -13.40 18.11
N PRO A 71 9.53 -13.65 19.31
CA PRO A 71 9.65 -12.70 20.42
C PRO A 71 11.12 -12.37 20.71
N VAL A 72 11.45 -11.09 20.73
CA VAL A 72 12.84 -10.65 20.83
C VAL A 72 13.58 -11.19 22.04
N ASN A 73 12.99 -11.05 23.22
CA ASN A 73 13.64 -11.52 24.46
C ASN A 73 13.72 -13.03 24.54
N GLU A 74 12.92 -13.73 23.71
CA GLU A 74 13.01 -15.18 23.66
C GLU A 74 14.22 -15.57 22.83
N VAL A 75 14.47 -14.82 21.76
CA VAL A 75 15.62 -15.04 20.91
C VAL A 75 16.90 -14.61 21.64
N VAL A 76 16.81 -13.49 22.34
CA VAL A 76 17.92 -12.96 23.12
C VAL A 76 18.40 -13.96 24.17
N SER A 77 17.47 -14.50 24.95
CA SER A 77 17.80 -15.47 25.99
C SER A 77 18.35 -16.76 25.39
N GLU A 78 17.86 -17.10 24.20
CA GLU A 78 18.32 -18.30 23.50
C GLU A 78 19.80 -18.20 23.13
N MET A 79 20.23 -17.01 22.72
CA MET A 79 21.62 -16.80 22.33
C MET A 79 22.54 -16.76 23.54
N MET A 80 22.04 -16.19 24.64
CA MET A 80 22.82 -16.10 25.87
C MET A 80 23.04 -17.49 26.50
N ASN A 81 22.06 -18.37 26.34
CA ASN A 81 22.09 -19.67 27.00
C ASN A 81 22.62 -20.79 26.11
N GLU A 82 22.55 -20.62 24.80
CA GLU A 82 22.89 -21.69 23.88
C GLU A 82 24.02 -21.33 22.90
N VAL A 83 24.45 -20.07 22.92
CA VAL A 83 25.47 -19.63 21.98
C VAL A 83 26.64 -18.91 22.66
N TYR A 84 26.36 -17.78 23.28
CA TYR A 84 27.41 -16.96 23.89
C TYR A 84 28.04 -17.64 25.12
N ARG A 85 27.29 -18.51 25.78
CA ARG A 85 27.76 -19.11 27.02
C ARG A 85 28.96 -20.02 26.83
N TYR A 86 28.94 -20.83 25.78
CA TYR A 86 30.00 -21.79 25.53
C TYR A 86 31.15 -21.14 24.75
N ARG A 87 32.22 -20.81 25.47
CA ARG A 87 33.30 -20.03 24.88
C ARG A 87 34.61 -20.15 25.66
N GLY A 88 35.69 -19.67 25.05
CA GLY A 88 36.93 -19.46 25.77
C GLY A 88 37.12 -17.98 26.00
N ASP A 89 36.59 -17.49 27.12
CA ASP A 89 36.55 -16.05 27.39
C ASP A 89 37.93 -15.41 27.50
N ALA A 90 38.29 -14.64 26.48
CA ALA A 90 39.57 -13.95 26.46
C ALA A 90 39.50 -12.64 27.24
N ASN A 91 38.32 -12.34 27.76
CA ASN A 91 38.12 -11.18 28.62
C ASN A 91 38.45 -11.52 30.07
N HIS A 92 38.57 -12.82 30.34
CA HIS A 92 38.87 -13.31 31.69
C HIS A 92 40.30 -12.96 32.10
N PRO A 93 40.47 -12.47 33.34
CA PRO A 93 41.78 -12.07 33.87
C PRO A 93 42.78 -13.21 33.94
N ARG A 94 42.29 -14.45 33.85
CA ARG A 94 43.18 -15.62 33.86
C ARG A 94 43.16 -16.32 32.51
N PHE A 95 42.88 -15.56 31.45
CA PHE A 95 43.07 -16.05 30.09
C PHE A 95 44.47 -15.68 29.65
N PHE A 96 45.36 -16.66 29.62
CA PHE A 96 46.78 -16.40 29.40
C PHE A 96 47.27 -16.93 28.05
N SER A 97 46.34 -17.25 27.15
CA SER A 97 46.69 -17.88 25.89
C SER A 97 46.66 -16.91 24.71
N PHE A 98 47.50 -17.19 23.71
CA PHE A 98 47.58 -16.37 22.50
C PHE A 98 47.81 -14.90 22.84
N VAL A 99 46.92 -14.04 22.36
CA VAL A 99 46.89 -12.65 22.80
C VAL A 99 45.50 -12.32 23.31
N PRO A 100 45.35 -12.26 24.65
CA PRO A 100 44.04 -12.06 25.28
C PRO A 100 43.41 -10.72 24.94
N GLY A 101 42.11 -10.61 25.14
CA GLY A 101 41.39 -9.38 24.86
C GLY A 101 40.70 -8.79 26.07
N PRO A 102 41.49 -8.21 26.99
CA PRO A 102 40.95 -7.56 28.18
C PRO A 102 40.37 -6.19 27.85
N ALA A 103 39.30 -6.16 27.07
CA ALA A 103 38.70 -4.93 26.60
C ALA A 103 38.08 -4.13 27.74
N SER A 104 38.35 -2.83 27.76
CA SER A 104 37.77 -1.94 28.74
C SER A 104 36.25 -1.85 28.55
N SER A 105 35.54 -1.56 29.63
CA SER A 105 34.09 -1.40 29.55
C SER A 105 33.75 -0.14 28.78
N VAL A 106 34.67 0.82 28.78
CA VAL A 106 34.49 2.04 28.01
C VAL A 106 34.47 1.75 26.52
N SER A 107 35.25 0.77 26.09
CA SER A 107 35.28 0.36 24.70
C SER A 107 33.93 -0.20 24.27
N TRP A 108 33.33 -1.00 25.13
CA TRP A 108 31.99 -1.55 24.90
C TRP A 108 30.99 -0.41 24.71
N LEU A 109 31.12 0.61 25.55
CA LEU A 109 30.26 1.79 25.46
C LEU A 109 30.43 2.47 24.10
N GLY A 110 31.67 2.51 23.61
CA GLY A 110 31.97 3.10 22.31
C GLY A 110 31.28 2.38 21.17
N ASP A 111 31.25 1.05 21.23
CA ASP A 111 30.59 0.24 20.22
C ASP A 111 29.10 0.51 20.19
N ILE A 112 28.51 0.66 21.36
CA ILE A 112 27.08 0.92 21.48
C ILE A 112 26.72 2.25 20.84
N MET A 113 27.52 3.29 21.10
CA MET A 113 27.28 4.60 20.52
C MET A 113 27.49 4.57 19.00
N THR A 114 28.63 4.03 18.58
CA THR A 114 28.96 3.97 17.16
C THR A 114 27.93 3.18 16.34
N SER A 115 27.54 2.02 16.86
CA SER A 115 26.58 1.17 16.18
C SER A 115 25.18 1.79 16.16
N ALA A 116 24.91 2.67 17.12
CA ALA A 116 23.61 3.33 17.21
C ALA A 116 23.40 4.32 16.07
N TYR A 117 24.27 5.31 15.97
CA TYR A 117 24.19 6.30 14.92
C TYR A 117 24.39 5.67 13.54
N ASN A 118 25.15 4.58 13.51
CA ASN A 118 25.44 3.85 12.27
C ASN A 118 25.94 4.78 11.17
N ILE A 119 26.78 5.75 11.55
CA ILE A 119 27.34 6.70 10.60
C ILE A 119 28.29 6.01 9.63
N HIS A 120 28.17 6.32 8.35
CA HIS A 120 29.08 5.77 7.35
C HIS A 120 30.44 6.45 7.40
N ALA A 121 31.37 5.82 8.11
CA ALA A 121 32.74 6.31 8.18
C ALA A 121 33.52 5.91 6.93
N GLY A 122 34.83 6.16 6.95
CA GLY A 122 35.65 5.91 5.78
C GLY A 122 35.32 6.89 4.69
N GLY A 123 35.07 8.14 5.09
CA GLY A 123 34.68 9.20 4.18
C GLY A 123 34.40 10.44 5.01
N SER A 124 34.83 11.60 4.51
CA SER A 124 34.83 12.81 5.33
C SER A 124 33.61 13.70 5.14
N LYS A 125 33.23 13.94 3.89
CA LYS A 125 32.13 14.88 3.62
C LYS A 125 30.80 14.48 4.26
N LEU A 126 30.56 13.18 4.37
CA LEU A 126 29.31 12.70 4.94
C LEU A 126 29.37 12.61 6.47
N ALA A 127 30.58 12.71 7.01
CA ALA A 127 30.79 12.68 8.45
C ALA A 127 32.11 13.34 8.81
N PRO A 128 32.16 14.68 8.70
CA PRO A 128 33.39 15.46 8.84
C PRO A 128 34.04 15.37 10.22
N MET A 129 33.23 15.37 11.27
CA MET A 129 33.76 15.37 12.63
C MET A 129 34.09 13.96 13.11
N VAL A 130 33.40 12.96 12.56
CA VAL A 130 33.74 11.57 12.85
C VAL A 130 35.13 11.25 12.32
N ASN A 131 35.41 11.71 11.10
CA ASN A 131 36.71 11.52 10.49
C ASN A 131 37.79 12.35 11.19
N CYS A 132 37.41 13.53 11.68
CA CYS A 132 38.34 14.41 12.36
C CYS A 132 38.82 13.78 13.68
N ILE A 133 37.91 13.10 14.36
CA ILE A 133 38.25 12.39 15.59
C ILE A 133 39.26 11.29 15.35
N GLU A 134 39.01 10.47 14.33
CA GLU A 134 39.91 9.36 14.00
C GLU A 134 41.30 9.84 13.63
N GLN A 135 41.36 10.92 12.83
CA GLN A 135 42.65 11.46 12.40
C GLN A 135 43.43 12.03 13.57
N GLU A 136 42.72 12.55 14.56
CA GLU A 136 43.36 13.09 15.76
C GLU A 136 44.02 11.96 16.56
N VAL A 137 43.32 10.84 16.67
CA VAL A 137 43.86 9.68 17.35
C VAL A 137 45.05 9.11 16.58
N LEU A 138 44.90 9.05 15.27
CA LEU A 138 45.95 8.53 14.40
C LEU A 138 47.20 9.38 14.44
N LYS A 139 47.01 10.70 14.50
CA LYS A 139 48.14 11.63 14.59
C LYS A 139 48.88 11.46 15.91
N TRP A 140 48.11 11.25 16.98
CA TRP A 140 48.68 11.06 18.30
C TRP A 140 49.50 9.78 18.37
N LEU A 141 48.94 8.70 17.82
CA LEU A 141 49.65 7.43 17.77
C LEU A 141 50.92 7.56 16.93
N ALA A 142 50.84 8.35 15.87
CA ALA A 142 51.98 8.57 14.99
C ALA A 142 53.09 9.30 15.72
N LYS A 143 52.70 10.16 16.66
CA LYS A 143 53.66 10.90 17.48
C LYS A 143 54.42 9.94 18.38
N GLN A 144 53.71 8.95 18.91
CA GLN A 144 54.32 7.95 19.79
C GLN A 144 55.28 7.04 19.02
N VAL A 145 54.96 6.77 17.77
CA VAL A 145 55.79 5.91 16.93
C VAL A 145 57.10 6.59 16.56
N GLY A 146 57.02 7.89 16.26
CA GLY A 146 58.19 8.66 15.87
C GLY A 146 58.06 9.30 14.50
N PHE A 147 56.85 9.26 13.94
CA PHE A 147 56.58 9.90 12.66
C PHE A 147 56.25 11.36 12.88
N THR A 148 57.15 12.24 12.45
CA THR A 148 57.05 13.67 12.79
C THR A 148 56.79 14.57 11.58
N GLU A 149 56.97 14.04 10.38
CA GLU A 149 56.84 14.86 9.18
C GLU A 149 55.40 14.98 8.72
N ASN A 150 54.97 14.05 7.87
CA ASN A 150 53.63 14.06 7.33
C ASN A 150 53.03 12.65 7.33
N PRO A 151 52.71 12.14 8.52
CA PRO A 151 52.20 10.78 8.67
C PRO A 151 50.78 10.61 8.15
N GLY A 152 50.26 9.40 8.26
CA GLY A 152 48.91 9.08 7.84
C GLY A 152 48.58 7.69 8.31
N GLY A 153 47.29 7.35 8.33
CA GLY A 153 46.88 6.04 8.79
C GLY A 153 45.40 5.73 8.61
N VAL A 154 45.03 4.50 8.93
CA VAL A 154 43.66 4.05 8.80
C VAL A 154 43.30 3.02 9.86
N PHE A 155 42.11 3.17 10.45
CA PHE A 155 41.61 2.19 11.40
C PHE A 155 41.06 0.99 10.63
N VAL A 156 41.83 -0.09 10.59
CA VAL A 156 41.43 -1.29 9.89
C VAL A 156 40.81 -2.31 10.84
N SER A 157 40.27 -3.40 10.30
CA SER A 157 39.55 -4.38 11.10
C SER A 157 40.51 -5.20 11.96
N GLY A 158 41.61 -5.64 11.36
CA GLY A 158 42.59 -6.42 12.07
C GLY A 158 44.03 -6.02 11.76
N GLY A 159 44.96 -6.61 12.50
CA GLY A 159 46.37 -6.40 12.25
C GLY A 159 46.83 -7.10 10.99
N SER A 160 46.13 -8.17 10.64
CA SER A 160 46.38 -8.85 9.36
C SER A 160 46.06 -7.91 8.21
N MET A 161 44.97 -7.16 8.36
CA MET A 161 44.59 -6.16 7.38
C MET A 161 45.52 -4.96 7.48
N ALA A 162 46.09 -4.76 8.67
CA ALA A 162 47.07 -3.70 8.88
C ALA A 162 48.34 -3.99 8.10
N ASN A 163 48.75 -5.25 8.10
CA ASN A 163 49.95 -5.66 7.39
C ASN A 163 49.78 -5.64 5.87
N ILE A 164 48.66 -6.17 5.39
CA ILE A 164 48.39 -6.20 3.96
C ILE A 164 48.28 -4.79 3.39
N THR A 165 47.70 -3.87 4.17
CA THR A 165 47.60 -2.49 3.74
C THR A 165 48.98 -1.86 3.62
N ALA A 166 49.80 -2.07 4.64
CA ALA A 166 51.15 -1.52 4.67
C ALA A 166 52.03 -2.14 3.58
N LEU A 167 51.94 -3.46 3.44
CA LEU A 167 52.76 -4.18 2.47
C LEU A 167 52.36 -3.85 1.04
N THR A 168 51.09 -3.52 0.85
CA THR A 168 50.61 -3.13 -0.47
C THR A 168 51.24 -1.81 -0.88
N ALA A 169 51.33 -0.88 0.07
CA ALA A 169 51.97 0.41 -0.16
C ALA A 169 53.46 0.22 -0.43
N ALA A 170 54.06 -0.75 0.25
CA ALA A 170 55.48 -1.06 0.07
C ALA A 170 55.74 -1.60 -1.34
N ARG A 171 54.88 -2.50 -1.79
CA ARG A 171 55.00 -3.10 -3.11
C ARG A 171 54.89 -2.04 -4.21
N ASP A 172 53.89 -1.17 -4.08
CA ASP A 172 53.62 -0.17 -5.11
C ASP A 172 54.64 0.97 -5.09
N ASN A 173 55.37 1.09 -3.98
CA ASN A 173 56.35 2.16 -3.82
C ASN A 173 57.72 1.78 -4.37
N LYS A 174 58.05 0.49 -4.30
CA LYS A 174 59.37 0.01 -4.68
C LYS A 174 59.35 -0.77 -5.99
N LEU A 175 58.15 -1.11 -6.46
CA LEU A 175 58.02 -1.88 -7.69
C LEU A 175 57.08 -1.22 -8.68
N THR A 176 57.16 -1.63 -9.94
CA THR A 176 56.30 -1.12 -11.00
C THR A 176 55.44 -2.23 -11.59
N ASP A 177 54.62 -1.88 -12.57
CA ASP A 177 53.73 -2.85 -13.20
C ASP A 177 54.49 -3.79 -14.12
N ILE A 178 55.80 -3.57 -14.24
CA ILE A 178 56.61 -4.34 -15.18
C ILE A 178 57.60 -5.27 -14.49
N ASN A 179 58.03 -4.92 -13.28
CA ASN A 179 59.05 -5.69 -12.60
C ASN A 179 58.62 -6.24 -11.23
N LEU A 180 57.36 -6.04 -10.87
CA LEU A 180 56.90 -6.36 -9.52
C LEU A 180 56.90 -7.86 -9.23
N HIS A 181 57.04 -8.68 -10.28
CA HIS A 181 57.06 -10.12 -10.10
C HIS A 181 58.48 -10.59 -9.74
N LEU A 182 59.39 -9.63 -9.62
CA LEU A 182 60.77 -9.94 -9.24
C LEU A 182 61.04 -9.52 -7.80
N GLY A 183 60.00 -9.03 -7.13
CA GLY A 183 60.15 -8.56 -5.77
C GLY A 183 60.33 -9.67 -4.76
N THR A 184 61.24 -9.46 -3.81
CA THR A 184 61.47 -10.43 -2.74
C THR A 184 61.24 -9.78 -1.38
N ALA A 185 60.61 -10.52 -0.48
CA ALA A 185 60.32 -10.02 0.86
C ALA A 185 61.10 -10.82 1.89
N TYR A 186 61.35 -10.22 3.04
CA TYR A 186 62.20 -10.86 4.04
C TYR A 186 61.60 -10.81 5.44
N ILE A 187 61.43 -11.99 6.02
CA ILE A 187 60.89 -12.12 7.37
C ILE A 187 61.78 -13.02 8.23
N SER A 188 61.35 -13.32 9.44
CA SER A 188 62.07 -14.24 10.31
C SER A 188 61.22 -15.47 10.62
N ASP A 189 61.81 -16.45 11.28
CA ASP A 189 61.10 -17.69 11.62
C ASP A 189 60.14 -17.47 12.79
N GLN A 190 60.16 -16.28 13.35
CA GLN A 190 59.24 -15.94 14.45
C GLN A 190 58.20 -14.94 13.99
N THR A 191 58.33 -14.46 12.75
CA THR A 191 57.34 -13.56 12.17
C THR A 191 55.98 -14.25 12.12
N HIS A 192 54.92 -13.47 12.39
CA HIS A 192 53.58 -14.01 12.43
C HIS A 192 53.13 -14.51 11.05
N SER A 193 52.31 -15.54 11.04
CA SER A 193 51.88 -16.19 9.80
C SER A 193 51.13 -15.23 8.87
N SER A 194 50.48 -14.22 9.45
CA SER A 194 49.66 -13.30 8.68
C SER A 194 50.48 -12.41 7.75
N VAL A 195 51.77 -12.28 8.04
CA VAL A 195 52.65 -11.44 7.23
C VAL A 195 52.91 -12.09 5.86
N ALA A 196 53.36 -13.35 5.88
CA ALA A 196 53.61 -14.08 4.65
C ALA A 196 52.30 -14.36 3.93
N LYS A 197 51.24 -14.56 4.69
CA LYS A 197 49.91 -14.77 4.13
C LYS A 197 49.45 -13.53 3.38
N GLY A 198 49.76 -12.36 3.94
CA GLY A 198 49.45 -11.10 3.29
C GLY A 198 50.29 -10.90 2.04
N LEU A 199 51.55 -11.32 2.11
CA LEU A 199 52.45 -11.22 0.98
C LEU A 199 51.97 -12.07 -0.20
N ARG A 200 51.51 -13.29 0.10
CA ARG A 200 50.98 -14.16 -0.94
C ARG A 200 49.75 -13.54 -1.60
N ILE A 201 48.93 -12.87 -0.79
CA ILE A 201 47.72 -12.26 -1.27
C ILE A 201 48.01 -11.12 -2.25
N ILE A 202 49.03 -10.33 -1.95
CA ILE A 202 49.37 -9.19 -2.80
C ILE A 202 50.27 -9.60 -3.97
N GLY A 203 50.43 -10.91 -4.17
CA GLY A 203 51.12 -11.40 -5.35
C GLY A 203 52.54 -11.90 -5.13
N ILE A 204 53.04 -11.74 -3.92
CA ILE A 204 54.39 -12.22 -3.60
C ILE A 204 54.36 -13.69 -3.25
N THR A 205 54.80 -14.54 -4.17
CA THR A 205 54.77 -15.98 -3.98
C THR A 205 55.77 -16.45 -2.92
N ASP A 206 55.56 -17.66 -2.42
CA ASP A 206 56.44 -18.22 -1.39
C ASP A 206 57.88 -18.33 -1.88
N SER A 207 58.05 -18.47 -3.20
CA SER A 207 59.38 -18.62 -3.77
C SER A 207 60.19 -17.33 -3.71
N ARG A 208 59.52 -16.23 -3.35
CA ARG A 208 60.21 -14.94 -3.21
C ARG A 208 60.03 -14.36 -1.81
N ILE A 209 59.72 -15.22 -0.85
CA ILE A 209 59.66 -14.82 0.56
C ILE A 209 60.78 -15.51 1.34
N ARG A 210 61.70 -14.72 1.87
CA ARG A 210 62.85 -15.24 2.59
C ARG A 210 62.63 -15.29 4.11
N ARG A 211 62.78 -16.47 4.68
CA ARG A 211 62.65 -16.64 6.12
C ARG A 211 64.01 -16.75 6.79
N ILE A 212 64.43 -15.63 7.39
CA ILE A 212 65.73 -15.55 8.04
C ILE A 212 65.70 -16.16 9.44
N PRO A 213 66.69 -16.99 9.77
CA PRO A 213 66.83 -17.59 11.10
C PRO A 213 66.94 -16.54 12.19
N THR A 214 66.56 -16.90 13.41
CA THR A 214 66.67 -15.99 14.55
C THR A 214 67.67 -16.52 15.56
N ASN A 215 68.22 -15.63 16.38
CA ASN A 215 69.16 -16.03 17.43
C ASN A 215 68.45 -16.77 18.57
N SER A 216 69.16 -16.91 19.69
CA SER A 216 68.60 -17.58 20.85
C SER A 216 67.54 -16.71 21.53
N HIS A 217 67.60 -15.41 21.26
CA HIS A 217 66.63 -14.48 21.82
C HIS A 217 65.45 -14.28 20.88
N PHE A 218 65.38 -15.12 19.84
CA PHE A 218 64.29 -15.09 18.87
C PHE A 218 64.23 -13.74 18.15
N GLN A 219 65.41 -13.17 17.90
CA GLN A 219 65.51 -11.94 17.12
C GLN A 219 66.10 -12.26 15.76
N MET A 220 65.68 -11.51 14.74
CA MET A 220 66.13 -11.76 13.37
C MET A 220 67.64 -11.58 13.23
N ASP A 221 68.29 -12.57 12.62
CA ASP A 221 69.71 -12.49 12.34
C ASP A 221 69.97 -11.53 11.19
N THR A 222 70.38 -10.32 11.51
CA THR A 222 70.57 -9.27 10.51
C THR A 222 71.76 -9.56 9.60
N THR A 223 72.67 -10.41 10.07
CA THR A 223 73.82 -10.81 9.26
C THR A 223 73.36 -11.74 8.14
N LYS A 224 72.51 -12.69 8.48
CA LYS A 224 71.94 -13.60 7.49
C LYS A 224 70.92 -12.89 6.62
N LEU A 225 70.32 -11.83 7.17
CA LEU A 225 69.39 -11.01 6.42
C LEU A 225 70.08 -10.35 5.24
N GLU A 226 71.21 -9.70 5.50
CA GLU A 226 71.95 -8.99 4.47
C GLU A 226 72.46 -9.93 3.38
N GLU A 227 72.94 -11.10 3.78
CA GLU A 227 73.52 -12.05 2.83
C GLU A 227 72.44 -12.62 1.93
N ALA A 228 71.21 -12.67 2.45
CA ALA A 228 70.07 -13.10 1.65
C ALA A 228 69.70 -12.04 0.63
N ILE A 229 69.75 -10.78 1.06
CA ILE A 229 69.48 -9.65 0.19
C ILE A 229 70.49 -9.58 -0.95
N GLU A 230 71.78 -9.68 -0.61
CA GLU A 230 72.85 -9.66 -1.60
C GLU A 230 72.68 -10.78 -2.61
N THR A 231 72.33 -11.97 -2.12
CA THR A 231 72.14 -13.13 -2.96
C THR A 231 71.00 -12.93 -3.96
N ASP A 232 69.84 -12.53 -3.45
CA ASP A 232 68.67 -12.31 -4.31
C ASP A 232 68.91 -11.20 -5.32
N LYS A 233 69.58 -10.14 -4.88
CA LYS A 233 69.88 -9.01 -5.76
C LYS A 233 70.84 -9.41 -6.87
N LYS A 234 71.82 -10.24 -6.52
CA LYS A 234 72.80 -10.72 -7.50
C LYS A 234 72.15 -11.65 -8.50
N SER A 235 71.14 -12.39 -8.06
CA SER A 235 70.44 -13.33 -8.93
C SER A 235 69.58 -12.59 -9.95
N GLY A 236 69.21 -11.35 -9.63
CA GLY A 236 68.38 -10.56 -10.52
C GLY A 236 67.05 -10.17 -9.89
N TYR A 237 66.82 -10.62 -8.66
CA TYR A 237 65.60 -10.25 -7.93
C TYR A 237 65.70 -8.82 -7.42
N ILE A 238 64.56 -8.28 -6.98
CA ILE A 238 64.52 -6.94 -6.43
C ILE A 238 63.98 -6.92 -5.01
N PRO A 239 64.89 -6.95 -4.01
CA PRO A 239 64.47 -6.88 -2.60
C PRO A 239 63.80 -5.55 -2.31
N PHE A 240 62.56 -5.58 -1.82
CA PHE A 240 61.79 -4.34 -1.70
C PHE A 240 61.24 -4.10 -0.30
N VAL A 241 61.20 -5.14 0.55
CA VAL A 241 60.68 -4.95 1.89
C VAL A 241 61.22 -5.95 2.91
N VAL A 242 61.55 -5.44 4.09
CA VAL A 242 61.88 -6.27 5.24
C VAL A 242 60.86 -6.02 6.35
N ILE A 243 60.27 -7.09 6.87
CA ILE A 243 59.29 -6.94 7.95
C ILE A 243 59.89 -7.27 9.30
N GLY A 244 60.21 -6.23 10.07
CA GLY A 244 60.68 -6.41 11.43
C GLY A 244 59.50 -6.45 12.38
N THR A 245 59.62 -7.25 13.44
CA THR A 245 58.53 -7.39 14.40
C THR A 245 58.89 -6.82 15.77
N ALA A 246 58.00 -6.00 16.31
CA ALA A 246 58.17 -5.46 17.64
C ALA A 246 57.18 -6.11 18.60
N GLY A 247 57.55 -7.27 19.12
CA GLY A 247 56.68 -8.03 19.98
C GLY A 247 56.19 -9.31 19.31
N THR A 248 57.10 -10.27 19.15
CA THR A 248 56.77 -11.55 18.54
C THR A 248 55.58 -12.22 19.22
N THR A 249 54.73 -12.85 18.40
CA THR A 249 53.54 -13.53 18.90
C THR A 249 53.90 -14.62 19.91
N ASN A 250 55.00 -15.33 19.65
CA ASN A 250 55.43 -16.43 20.50
C ASN A 250 56.06 -15.99 21.83
N THR A 251 57.19 -15.28 21.73
CA THR A 251 57.96 -14.95 22.92
C THR A 251 57.90 -13.47 23.27
N GLY A 252 57.46 -12.64 22.32
CA GLY A 252 57.36 -11.21 22.54
C GLY A 252 58.69 -10.51 22.32
N SER A 253 59.55 -11.13 21.51
CA SER A 253 60.86 -10.58 21.24
C SER A 253 60.76 -9.40 20.28
N ILE A 254 61.82 -8.59 20.22
CA ILE A 254 61.86 -7.42 19.35
C ILE A 254 63.05 -7.48 18.39
N ASP A 255 62.77 -7.49 17.09
CA ASP A 255 63.83 -7.50 16.09
C ASP A 255 64.70 -6.25 16.17
N PRO A 256 65.98 -6.39 15.76
CA PRO A 256 66.92 -5.27 15.74
C PRO A 256 66.47 -4.18 14.78
N LEU A 257 65.58 -3.31 15.24
CA LEU A 257 64.98 -2.28 14.41
C LEU A 257 66.04 -1.39 13.74
N THR A 258 67.02 -0.96 14.53
CA THR A 258 68.08 -0.10 14.03
C THR A 258 68.92 -0.79 12.97
N GLU A 259 69.31 -2.03 13.25
CA GLU A 259 70.12 -2.81 12.33
C GLU A 259 69.38 -3.05 11.02
N ILE A 260 68.08 -3.34 11.12
CA ILE A 260 67.27 -3.58 9.93
C ILE A 260 67.07 -2.32 9.10
N SER A 261 66.86 -1.19 9.77
CA SER A 261 66.68 0.10 9.11
C SER A 261 67.91 0.50 8.31
N ALA A 262 69.10 0.25 8.87
CA ALA A 262 70.35 0.58 8.21
C ALA A 262 70.48 -0.17 6.88
N LEU A 263 70.12 -1.45 6.91
CA LEU A 263 70.16 -2.28 5.70
C LEU A 263 69.13 -1.83 4.67
N CYS A 264 67.95 -1.45 5.14
CA CYS A 264 66.87 -1.01 4.26
C CYS A 264 67.27 0.26 3.51
N LYS A 265 67.87 1.21 4.23
CA LYS A 265 68.31 2.45 3.62
C LYS A 265 69.45 2.18 2.64
N LYS A 266 70.32 1.24 3.00
CA LYS A 266 71.45 0.88 2.17
C LYS A 266 71.01 0.24 0.85
N HIS A 267 69.96 -0.57 0.91
CA HIS A 267 69.54 -1.35 -0.25
C HIS A 267 68.22 -0.84 -0.84
N ASP A 268 67.83 0.37 -0.46
CA ASP A 268 66.63 1.02 -1.01
C ASP A 268 65.39 0.15 -0.84
N MET A 269 65.16 -0.31 0.38
CA MET A 269 64.01 -1.17 0.67
C MET A 269 63.03 -0.51 1.63
N TRP A 270 61.79 -1.00 1.62
CA TRP A 270 60.75 -0.52 2.51
C TRP A 270 60.86 -1.23 3.85
N PHE A 271 60.81 -0.48 4.94
CA PHE A 271 60.87 -1.05 6.28
C PHE A 271 59.49 -1.03 6.93
N HIS A 272 58.92 -2.21 7.10
CA HIS A 272 57.64 -2.34 7.78
C HIS A 272 57.81 -3.04 9.13
N ILE A 273 57.36 -2.39 10.19
CA ILE A 273 57.39 -2.99 11.52
C ILE A 273 56.02 -3.54 11.88
N ASP A 274 55.97 -4.85 12.11
CA ASP A 274 54.76 -5.49 12.59
C ASP A 274 54.68 -5.39 14.10
N GLY A 275 54.01 -4.34 14.58
CA GLY A 275 53.87 -4.09 16.00
C GLY A 275 52.43 -4.23 16.47
N ALA A 276 51.74 -5.20 15.87
CA ALA A 276 50.34 -5.47 16.20
C ALA A 276 50.11 -5.60 17.70
N TYR A 277 51.07 -6.23 18.39
CA TYR A 277 50.98 -6.44 19.82
C TYR A 277 51.84 -5.45 20.60
N GLY A 278 53.14 -5.41 20.28
CA GLY A 278 54.10 -4.68 21.09
C GLY A 278 54.14 -3.18 20.91
N ALA A 279 53.42 -2.66 19.93
CA ALA A 279 53.46 -1.21 19.66
C ALA A 279 52.82 -0.41 20.79
N SER A 280 51.97 -1.06 21.56
CA SER A 280 51.28 -0.41 22.67
C SER A 280 52.26 -0.05 23.79
N VAL A 281 53.43 -0.70 23.78
CA VAL A 281 54.46 -0.46 24.78
C VAL A 281 54.97 0.98 24.70
N LEU A 282 54.75 1.63 23.56
CA LEU A 282 55.16 3.02 23.37
C LEU A 282 54.43 3.96 24.34
N LEU A 283 53.33 3.50 24.92
CA LEU A 283 52.57 4.30 25.86
CA LEU A 283 52.57 4.30 25.86
C LEU A 283 53.07 4.10 27.29
N SER A 284 54.02 3.19 27.47
CA SER A 284 54.58 2.91 28.79
C SER A 284 55.89 3.66 28.99
N PRO A 285 55.91 4.61 29.94
CA PRO A 285 57.10 5.40 30.29
C PRO A 285 58.28 4.52 30.68
N LYS A 286 58.01 3.38 31.32
CA LYS A 286 59.06 2.49 31.77
C LYS A 286 59.69 1.69 30.63
N TYR A 287 58.86 1.21 29.71
CA TYR A 287 59.33 0.25 28.71
C TYR A 287 59.35 0.78 27.28
N LYS A 288 58.97 2.03 27.08
CA LYS A 288 58.92 2.61 25.74
C LYS A 288 60.30 2.59 25.05
N SER A 289 61.35 2.52 25.86
CA SER A 289 62.71 2.51 25.34
C SER A 289 63.00 1.23 24.56
N LEU A 290 62.28 0.16 24.89
CA LEU A 290 62.44 -1.12 24.23
C LEU A 290 62.16 -1.05 22.73
N LEU A 291 61.29 -0.11 22.34
CA LEU A 291 60.90 0.05 20.95
C LEU A 291 61.64 1.18 20.26
N THR A 292 62.91 1.37 20.61
CA THR A 292 63.73 2.40 20.00
C THR A 292 63.98 2.07 18.53
N GLY A 293 63.64 3.01 17.66
CA GLY A 293 63.87 2.84 16.24
C GLY A 293 62.62 2.66 15.40
N THR A 294 61.46 2.71 16.05
CA THR A 294 60.19 2.55 15.35
C THR A 294 59.98 3.70 14.36
N GLY A 295 60.54 4.86 14.67
CA GLY A 295 60.43 6.02 13.80
C GLY A 295 61.19 5.88 12.50
N LEU A 296 62.10 4.91 12.45
CA LEU A 296 62.90 4.66 11.25
C LEU A 296 62.13 3.88 10.20
N ALA A 297 61.03 3.25 10.62
CA ALA A 297 60.23 2.43 9.73
C ALA A 297 59.43 3.28 8.75
N ASP A 298 59.04 2.69 7.63
CA ASP A 298 58.20 3.37 6.64
C ASP A 298 56.74 3.11 6.95
N SER A 299 56.47 2.01 7.67
CA SER A 299 55.11 1.67 8.08
C SER A 299 55.14 0.79 9.32
N ILE A 300 54.05 0.83 10.09
CA ILE A 300 53.94 0.02 11.29
C ILE A 300 52.48 -0.31 11.57
N SER A 301 52.23 -1.55 11.97
CA SER A 301 50.89 -1.97 12.35
C SER A 301 50.73 -1.88 13.86
N TRP A 302 49.49 -1.82 14.32
CA TRP A 302 49.22 -1.59 15.73
C TRP A 302 47.77 -1.92 16.04
N ASP A 303 47.55 -3.01 16.78
CA ASP A 303 46.20 -3.47 17.11
C ASP A 303 45.74 -2.92 18.45
N ALA A 304 44.58 -2.27 18.45
CA ALA A 304 44.03 -1.67 19.67
C ALA A 304 43.25 -2.70 20.48
N HIS A 305 42.69 -3.70 19.80
CA HIS A 305 41.94 -4.75 20.48
C HIS A 305 42.87 -5.75 21.17
N LYS A 306 44.16 -5.43 21.21
CA LYS A 306 45.11 -6.22 21.97
C LYS A 306 45.49 -5.50 23.26
N TRP A 307 46.48 -4.63 23.19
CA TRP A 307 47.02 -3.99 24.38
C TRP A 307 46.56 -2.54 24.52
N LEU A 308 45.52 -2.17 23.79
CA LEU A 308 44.87 -0.88 24.00
C LEU A 308 43.47 -1.10 24.54
N PHE A 309 43.19 -2.35 24.90
CA PHE A 309 41.98 -2.72 25.62
C PHE A 309 40.73 -2.31 24.86
N GLN A 310 40.65 -2.70 23.60
CA GLN A 310 39.48 -2.46 22.79
C GLN A 310 38.81 -3.77 22.40
N THR A 311 37.57 -3.69 21.94
CA THR A 311 36.87 -4.87 21.46
C THR A 311 37.19 -5.13 19.99
N TYR A 312 37.07 -6.39 19.58
CA TYR A 312 37.26 -6.73 18.18
C TYR A 312 36.19 -6.04 17.32
N GLY A 313 36.62 -5.40 16.24
CA GLY A 313 38.03 -5.31 15.89
C GLY A 313 38.43 -3.88 15.60
N CYS A 314 39.58 -3.48 16.14
CA CYS A 314 40.04 -2.11 16.04
C CYS A 314 41.56 -2.06 15.93
N ALA A 315 42.06 -2.04 14.69
CA ALA A 315 43.50 -2.03 14.46
C ALA A 315 43.91 -0.82 13.62
N MET A 316 45.19 -0.43 13.73
CA MET A 316 45.69 0.73 13.02
C MET A 316 46.89 0.38 12.14
N VAL A 317 47.01 1.07 11.02
CA VAL A 317 48.21 1.01 10.21
C VAL A 317 48.74 2.44 10.01
N LEU A 318 50.02 2.64 10.29
CA LEU A 318 50.60 3.99 10.19
C LEU A 318 51.79 4.01 9.24
N VAL A 319 51.80 4.99 8.35
CA VAL A 319 52.92 5.19 7.43
C VAL A 319 53.58 6.54 7.68
N LYS A 320 54.89 6.59 7.45
CA LYS A 320 55.65 7.83 7.66
C LYS A 320 55.26 8.89 6.65
N ASP A 321 54.97 8.45 5.42
CA ASP A 321 54.56 9.36 4.35
C ASP A 321 53.18 8.96 3.83
N ILE A 322 52.19 9.78 4.12
CA ILE A 322 50.80 9.48 3.78
C ILE A 322 50.58 9.36 2.27
N ARG A 323 51.46 9.98 1.49
CA ARG A 323 51.36 9.92 0.03
C ARG A 323 51.47 8.49 -0.50
N ASN A 324 52.15 7.63 0.24
CA ASN A 324 52.33 6.25 -0.17
C ASN A 324 51.03 5.45 -0.08
N LEU A 325 50.19 5.80 0.88
CA LEU A 325 48.89 5.15 1.03
C LEU A 325 47.92 5.63 -0.05
N PHE A 326 48.03 6.91 -0.40
CA PHE A 326 47.16 7.50 -1.41
C PHE A 326 47.47 6.94 -2.79
N HIS A 327 48.73 6.65 -3.04
CA HIS A 327 49.16 6.15 -4.34
C HIS A 327 48.62 4.76 -4.62
N SER A 328 48.47 3.96 -3.57
CA SER A 328 48.09 2.56 -3.72
C SER A 328 46.58 2.34 -3.73
N PHE A 329 45.82 3.28 -3.17
CA PHE A 329 44.40 3.02 -2.93
C PHE A 329 43.44 4.11 -3.43
N HIS A 330 43.95 5.18 -4.02
CA HIS A 330 43.09 6.27 -4.44
C HIS A 330 42.29 5.91 -5.69
N VAL A 331 41.00 6.26 -5.68
CA VAL A 331 40.12 6.02 -6.82
C VAL A 331 39.22 7.22 -7.08
N ASN A 332 38.89 7.46 -8.35
CA ASN A 332 38.08 8.61 -8.72
C ASN A 332 36.93 8.25 -9.68
N PRO A 333 36.01 7.39 -9.22
CA PRO A 333 34.86 6.99 -10.04
C PRO A 333 33.89 8.15 -10.29
N GLU A 334 32.93 7.94 -11.19
CA GLU A 334 31.95 8.97 -11.53
C GLU A 334 31.12 9.38 -10.32
N TYR A 335 30.55 8.40 -9.64
CA TYR A 335 29.90 8.64 -8.36
C TYR A 335 30.98 8.99 -7.33
N LEU A 336 30.56 9.51 -6.19
CA LEU A 336 31.50 9.97 -5.17
C LEU A 336 32.27 11.19 -5.66
N LYS A 337 31.78 11.82 -6.72
CA LYS A 337 32.42 13.03 -7.25
C LYS A 337 31.99 14.23 -6.41
N ASP A 338 30.83 14.14 -5.79
CA ASP A 338 30.36 15.17 -4.87
C ASP A 338 30.97 14.94 -3.49
N LEU A 339 31.78 13.90 -3.38
CA LEU A 339 32.47 13.57 -2.14
C LEU A 339 33.99 13.69 -2.34
N GLU A 340 34.38 14.55 -3.27
CA GLU A 340 35.79 14.76 -3.59
C GLU A 340 36.40 13.50 -4.22
N ASP A 344 45.24 16.47 -0.38
CA ASP A 344 44.31 17.39 0.26
C ASP A 344 43.66 16.75 1.48
N ASN A 345 42.37 17.00 1.67
CA ASN A 345 41.62 16.37 2.74
C ASN A 345 41.18 14.97 2.30
N VAL A 346 42.00 13.98 2.61
CA VAL A 346 41.82 12.63 2.10
C VAL A 346 40.65 11.88 2.73
N ASN A 347 39.89 11.18 1.89
CA ASN A 347 38.89 10.24 2.37
C ASN A 347 39.55 8.92 2.72
N THR A 348 39.07 8.25 3.76
CA THR A 348 39.69 7.02 4.23
C THR A 348 39.63 5.91 3.18
N TRP A 349 38.72 6.05 2.23
CA TRP A 349 38.63 5.05 1.15
C TRP A 349 39.74 5.26 0.13
N ASP A 350 40.30 6.47 0.11
CA ASP A 350 41.38 6.80 -0.81
C ASP A 350 42.72 6.25 -0.32
N ILE A 351 42.76 5.84 0.94
CA ILE A 351 43.98 5.27 1.51
C ILE A 351 43.79 3.81 1.87
N GLY A 352 42.75 3.21 1.31
CA GLY A 352 42.56 1.76 1.31
C GLY A 352 42.39 1.05 2.64
N MET A 353 41.98 -0.21 2.56
CA MET A 353 41.67 -0.82 1.27
C MET A 353 40.19 -1.15 1.17
N GLU A 354 39.40 -0.59 2.09
CA GLU A 354 37.95 -0.73 2.06
C GLU A 354 37.30 0.61 1.75
N LEU A 355 36.02 0.57 1.40
CA LEU A 355 35.30 1.78 1.01
C LEU A 355 34.27 2.15 2.07
N THR A 356 33.40 1.21 2.42
CA THR A 356 32.47 1.42 3.52
C THR A 356 33.08 0.91 4.82
N ARG A 357 33.05 1.77 5.84
CA ARG A 357 33.69 1.46 7.10
C ARG A 357 32.89 2.03 8.27
N PRO A 358 32.84 1.29 9.39
CA PRO A 358 32.30 1.90 10.61
C PRO A 358 33.37 2.73 11.31
N ALA A 359 32.96 3.71 12.10
CA ALA A 359 33.93 4.56 12.80
C ALA A 359 34.65 3.74 13.87
N ARG A 360 35.54 2.87 13.44
CA ARG A 360 36.24 1.95 14.34
C ARG A 360 37.06 2.70 15.39
N GLY A 361 37.65 3.82 14.98
CA GLY A 361 38.55 4.56 15.84
C GLY A 361 37.85 5.34 16.93
N LEU A 362 36.55 5.55 16.78
CA LEU A 362 35.79 6.36 17.73
C LEU A 362 35.78 5.74 19.14
N LYS A 363 35.65 4.42 19.22
CA LYS A 363 35.62 3.74 20.50
C LYS A 363 36.98 3.82 21.20
N LEU A 364 38.04 3.98 20.41
CA LEU A 364 39.38 4.14 20.97
C LEU A 364 39.53 5.54 21.54
N TRP A 365 38.90 6.51 20.88
CA TRP A 365 38.88 7.89 21.36
C TRP A 365 38.17 7.98 22.71
N LEU A 366 37.00 7.36 22.80
CA LEU A 366 36.21 7.36 24.02
C LEU A 366 37.01 6.81 25.21
N THR A 367 37.74 5.73 24.95
CA THR A 367 38.55 5.10 26.00
C THR A 367 39.70 6.01 26.43
N LEU A 368 40.35 6.64 25.48
CA LEU A 368 41.47 7.54 25.76
C LEU A 368 41.04 8.76 26.55
N GLN A 369 39.82 9.25 26.29
CA GLN A 369 39.31 10.43 26.96
C GLN A 369 38.83 10.11 28.37
N VAL A 370 38.14 8.98 28.51
CA VAL A 370 37.58 8.59 29.79
C VAL A 370 38.63 8.06 30.77
N LEU A 371 39.56 7.26 30.26
CA LEU A 371 40.57 6.64 31.10
C LEU A 371 41.84 7.48 31.19
N GLY A 372 42.22 8.10 30.07
CA GLY A 372 43.44 8.89 30.01
C GLY A 372 44.64 8.06 29.58
N SER A 373 45.64 8.74 29.02
CA SER A 373 46.82 8.06 28.49
C SER A 373 47.72 7.53 29.61
N ASP A 374 47.67 8.18 30.77
CA ASP A 374 48.49 7.77 31.91
C ASP A 374 48.05 6.42 32.47
N LEU A 375 46.75 6.27 32.69
CA LEU A 375 46.20 5.03 33.24
C LEU A 375 46.42 3.85 32.29
N ILE A 376 46.24 4.11 30.99
CA ILE A 376 46.43 3.08 29.98
C ILE A 376 47.89 2.62 29.92
N GLY A 377 48.80 3.56 30.09
CA GLY A 377 50.22 3.25 30.13
C GLY A 377 50.55 2.33 31.29
N SER A 378 49.94 2.61 32.44
CA SER A 378 50.18 1.83 33.65
C SER A 378 49.55 0.44 33.55
N ALA A 379 48.39 0.35 32.92
CA ALA A 379 47.71 -0.92 32.73
C ALA A 379 48.53 -1.84 31.85
N ILE A 380 49.27 -1.26 30.91
CA ILE A 380 50.17 -2.02 30.07
C ILE A 380 51.36 -2.50 30.89
N GLU A 381 51.88 -1.62 31.73
CA GLU A 381 53.01 -1.96 32.61
C GLU A 381 52.64 -3.06 33.58
N HIS A 382 51.37 -3.13 33.94
CA HIS A 382 50.87 -4.19 34.81
C HIS A 382 51.01 -5.55 34.12
N GLY A 383 50.91 -5.53 32.79
CA GLY A 383 51.06 -6.74 32.00
C GLY A 383 52.46 -7.31 32.12
N PHE A 384 53.46 -6.43 32.04
CA PHE A 384 54.85 -6.82 32.24
C PHE A 384 55.03 -7.50 33.59
N GLN A 385 54.42 -6.91 34.62
CA GLN A 385 54.56 -7.38 35.99
C GLN A 385 53.95 -8.76 36.21
N LEU A 386 52.82 -9.03 35.54
CA LEU A 386 52.14 -10.31 35.68
C LEU A 386 52.99 -11.47 35.18
N ALA A 387 53.73 -11.25 34.10
CA ALA A 387 54.56 -12.29 33.53
C ALA A 387 55.78 -12.52 34.42
N VAL A 388 56.31 -11.44 34.99
CA VAL A 388 57.43 -11.53 35.90
C VAL A 388 57.06 -12.31 37.15
N TRP A 389 55.84 -12.08 37.64
CA TRP A 389 55.33 -12.81 38.80
C TRP A 389 55.21 -14.30 38.49
N ALA A 390 54.83 -14.61 37.25
CA ALA A 390 54.73 -15.99 36.80
C ALA A 390 56.11 -16.65 36.76
N GLU A 391 57.11 -15.90 36.33
CA GLU A 391 58.46 -16.42 36.24
C GLU A 391 59.07 -16.62 37.63
N GLU A 392 58.79 -15.66 38.51
CA GLU A 392 59.29 -15.71 39.88
C GLU A 392 58.72 -16.91 40.64
N ALA A 393 57.52 -17.32 40.28
CA ALA A 393 56.86 -18.45 40.91
C ALA A 393 57.37 -19.79 40.34
N LEU A 394 57.99 -19.72 39.17
CA LEU A 394 58.48 -20.92 38.50
C LEU A 394 59.92 -21.27 38.90
N ASN A 395 60.71 -20.24 39.19
CA ASN A 395 62.13 -20.42 39.49
C ASN A 395 62.44 -21.45 40.58
N PRO A 396 61.72 -21.36 41.72
CA PRO A 396 62.02 -22.29 42.82
C PRO A 396 61.49 -23.70 42.59
N LYS A 397 60.50 -23.85 41.72
CA LYS A 397 59.89 -25.15 41.48
C LYS A 397 60.81 -26.06 40.68
N LYS A 398 60.92 -27.31 41.13
CA LYS A 398 61.83 -28.28 40.52
C LYS A 398 61.35 -28.80 39.18
N ASP A 399 62.30 -29.10 38.30
CA ASP A 399 62.01 -29.67 36.99
C ASP A 399 61.21 -28.72 36.09
N TRP A 400 61.06 -27.48 36.52
CA TRP A 400 60.40 -26.47 35.70
C TRP A 400 61.43 -25.62 34.96
N GLU A 401 61.33 -25.64 33.63
CA GLU A 401 62.33 -25.04 32.75
C GLU A 401 61.80 -23.79 32.06
N ILE A 402 62.56 -22.70 32.12
CA ILE A 402 62.19 -21.48 31.41
C ILE A 402 62.81 -21.46 30.01
N VAL A 403 61.98 -21.65 28.99
CA VAL A 403 62.44 -21.66 27.61
C VAL A 403 62.62 -20.23 27.11
N SER A 404 61.69 -19.36 27.47
CA SER A 404 61.81 -17.94 27.20
C SER A 404 61.41 -17.14 28.43
N PRO A 405 62.31 -16.27 28.91
CA PRO A 405 62.07 -15.49 30.14
C PRO A 405 60.89 -14.54 30.00
N ALA A 406 60.43 -14.00 31.13
CA ALA A 406 59.33 -13.04 31.13
C ALA A 406 59.68 -11.84 30.25
N GLN A 407 59.02 -11.75 29.10
CA GLN A 407 59.37 -10.75 28.11
C GLN A 407 58.12 -10.10 27.53
N MET A 408 57.91 -8.83 27.87
CA MET A 408 56.77 -8.07 27.38
C MET A 408 55.45 -8.78 27.70
N ALA A 409 55.22 -9.01 29.00
CA ALA A 409 54.00 -9.66 29.46
C ALA A 409 53.84 -11.07 28.89
N MET A 410 54.96 -11.67 28.49
CA MET A 410 54.93 -12.95 27.80
C MET A 410 56.03 -13.88 28.32
N ILE A 411 55.72 -15.17 28.46
CA ILE A 411 56.68 -16.14 28.96
C ILE A 411 56.39 -17.56 28.52
N ASN A 412 57.44 -18.30 28.17
CA ASN A 412 57.30 -19.69 27.74
C ASN A 412 58.10 -20.63 28.64
N PHE A 413 57.46 -21.74 29.03
CA PHE A 413 58.06 -22.66 30.00
C PHE A 413 57.53 -24.08 29.83
N ARG A 414 58.27 -25.04 30.37
CA ARG A 414 57.85 -26.45 30.30
C ARG A 414 58.25 -27.21 31.57
N TYR A 415 57.49 -28.26 31.87
CA TYR A 415 57.83 -29.16 32.96
C TYR A 415 58.58 -30.35 32.38
N ALA A 416 59.86 -30.48 32.73
CA ALA A 416 60.70 -31.49 32.10
C ALA A 416 61.54 -32.29 33.09
N PRO A 417 60.96 -33.35 33.67
CA PRO A 417 61.75 -34.30 34.47
C PRO A 417 62.76 -35.03 33.59
N LYS A 418 64.00 -35.16 34.06
CA LYS A 418 65.10 -35.64 33.23
C LYS A 418 65.01 -37.13 32.88
N ASP A 419 64.31 -37.90 33.71
CA ASP A 419 64.20 -39.34 33.47
C ASP A 419 63.12 -39.66 32.42
N LEU A 420 62.82 -38.67 31.59
CA LEU A 420 61.82 -38.83 30.54
C LEU A 420 62.44 -38.58 29.16
N THR A 421 61.85 -39.20 28.14
CA THR A 421 62.29 -39.01 26.76
C THR A 421 61.75 -37.71 26.18
N LYS A 422 62.31 -37.30 25.05
CA LYS A 422 61.92 -36.05 24.40
C LYS A 422 60.44 -36.07 24.04
N GLU A 423 59.98 -37.21 23.52
CA GLU A 423 58.58 -37.40 23.18
C GLU A 423 57.67 -37.33 24.40
N GLU A 424 58.12 -37.95 25.49
CA GLU A 424 57.34 -37.99 26.73
C GLU A 424 57.21 -36.60 27.36
N GLN A 425 58.27 -35.80 27.28
CA GLN A 425 58.25 -34.45 27.82
C GLN A 425 57.23 -33.59 27.09
N ASP A 426 57.13 -33.78 25.78
CA ASP A 426 56.16 -33.05 24.97
C ASP A 426 54.74 -33.44 25.33
N ILE A 427 54.48 -34.74 25.38
CA ILE A 427 53.17 -35.26 25.76
C ILE A 427 52.78 -34.79 27.16
N LEU A 428 53.75 -34.75 28.05
CA LEU A 428 53.53 -34.32 29.43
C LEU A 428 52.98 -32.91 29.51
N ASN A 429 53.71 -31.96 28.94
CA ASN A 429 53.28 -30.56 28.94
C ASN A 429 51.95 -30.36 28.23
N GLU A 430 51.66 -31.22 27.26
CA GLU A 430 50.38 -31.16 26.56
C GLU A 430 49.24 -31.57 27.48
N LYS A 431 49.48 -32.62 28.28
CA LYS A 431 48.48 -33.09 29.23
C LYS A 431 48.28 -32.08 30.35
N ILE A 432 49.36 -31.37 30.71
CA ILE A 432 49.29 -30.34 31.72
C ILE A 432 48.39 -29.18 31.28
N SER A 433 48.52 -28.79 30.02
CA SER A 433 47.67 -27.75 29.45
C SER A 433 46.21 -28.20 29.43
N HIS A 434 46.00 -29.41 28.92
CA HIS A 434 44.69 -30.04 28.89
C HIS A 434 44.05 -30.08 30.28
N ARG A 435 44.84 -30.42 31.30
CA ARG A 435 44.33 -30.57 32.66
C ARG A 435 43.83 -29.25 33.25
N ILE A 436 44.60 -28.18 33.07
CA ILE A 436 44.25 -26.88 33.65
C ILE A 436 43.13 -26.20 32.85
N LEU A 437 42.99 -26.56 31.58
CA LEU A 437 41.92 -26.02 30.75
C LEU A 437 40.57 -26.52 31.23
N GLU A 438 40.53 -27.81 31.52
CA GLU A 438 39.32 -28.48 31.97
C GLU A 438 39.03 -28.22 33.46
N SER A 439 40.04 -27.75 34.19
CA SER A 439 39.85 -27.36 35.58
C SER A 439 39.02 -26.09 35.67
N GLY A 440 39.16 -25.23 34.66
CA GLY A 440 38.41 -24.00 34.57
C GLY A 440 39.03 -22.81 35.29
N TYR A 441 40.17 -23.04 35.94
CA TYR A 441 40.82 -21.96 36.69
C TYR A 441 41.54 -20.99 35.75
N ALA A 442 42.13 -21.52 34.68
CA ALA A 442 42.88 -20.70 33.75
C ALA A 442 42.87 -21.29 32.35
N ALA A 443 43.22 -20.47 31.36
CA ALA A 443 43.33 -20.92 29.98
C ALA A 443 44.78 -20.84 29.52
N ILE A 444 45.42 -21.99 29.40
CA ILE A 444 46.80 -22.06 28.93
C ILE A 444 46.97 -23.14 27.88
N PHE A 445 47.37 -22.73 26.69
CA PHE A 445 47.58 -23.66 25.59
C PHE A 445 49.07 -23.86 25.34
N THR A 446 49.40 -24.75 24.41
CA THR A 446 50.79 -25.05 24.11
C THR A 446 51.24 -24.44 22.78
N THR A 447 52.55 -24.30 22.63
CA THR A 447 53.16 -23.90 21.37
C THR A 447 54.45 -24.67 21.22
N VAL A 448 55.11 -24.54 20.08
CA VAL A 448 56.37 -25.22 19.86
C VAL A 448 57.52 -24.23 19.80
N LEU A 449 58.60 -24.54 20.51
CA LEU A 449 59.74 -23.64 20.60
C LEU A 449 61.04 -24.42 20.70
N ASN A 450 61.94 -24.18 19.74
CA ASN A 450 63.19 -24.91 19.67
C ASN A 450 63.00 -26.43 19.62
N GLY A 451 61.95 -26.87 18.95
CA GLY A 451 61.67 -28.28 18.79
C GLY A 451 61.09 -28.93 20.04
N LYS A 452 60.55 -28.11 20.94
CA LYS A 452 59.96 -28.62 22.16
C LYS A 452 58.57 -28.05 22.39
N THR A 453 57.63 -28.92 22.78
CA THR A 453 56.29 -28.49 23.14
C THR A 453 56.33 -27.72 24.45
N VAL A 454 55.78 -26.51 24.45
CA VAL A 454 55.98 -25.60 25.58
C VAL A 454 54.68 -24.93 26.02
N LEU A 455 54.54 -24.73 27.32
CA LEU A 455 53.43 -23.95 27.87
C LEU A 455 53.74 -22.47 27.78
N ARG A 456 52.74 -21.67 27.42
CA ARG A 456 52.94 -20.24 27.22
C ARG A 456 51.95 -19.41 28.03
N ILE A 457 52.44 -18.30 28.59
CA ILE A 457 51.59 -17.39 29.34
C ILE A 457 51.70 -15.96 28.83
N CYS A 458 50.55 -15.39 28.48
CA CYS A 458 50.47 -13.97 28.12
C CYS A 458 49.40 -13.30 28.98
N ALA A 459 49.85 -12.52 29.98
CA ALA A 459 48.93 -11.88 30.91
C ALA A 459 48.97 -10.37 30.78
N ILE A 460 47.85 -9.78 30.37
CA ILE A 460 47.78 -8.35 30.13
C ILE A 460 46.51 -7.75 30.74
N HIS A 461 45.78 -8.54 31.52
CA HIS A 461 44.57 -8.07 32.17
C HIS A 461 44.91 -7.24 33.40
N PRO A 462 44.42 -5.99 33.45
CA PRO A 462 44.71 -5.04 34.53
C PRO A 462 44.20 -5.50 35.90
N GLU A 463 43.18 -6.34 35.93
CA GLU A 463 42.60 -6.78 37.19
C GLU A 463 43.06 -8.18 37.60
N ALA A 464 44.16 -8.63 37.03
CA ALA A 464 44.75 -9.91 37.41
C ALA A 464 45.76 -9.67 38.53
N THR A 465 45.77 -10.55 39.52
CA THR A 465 46.58 -10.34 40.71
C THR A 465 47.76 -11.30 40.80
N GLN A 466 48.64 -11.03 41.76
CA GLN A 466 49.81 -11.86 42.02
C GLN A 466 49.42 -13.30 42.33
N GLU A 467 48.33 -13.47 43.08
CA GLU A 467 47.85 -14.80 43.45
C GLU A 467 47.42 -15.60 42.25
N ASP A 468 46.73 -14.93 41.33
CA ASP A 468 46.28 -15.53 40.08
C ASP A 468 47.44 -16.21 39.37
N MET A 469 48.57 -15.52 39.29
CA MET A 469 49.76 -16.06 38.63
C MET A 469 50.39 -17.13 39.50
N GLN A 470 50.43 -16.87 40.81
CA GLN A 470 51.03 -17.80 41.76
C GLN A 470 50.22 -19.09 41.86
N HIS A 471 48.90 -18.95 41.98
CA HIS A 471 48.03 -20.12 42.12
C HIS A 471 47.99 -20.92 40.84
N THR A 472 48.11 -20.23 39.70
CA THR A 472 48.11 -20.88 38.40
C THR A 472 49.34 -21.77 38.25
N ILE A 473 50.50 -21.21 38.59
CA ILE A 473 51.75 -21.96 38.55
C ILE A 473 51.72 -23.13 39.54
N ASP A 474 51.19 -22.88 40.73
CA ASP A 474 51.05 -23.91 41.75
C ASP A 474 50.17 -25.05 41.26
N LEU A 475 49.12 -24.72 40.53
CA LEU A 475 48.20 -25.72 39.99
C LEU A 475 48.86 -26.53 38.88
N LEU A 476 49.67 -25.85 38.08
CA LEU A 476 50.38 -26.49 36.98
C LEU A 476 51.40 -27.50 37.51
N ASP A 477 52.11 -27.12 38.57
CA ASP A 477 53.11 -27.99 39.18
C ASP A 477 52.45 -29.25 39.73
N GLN A 478 51.26 -29.08 40.33
CA GLN A 478 50.50 -30.22 40.84
C GLN A 478 50.13 -31.20 39.72
N TYR A 479 49.54 -30.66 38.66
CA TYR A 479 49.14 -31.45 37.51
C TYR A 479 50.37 -32.14 36.91
N GLY A 480 51.50 -31.43 36.97
CA GLY A 480 52.75 -31.95 36.44
C GLY A 480 53.22 -33.16 37.20
N ARG A 481 53.23 -33.06 38.53
CA ARG A 481 53.74 -34.13 39.38
C ARG A 481 52.79 -35.32 39.45
N GLU A 482 51.54 -35.10 39.07
CA GLU A 482 50.55 -36.18 39.06
C GLU A 482 50.68 -37.03 37.81
N ILE A 483 50.81 -36.37 36.66
CA ILE A 483 50.93 -37.05 35.38
C ILE A 483 52.27 -37.76 35.26
N TYR A 484 53.30 -37.17 35.87
CA TYR A 484 54.62 -37.79 35.90
C TYR A 484 54.56 -39.12 36.63
N THR A 485 53.71 -39.20 37.64
CA THR A 485 53.53 -40.41 38.43
C THR A 485 52.77 -41.48 37.65
N GLU A 486 51.79 -41.04 36.86
CA GLU A 486 51.00 -41.94 36.03
C GLU A 486 51.90 -42.69 35.05
N MET A 487 52.94 -42.00 34.58
CA MET A 487 53.90 -42.59 33.66
C MET A 487 55.06 -43.23 34.41
N THR B 16 -7.39 14.83 -11.86
CA THR B 16 -6.21 15.64 -12.19
C THR B 16 -6.53 17.13 -12.12
N GLU B 17 -6.16 17.85 -13.17
CA GLU B 17 -6.41 19.29 -13.24
C GLU B 17 -7.90 19.59 -13.37
N TYR B 18 -8.62 18.69 -14.01
CA TYR B 18 -10.06 18.85 -14.20
C TYR B 18 -10.83 18.55 -12.92
N ILE B 19 -10.18 17.84 -12.01
CA ILE B 19 -10.80 17.48 -10.74
C ILE B 19 -11.02 18.71 -9.86
N LEU B 20 -12.19 18.78 -9.24
CA LEU B 20 -12.53 19.90 -8.37
C LEU B 20 -12.12 19.62 -6.92
N ASN B 21 -11.28 20.47 -6.36
CA ASN B 21 -10.82 20.32 -4.99
C ASN B 21 -11.95 20.52 -3.98
N SER B 22 -11.58 20.62 -2.70
CA SER B 22 -12.56 20.81 -1.64
C SER B 22 -12.98 22.28 -1.54
N THR B 23 -12.08 23.17 -1.94
CA THR B 23 -12.35 24.61 -1.89
C THR B 23 -13.13 25.05 -3.12
N GLN B 24 -12.79 24.46 -4.27
CA GLN B 24 -13.51 24.75 -5.50
C GLN B 24 -14.93 24.21 -5.43
N LEU B 25 -15.07 23.02 -4.87
CA LEU B 25 -16.38 22.38 -4.69
C LEU B 25 -17.31 23.19 -3.80
N GLU B 26 -16.84 23.51 -2.60
CA GLU B 26 -17.65 24.19 -1.60
C GLU B 26 -18.18 25.54 -2.06
N GLU B 27 -17.40 26.27 -2.85
CA GLU B 27 -17.82 27.58 -3.34
C GLU B 27 -18.79 27.48 -4.51
N ALA B 28 -18.56 26.49 -5.37
CA ALA B 28 -19.43 26.25 -6.51
C ALA B 28 -20.85 25.92 -6.05
N ILE B 29 -20.95 25.14 -4.98
CA ILE B 29 -22.24 24.79 -4.39
C ILE B 29 -22.93 26.00 -3.80
N LYS B 30 -22.23 26.71 -2.92
CA LYS B 30 -22.77 27.92 -2.28
C LYS B 30 -23.15 29.00 -3.29
N SER B 31 -22.34 29.12 -4.35
CA SER B 31 -22.58 30.07 -5.43
C SER B 31 -23.92 29.80 -6.07
N PHE B 32 -24.22 28.53 -6.32
CA PHE B 32 -25.48 28.12 -6.90
C PHE B 32 -26.62 28.32 -5.90
N VAL B 33 -26.41 27.83 -4.68
CA VAL B 33 -27.40 27.96 -3.62
C VAL B 33 -27.78 29.42 -3.41
N HIS B 34 -26.79 30.30 -3.49
CA HIS B 34 -27.01 31.73 -3.32
C HIS B 34 -27.83 32.30 -4.48
N ASP B 35 -27.41 31.98 -5.70
CA ASP B 35 -28.06 32.50 -6.90
C ASP B 35 -29.48 31.94 -7.06
N PHE B 36 -29.70 30.72 -6.59
CA PHE B 36 -31.01 30.08 -6.73
C PHE B 36 -32.01 30.63 -5.71
N CYS B 37 -31.59 30.71 -4.44
CA CYS B 37 -32.46 31.18 -3.38
C CYS B 37 -33.03 32.57 -3.67
N ALA B 38 -32.19 33.45 -4.21
CA ALA B 38 -32.62 34.78 -4.60
C ALA B 38 -33.66 34.74 -5.71
N GLU B 39 -33.39 33.91 -6.72
CA GLU B 39 -34.28 33.78 -7.87
C GLU B 39 -35.64 33.21 -7.44
N LYS B 40 -35.61 32.22 -6.56
CA LYS B 40 -36.83 31.55 -6.13
C LYS B 40 -37.60 32.42 -5.13
N HIS B 41 -36.90 33.37 -4.54
CA HIS B 41 -37.52 34.28 -3.57
C HIS B 41 -38.53 35.19 -4.25
N GLU B 42 -38.33 35.41 -5.55
CA GLU B 42 -39.17 36.30 -6.33
C GLU B 42 -40.13 35.50 -7.22
N ILE B 43 -40.51 34.32 -6.77
CA ILE B 43 -41.27 33.37 -7.58
C ILE B 43 -42.70 33.84 -7.90
N HIS B 44 -43.31 34.56 -6.96
CA HIS B 44 -44.68 35.03 -7.15
C HIS B 44 -44.78 36.07 -8.26
N ASP B 45 -43.64 36.53 -8.73
CA ASP B 45 -43.57 37.55 -9.78
C ASP B 45 -42.81 37.00 -10.97
N GLN B 46 -42.96 35.71 -11.22
CA GLN B 46 -42.26 35.05 -12.31
C GLN B 46 -43.23 34.26 -13.17
N PRO B 47 -42.99 34.24 -14.50
CA PRO B 47 -43.85 33.48 -15.42
C PRO B 47 -43.86 32.00 -15.07
N VAL B 48 -45.06 31.40 -15.01
CA VAL B 48 -45.19 30.00 -14.65
C VAL B 48 -44.57 29.12 -15.73
N VAL B 49 -44.75 29.52 -16.99
CA VAL B 49 -44.17 28.80 -18.12
C VAL B 49 -43.23 29.71 -18.90
N VAL B 50 -41.98 29.28 -19.07
CA VAL B 50 -41.00 30.02 -19.85
C VAL B 50 -40.67 29.31 -21.16
N GLU B 51 -41.21 29.83 -22.25
CA GLU B 51 -41.05 29.21 -23.57
C GLU B 51 -39.61 29.26 -24.07
N ALA B 52 -39.17 28.15 -24.66
CA ALA B 52 -37.87 28.09 -25.31
C ALA B 52 -37.97 28.55 -26.76
N LYS B 53 -36.96 29.26 -27.24
CA LYS B 53 -36.97 29.75 -28.61
C LYS B 53 -36.87 28.61 -29.61
N GLU B 54 -37.02 28.94 -30.89
CA GLU B 54 -37.10 27.95 -31.94
C GLU B 54 -35.78 27.25 -32.26
N HIS B 55 -34.66 27.87 -31.89
CA HIS B 55 -33.35 27.34 -32.25
C HIS B 55 -32.62 26.83 -31.00
N GLN B 56 -33.36 26.65 -29.91
CA GLN B 56 -32.76 26.32 -28.63
C GLN B 56 -32.34 24.86 -28.54
N GLU B 57 -33.07 23.99 -29.23
CA GLU B 57 -32.73 22.57 -29.25
C GLU B 57 -31.41 22.35 -29.98
N ASP B 58 -31.22 23.10 -31.06
CA ASP B 58 -30.01 22.99 -31.87
C ASP B 58 -28.82 23.60 -31.15
N LYS B 59 -29.10 24.57 -30.28
CA LYS B 59 -28.05 25.19 -29.47
C LYS B 59 -27.44 24.17 -28.52
N ILE B 60 -28.28 23.30 -27.99
CA ILE B 60 -27.85 22.27 -27.05
C ILE B 60 -27.12 21.13 -27.75
N LYS B 61 -27.61 20.75 -28.92
CA LYS B 61 -27.03 19.64 -29.67
C LYS B 61 -25.61 19.92 -30.16
N GLN B 62 -25.20 21.18 -30.09
CA GLN B 62 -23.89 21.58 -30.58
C GLN B 62 -22.83 21.48 -29.49
N ILE B 63 -23.26 21.30 -28.25
CA ILE B 63 -22.34 21.21 -27.13
C ILE B 63 -21.53 19.91 -27.08
N LYS B 64 -22.17 18.78 -27.40
CA LYS B 64 -21.48 17.48 -27.39
C LYS B 64 -20.91 17.07 -26.04
N ILE B 65 -20.46 15.82 -25.97
CA ILE B 65 -19.77 15.30 -24.79
C ILE B 65 -18.27 15.43 -25.01
N PRO B 66 -17.62 16.30 -24.24
CA PRO B 66 -16.21 16.64 -24.43
C PRO B 66 -15.25 15.56 -23.91
N GLU B 67 -14.10 15.42 -24.57
CA GLU B 67 -13.06 14.51 -24.11
C GLU B 67 -12.28 15.14 -22.97
N LYS B 68 -12.05 16.45 -23.08
CA LYS B 68 -11.39 17.20 -22.03
C LYS B 68 -12.42 17.96 -21.20
N GLY B 69 -12.13 18.12 -19.91
CA GLY B 69 -13.05 18.77 -19.00
C GLY B 69 -13.28 20.24 -19.27
N ARG B 70 -14.26 20.81 -18.57
CA ARG B 70 -14.60 22.21 -18.71
C ARG B 70 -14.70 22.87 -17.34
N PRO B 71 -14.49 24.19 -17.27
CA PRO B 71 -14.62 24.95 -16.01
C PRO B 71 -15.98 24.76 -15.36
N VAL B 72 -15.97 24.37 -14.08
CA VAL B 72 -17.20 24.00 -13.38
C VAL B 72 -18.25 25.11 -13.37
N ASN B 73 -17.84 26.32 -13.01
CA ASN B 73 -18.77 27.43 -12.92
C ASN B 73 -19.27 27.87 -14.30
N GLU B 74 -18.56 27.46 -15.34
CA GLU B 74 -18.97 27.74 -16.71
C GLU B 74 -20.08 26.79 -17.16
N VAL B 75 -19.94 25.52 -16.79
CA VAL B 75 -20.93 24.50 -17.13
C VAL B 75 -22.22 24.72 -16.34
N VAL B 76 -22.08 25.07 -15.08
CA VAL B 76 -23.22 25.35 -14.22
C VAL B 76 -24.11 26.46 -14.80
N SER B 77 -23.48 27.56 -15.20
CA SER B 77 -24.21 28.68 -15.79
C SER B 77 -24.86 28.27 -17.11
N GLU B 78 -24.20 27.38 -17.84
CA GLU B 78 -24.72 26.90 -19.11
C GLU B 78 -26.04 26.16 -18.92
N MET B 79 -26.13 25.38 -17.84
CA MET B 79 -27.34 24.62 -17.54
C MET B 79 -28.45 25.50 -16.99
N MET B 80 -28.08 26.49 -16.20
CA MET B 80 -29.05 27.41 -15.62
C MET B 80 -29.70 28.29 -16.69
N ASN B 81 -28.93 28.63 -17.72
CA ASN B 81 -29.39 29.57 -18.73
C ASN B 81 -29.94 28.92 -19.99
N GLU B 82 -29.56 27.67 -20.24
CA GLU B 82 -29.93 27.01 -21.49
C GLU B 82 -30.70 25.72 -21.29
N VAL B 83 -30.85 25.29 -20.04
CA VAL B 83 -31.56 24.04 -19.76
C VAL B 83 -32.65 24.20 -18.71
N TYR B 84 -32.27 24.55 -17.48
CA TYR B 84 -33.23 24.65 -16.38
C TYR B 84 -34.24 25.78 -16.54
N ARG B 85 -33.86 26.83 -17.26
CA ARG B 85 -34.69 28.01 -17.37
C ARG B 85 -36.00 27.76 -18.11
N TYR B 86 -35.93 27.00 -19.20
CA TYR B 86 -37.11 26.75 -20.03
C TYR B 86 -37.91 25.57 -19.50
N ARG B 87 -39.00 25.87 -18.78
CA ARG B 87 -39.76 24.84 -18.09
C ARG B 87 -41.17 25.29 -17.73
N GLY B 88 -41.99 24.33 -17.30
CA GLY B 88 -43.26 24.63 -16.67
C GLY B 88 -43.13 24.39 -15.19
N ASP B 89 -42.75 25.42 -14.46
CA ASP B 89 -42.44 25.30 -13.03
C ASP B 89 -43.63 24.85 -12.20
N ALA B 90 -43.59 23.62 -11.74
CA ALA B 90 -44.66 23.07 -10.91
C ALA B 90 -44.48 23.48 -9.46
N ASN B 91 -43.41 24.19 -9.16
CA ASN B 91 -43.20 24.75 -7.83
C ASN B 91 -43.89 26.10 -7.70
N HIS B 92 -44.30 26.66 -8.83
CA HIS B 92 -44.97 27.95 -8.84
C HIS B 92 -46.37 27.83 -8.24
N PRO B 93 -46.73 28.78 -7.36
CA PRO B 93 -48.03 28.79 -6.68
C PRO B 93 -49.21 28.91 -7.65
N ARG B 94 -48.95 29.31 -8.89
CA ARG B 94 -50.01 29.40 -9.88
C ARG B 94 -49.86 28.38 -10.99
N PHE B 95 -49.20 27.26 -10.67
CA PHE B 95 -49.19 26.10 -11.54
C PHE B 95 -50.35 25.19 -11.12
N PHE B 96 -51.42 25.19 -11.92
CA PHE B 96 -52.65 24.51 -11.54
C PHE B 96 -52.96 23.28 -12.38
N SER B 97 -51.96 22.77 -13.10
CA SER B 97 -52.18 21.68 -14.04
C SER B 97 -51.75 20.32 -13.49
N PHE B 98 -52.42 19.27 -13.97
CA PHE B 98 -52.12 17.91 -13.55
C PHE B 98 -52.13 17.78 -12.03
N VAL B 99 -51.01 17.32 -11.47
CA VAL B 99 -50.79 17.40 -10.03
C VAL B 99 -49.48 18.13 -9.79
N PRO B 100 -49.56 19.39 -9.36
CA PRO B 100 -48.38 20.25 -9.19
C PRO B 100 -47.42 19.71 -8.14
N GLY B 101 -46.18 20.19 -8.18
CA GLY B 101 -45.17 19.77 -7.23
C GLY B 101 -44.64 20.92 -6.39
N PRO B 102 -45.45 21.39 -5.44
CA PRO B 102 -45.08 22.46 -4.51
C PRO B 102 -44.17 21.94 -3.40
N ALA B 103 -42.96 21.51 -3.76
CA ALA B 103 -42.04 20.92 -2.80
C ALA B 103 -41.54 21.95 -1.78
N SER B 104 -41.54 21.55 -0.51
CA SER B 104 -41.00 22.40 0.55
C SER B 104 -39.50 22.59 0.36
N SER B 105 -38.98 23.71 0.86
CA SER B 105 -37.55 23.98 0.78
C SER B 105 -36.78 23.04 1.70
N VAL B 106 -37.44 22.58 2.76
CA VAL B 106 -36.84 21.63 3.68
C VAL B 106 -36.60 20.30 2.98
N SER B 107 -37.49 19.95 2.06
CA SER B 107 -37.35 18.73 1.27
C SER B 107 -36.09 18.83 0.41
N TRP B 108 -35.87 20.00 -0.17
CA TRP B 108 -34.67 20.27 -0.96
C TRP B 108 -33.41 20.07 -0.12
N LEU B 109 -33.46 20.55 1.12
CA LEU B 109 -32.35 20.38 2.05
C LEU B 109 -32.07 18.90 2.32
N GLY B 110 -33.14 18.12 2.41
CA GLY B 110 -33.04 16.69 2.63
C GLY B 110 -32.32 15.98 1.51
N ASP B 111 -32.61 16.40 0.27
CA ASP B 111 -31.95 15.82 -0.90
C ASP B 111 -30.45 16.11 -0.86
N ILE B 112 -30.09 17.30 -0.40
CA ILE B 112 -28.69 17.71 -0.34
C ILE B 112 -27.91 16.84 0.64
N MET B 113 -28.50 16.57 1.81
CA MET B 113 -27.85 15.73 2.81
C MET B 113 -27.77 14.28 2.33
N THR B 114 -28.89 13.75 1.86
CA THR B 114 -28.95 12.37 1.40
C THR B 114 -27.99 12.12 0.24
N SER B 115 -28.00 13.01 -0.74
CA SER B 115 -27.13 12.89 -1.90
C SER B 115 -25.66 13.08 -1.53
N ALA B 116 -25.43 13.82 -0.44
CA ALA B 116 -24.07 14.10 0.01
C ALA B 116 -23.40 12.84 0.54
N TYR B 117 -24.01 12.24 1.57
CA TYR B 117 -23.48 11.03 2.16
C TYR B 117 -23.50 9.87 1.16
N ASN B 118 -24.45 9.94 0.23
CA ASN B 118 -24.62 8.90 -0.79
C ASN B 118 -24.68 7.50 -0.16
N ILE B 119 -25.38 7.41 0.97
CA ILE B 119 -25.51 6.15 1.67
C ILE B 119 -26.33 5.17 0.84
N HIS B 120 -25.85 3.94 0.73
CA HIS B 120 -26.59 2.92 0.00
C HIS B 120 -27.76 2.42 0.83
N ALA B 121 -28.95 2.97 0.57
CA ALA B 121 -30.14 2.49 1.25
C ALA B 121 -30.59 1.20 0.61
N GLY B 122 -31.76 0.71 1.00
CA GLY B 122 -32.20 -0.59 0.52
C GLY B 122 -31.28 -1.63 1.13
N GLY B 123 -31.50 -1.92 2.40
CA GLY B 123 -30.65 -2.85 3.14
C GLY B 123 -30.31 -2.23 4.49
N SER B 124 -30.31 -3.06 5.53
CA SER B 124 -30.25 -2.56 6.89
C SER B 124 -28.84 -2.58 7.49
N LYS B 125 -28.12 -3.68 7.29
CA LYS B 125 -26.82 -3.87 7.93
C LYS B 125 -25.80 -2.79 7.58
N LEU B 126 -25.86 -2.28 6.35
CA LEU B 126 -24.90 -1.28 5.91
C LEU B 126 -25.29 0.15 6.27
N ALA B 127 -26.55 0.33 6.69
CA ALA B 127 -27.04 1.63 7.10
C ALA B 127 -28.27 1.46 8.00
N PRO B 128 -28.04 0.99 9.23
CA PRO B 128 -29.10 0.60 10.18
C PRO B 128 -30.02 1.74 10.60
N MET B 129 -29.48 2.93 10.81
CA MET B 129 -30.28 4.04 11.29
C MET B 129 -31.01 4.75 10.15
N VAL B 130 -30.45 4.68 8.95
CA VAL B 130 -31.12 5.19 7.76
C VAL B 130 -32.40 4.40 7.52
N ASN B 131 -32.30 3.08 7.66
CA ASN B 131 -33.45 2.21 7.51
C ASN B 131 -34.44 2.39 8.64
N CYS B 132 -33.93 2.67 9.83
CA CYS B 132 -34.77 2.88 11.01
C CYS B 132 -35.63 4.13 10.86
N ILE B 133 -35.05 5.17 10.29
CA ILE B 133 -35.77 6.42 10.05
C ILE B 133 -36.95 6.20 9.10
N GLU B 134 -36.69 5.51 8.00
CA GLU B 134 -37.71 5.25 7.00
C GLU B 134 -38.85 4.42 7.57
N GLN B 135 -38.51 3.41 8.36
CA GLN B 135 -39.51 2.55 8.97
C GLN B 135 -40.36 3.29 9.99
N GLU B 136 -39.77 4.28 10.66
CA GLU B 136 -40.50 5.10 11.61
C GLU B 136 -41.57 5.93 10.89
N VAL B 137 -41.20 6.50 9.75
CA VAL B 137 -42.13 7.25 8.93
C VAL B 137 -43.22 6.36 8.34
N LEU B 138 -42.81 5.19 7.87
CA LEU B 138 -43.73 4.24 7.24
C LEU B 138 -44.76 3.73 8.26
N LYS B 139 -44.33 3.49 9.49
CA LYS B 139 -45.23 3.05 10.54
C LYS B 139 -46.25 4.15 10.86
N TRP B 140 -45.78 5.39 10.89
CA TRP B 140 -46.63 6.52 11.18
C TRP B 140 -47.68 6.71 10.10
N LEU B 141 -47.25 6.62 8.83
CA LEU B 141 -48.16 6.72 7.70
C LEU B 141 -49.17 5.58 7.71
N ALA B 142 -48.72 4.40 8.11
CA ALA B 142 -49.59 3.23 8.16
C ALA B 142 -50.69 3.40 9.21
N LYS B 143 -50.37 4.09 10.29
CA LYS B 143 -51.34 4.35 11.36
C LYS B 143 -52.46 5.26 10.86
N GLN B 144 -52.11 6.24 10.04
CA GLN B 144 -53.08 7.19 9.50
C GLN B 144 -54.06 6.49 8.56
N VAL B 145 -53.57 5.47 7.85
CA VAL B 145 -54.41 4.72 6.92
C VAL B 145 -55.39 3.85 7.69
N GLY B 146 -54.95 3.26 8.78
CA GLY B 146 -55.79 2.40 9.60
C GLY B 146 -55.20 1.02 9.74
N PHE B 147 -53.95 0.84 9.33
CA PHE B 147 -53.28 -0.44 9.48
C PHE B 147 -52.67 -0.56 10.87
N THR B 148 -53.26 -1.43 11.69
CA THR B 148 -52.93 -1.50 13.10
C THR B 148 -52.28 -2.83 13.51
N GLU B 149 -52.35 -3.82 12.62
CA GLU B 149 -51.86 -5.15 12.95
C GLU B 149 -50.35 -5.26 12.72
N ASN B 150 -49.96 -5.65 11.52
CA ASN B 150 -48.55 -5.80 11.18
C ASN B 150 -48.25 -5.23 9.81
N PRO B 151 -48.30 -3.90 9.69
CA PRO B 151 -48.11 -3.23 8.40
C PRO B 151 -46.67 -3.28 7.91
N GLY B 152 -46.43 -2.71 6.73
CA GLY B 152 -45.11 -2.67 6.14
C GLY B 152 -45.14 -1.78 4.91
N GLY B 153 -43.97 -1.35 4.45
CA GLY B 153 -43.90 -0.49 3.29
C GLY B 153 -42.49 -0.22 2.81
N VAL B 154 -42.41 0.46 1.67
CA VAL B 154 -41.14 0.83 1.07
C VAL B 154 -41.27 2.14 0.31
N PHE B 155 -40.27 3.02 0.46
CA PHE B 155 -40.24 4.27 -0.28
C PHE B 155 -39.82 4.02 -1.73
N VAL B 156 -40.79 4.07 -2.64
CA VAL B 156 -40.51 3.86 -4.05
C VAL B 156 -40.32 5.18 -4.78
N SER B 157 -39.90 5.11 -6.03
CA SER B 157 -39.56 6.30 -6.80
C SER B 157 -40.81 7.08 -7.20
N GLY B 158 -41.83 6.35 -7.67
CA GLY B 158 -43.08 6.96 -8.07
C GLY B 158 -44.29 6.17 -7.62
N GLY B 159 -45.47 6.74 -7.83
CA GLY B 159 -46.72 6.06 -7.53
C GLY B 159 -46.99 4.96 -8.55
N SER B 160 -46.42 5.11 -9.74
CA SER B 160 -46.51 4.07 -10.77
C SER B 160 -45.80 2.80 -10.29
N MET B 161 -44.65 2.97 -9.67
CA MET B 161 -43.92 1.86 -9.09
C MET B 161 -44.58 1.38 -7.81
N ALA B 162 -45.29 2.29 -7.16
CA ALA B 162 -46.04 1.96 -5.96
C ALA B 162 -47.18 1.01 -6.31
N ASN B 163 -47.81 1.27 -7.45
CA ASN B 163 -48.91 0.43 -7.92
C ASN B 163 -48.42 -0.94 -8.39
N ILE B 164 -47.33 -0.94 -9.17
CA ILE B 164 -46.77 -2.18 -9.67
C ILE B 164 -46.27 -3.06 -8.52
N THR B 165 -45.69 -2.45 -7.50
CA THR B 165 -45.23 -3.18 -6.33
C THR B 165 -46.40 -3.81 -5.59
N ALA B 166 -47.44 -3.02 -5.35
CA ALA B 166 -48.62 -3.48 -4.62
C ALA B 166 -49.38 -4.56 -5.39
N LEU B 167 -49.54 -4.35 -6.70
CA LEU B 167 -50.28 -5.28 -7.53
C LEU B 167 -49.56 -6.62 -7.68
N THR B 168 -48.23 -6.58 -7.59
CA THR B 168 -47.43 -7.79 -7.66
C THR B 168 -47.68 -8.64 -6.42
N ALA B 169 -47.74 -7.98 -5.27
CA ALA B 169 -48.04 -8.66 -4.02
C ALA B 169 -49.44 -9.25 -4.06
N ALA B 170 -50.36 -8.51 -4.69
CA ALA B 170 -51.74 -8.97 -4.85
C ALA B 170 -51.80 -10.21 -5.74
N ARG B 171 -51.07 -10.17 -6.85
CA ARG B 171 -51.03 -11.27 -7.79
C ARG B 171 -50.47 -12.54 -7.16
N ASP B 172 -49.36 -12.39 -6.45
CA ASP B 172 -48.68 -13.53 -5.85
C ASP B 172 -49.43 -14.07 -4.64
N ASN B 173 -50.33 -13.25 -4.10
CA ASN B 173 -51.09 -13.63 -2.91
C ASN B 173 -52.35 -14.42 -3.25
N LYS B 174 -52.95 -14.12 -4.40
CA LYS B 174 -54.24 -14.71 -4.77
C LYS B 174 -54.12 -15.74 -5.88
N LEU B 175 -52.96 -15.79 -6.53
CA LEU B 175 -52.76 -16.71 -7.65
C LEU B 175 -51.49 -17.55 -7.47
N THR B 176 -51.41 -18.63 -8.25
CA THR B 176 -50.26 -19.51 -8.22
C THR B 176 -49.56 -19.51 -9.58
N ASP B 177 -48.48 -20.26 -9.69
CA ASP B 177 -47.72 -20.31 -10.95
C ASP B 177 -48.44 -21.12 -12.01
N ILE B 178 -49.59 -21.68 -11.65
CA ILE B 178 -50.31 -22.59 -12.54
C ILE B 178 -51.63 -21.98 -13.04
N ASN B 179 -52.20 -21.06 -12.26
CA ASN B 179 -53.50 -20.50 -12.61
C ASN B 179 -53.51 -18.98 -12.78
N LEU B 180 -52.33 -18.35 -12.70
CA LEU B 180 -52.25 -16.90 -12.67
C LEU B 180 -52.63 -16.25 -14.00
N HIS B 181 -52.71 -17.04 -15.07
CA HIS B 181 -53.08 -16.50 -16.37
C HIS B 181 -54.61 -16.40 -16.52
N LEU B 182 -55.32 -16.78 -15.47
CA LEU B 182 -56.77 -16.69 -15.46
C LEU B 182 -57.23 -15.53 -14.57
N GLY B 183 -56.28 -14.80 -14.02
CA GLY B 183 -56.59 -13.70 -13.12
C GLY B 183 -57.17 -12.50 -13.84
N THR B 184 -58.20 -11.91 -13.27
CA THR B 184 -58.80 -10.70 -13.84
C THR B 184 -58.76 -9.55 -12.84
N ALA B 185 -58.46 -8.35 -13.34
CA ALA B 185 -58.39 -7.16 -12.50
C ALA B 185 -59.50 -6.18 -12.87
N TYR B 186 -59.87 -5.33 -11.92
CA TYR B 186 -61.02 -4.44 -12.12
C TYR B 186 -60.70 -2.99 -11.75
N ILE B 187 -60.90 -2.09 -12.71
CA ILE B 187 -60.67 -0.67 -12.49
C ILE B 187 -61.90 0.13 -12.94
N SER B 188 -61.78 1.46 -12.92
CA SER B 188 -62.84 2.32 -13.40
C SER B 188 -62.37 3.14 -14.60
N ASP B 189 -63.31 3.85 -15.23
CA ASP B 189 -62.97 4.67 -16.39
C ASP B 189 -62.25 5.96 -15.98
N GLN B 190 -62.13 6.18 -14.68
CA GLN B 190 -61.42 7.34 -14.16
C GLN B 190 -60.13 6.94 -13.47
N THR B 191 -59.91 5.63 -13.34
CA THR B 191 -58.66 5.13 -12.79
C THR B 191 -57.47 5.59 -13.62
N HIS B 192 -56.38 5.93 -12.95
CA HIS B 192 -55.21 6.44 -13.65
C HIS B 192 -54.61 5.37 -14.56
N SER B 193 -54.04 5.81 -15.68
CA SER B 193 -53.52 4.91 -16.70
C SER B 193 -52.41 4.01 -16.19
N SER B 194 -51.69 4.48 -15.18
CA SER B 194 -50.53 3.75 -14.67
C SER B 194 -50.94 2.43 -14.01
N VAL B 195 -52.20 2.33 -13.61
CA VAL B 195 -52.70 1.11 -12.99
C VAL B 195 -52.79 -0.03 -14.00
N ALA B 196 -53.45 0.22 -15.11
CA ALA B 196 -53.59 -0.77 -16.16
C ALA B 196 -52.24 -1.05 -16.82
N LYS B 197 -51.41 -0.01 -16.90
CA LYS B 197 -50.08 -0.14 -17.46
C LYS B 197 -49.23 -1.06 -16.58
N GLY B 198 -49.41 -0.95 -15.27
CA GLY B 198 -48.73 -1.79 -14.31
C GLY B 198 -49.22 -3.23 -14.37
N LEU B 199 -50.53 -3.39 -14.59
CA LEU B 199 -51.13 -4.72 -14.71
C LEU B 199 -50.58 -5.47 -15.92
N ARG B 200 -50.45 -4.75 -17.04
CA ARG B 200 -49.91 -5.34 -18.26
C ARG B 200 -48.46 -5.77 -18.04
N ILE B 201 -47.73 -5.00 -17.24
CA ILE B 201 -46.33 -5.29 -16.95
C ILE B 201 -46.16 -6.58 -16.16
N ILE B 202 -47.03 -6.81 -15.19
CA ILE B 202 -46.94 -7.99 -14.35
C ILE B 202 -47.66 -9.20 -14.94
N GLY B 203 -48.05 -9.10 -16.21
CA GLY B 203 -48.57 -10.24 -16.94
C GLY B 203 -50.08 -10.28 -17.13
N ILE B 204 -50.79 -9.32 -16.55
CA ILE B 204 -52.24 -9.26 -16.72
C ILE B 204 -52.59 -8.50 -18.00
N THR B 205 -52.96 -9.24 -19.03
CA THR B 205 -53.26 -8.65 -20.33
C THR B 205 -54.53 -7.81 -20.30
N ASP B 206 -54.70 -6.96 -21.31
CA ASP B 206 -55.87 -6.09 -21.40
C ASP B 206 -57.17 -6.89 -21.49
N SER B 207 -57.09 -8.09 -22.03
CA SER B 207 -58.26 -8.94 -22.21
C SER B 207 -58.78 -9.45 -20.87
N ARG B 208 -58.01 -9.26 -19.81
CA ARG B 208 -58.42 -9.66 -18.47
C ARG B 208 -58.43 -8.47 -17.53
N ILE B 209 -58.50 -7.28 -18.11
CA ILE B 209 -58.66 -6.04 -17.34
C ILE B 209 -60.04 -5.43 -17.61
N ARG B 210 -60.87 -5.37 -16.57
CA ARG B 210 -62.23 -4.88 -16.70
C ARG B 210 -62.33 -3.40 -16.33
N ARG B 211 -62.84 -2.60 -17.26
CA ARG B 211 -63.01 -1.17 -17.01
C ARG B 211 -64.46 -0.84 -16.69
N ILE B 212 -64.76 -0.69 -15.41
CA ILE B 212 -66.13 -0.42 -14.98
C ILE B 212 -66.49 1.05 -15.12
N PRO B 213 -67.66 1.33 -15.70
CA PRO B 213 -68.19 2.69 -15.84
C PRO B 213 -68.33 3.39 -14.49
N THR B 214 -68.28 4.71 -14.49
CA THR B 214 -68.47 5.48 -13.26
C THR B 214 -69.74 6.31 -13.35
N ASN B 215 -70.29 6.67 -12.20
CA ASN B 215 -71.48 7.51 -12.14
C ASN B 215 -71.21 8.95 -12.57
N SER B 216 -72.15 9.84 -12.26
CA SER B 216 -72.02 11.25 -12.60
C SER B 216 -70.98 11.92 -11.69
N HIS B 217 -70.73 11.32 -10.54
CA HIS B 217 -69.75 11.84 -9.59
C HIS B 217 -68.38 11.22 -9.82
N PHE B 218 -68.23 10.52 -10.94
CA PHE B 218 -66.97 9.89 -11.30
C PHE B 218 -66.51 8.87 -10.26
N GLN B 219 -67.48 8.19 -9.64
CA GLN B 219 -67.18 7.11 -8.71
C GLN B 219 -67.53 5.76 -9.36
N MET B 220 -66.76 4.74 -9.03
CA MET B 220 -66.97 3.41 -9.61
C MET B 220 -68.36 2.86 -9.27
N ASP B 221 -69.06 2.39 -10.30
CA ASP B 221 -70.36 1.76 -10.12
C ASP B 221 -70.18 0.36 -9.52
N THR B 222 -70.43 0.25 -8.22
CA THR B 222 -70.20 -1.02 -7.52
C THR B 222 -71.18 -2.10 -7.95
N THR B 223 -72.31 -1.69 -8.52
CA THR B 223 -73.29 -2.64 -9.02
C THR B 223 -72.79 -3.30 -10.29
N LYS B 224 -72.22 -2.51 -11.19
CA LYS B 224 -71.65 -3.03 -12.42
C LYS B 224 -70.33 -3.75 -12.15
N LEU B 225 -69.65 -3.34 -11.07
CA LEU B 225 -68.42 -4.00 -10.65
C LEU B 225 -68.69 -5.44 -10.26
N GLU B 226 -69.70 -5.64 -9.41
CA GLU B 226 -70.05 -6.96 -8.93
C GLU B 226 -70.49 -7.86 -10.07
N GLU B 227 -71.25 -7.30 -11.02
CA GLU B 227 -71.78 -8.09 -12.13
C GLU B 227 -70.67 -8.53 -13.07
N ALA B 228 -69.61 -7.73 -13.15
CA ALA B 228 -68.45 -8.08 -13.97
C ALA B 228 -67.67 -9.21 -13.31
N ILE B 229 -67.56 -9.15 -11.99
CA ILE B 229 -66.89 -10.19 -11.21
C ILE B 229 -67.63 -11.52 -11.33
N GLU B 230 -68.94 -11.48 -11.16
CA GLU B 230 -69.77 -12.68 -11.25
C GLU B 230 -69.66 -13.32 -12.63
N THR B 231 -69.67 -12.51 -13.67
CA THR B 231 -69.56 -13.00 -15.03
C THR B 231 -68.23 -13.71 -15.28
N ASP B 232 -67.14 -13.04 -14.90
CA ASP B 232 -65.81 -13.58 -15.11
C ASP B 232 -65.59 -14.88 -14.33
N LYS B 233 -66.10 -14.92 -13.09
CA LYS B 233 -65.97 -16.10 -12.26
C LYS B 233 -66.75 -17.27 -12.86
N LYS B 234 -67.92 -16.97 -13.40
CA LYS B 234 -68.75 -17.98 -14.04
C LYS B 234 -68.11 -18.49 -15.33
N SER B 235 -67.40 -17.60 -16.03
CA SER B 235 -66.73 -17.97 -17.27
C SER B 235 -65.54 -18.87 -17.03
N GLY B 236 -64.99 -18.83 -15.82
CA GLY B 236 -63.83 -19.63 -15.48
C GLY B 236 -62.61 -18.79 -15.10
N TYR B 237 -62.75 -17.48 -15.17
CA TYR B 237 -61.68 -16.58 -14.77
C TYR B 237 -61.56 -16.52 -13.25
N ILE B 238 -60.46 -15.95 -12.77
CA ILE B 238 -60.26 -15.79 -11.33
C ILE B 238 -60.06 -14.34 -10.94
N PRO B 239 -61.13 -13.64 -10.57
CA PRO B 239 -61.04 -12.25 -10.10
C PRO B 239 -60.21 -12.16 -8.83
N PHE B 240 -59.12 -11.39 -8.86
CA PHE B 240 -58.18 -11.39 -7.74
C PHE B 240 -57.90 -10.02 -7.16
N VAL B 241 -58.24 -8.96 -7.90
CA VAL B 241 -57.97 -7.61 -7.40
C VAL B 241 -58.90 -6.54 -7.95
N VAL B 242 -59.33 -5.65 -7.07
CA VAL B 242 -60.05 -4.44 -7.46
C VAL B 242 -59.24 -3.23 -7.04
N ILE B 243 -59.00 -2.31 -7.97
CA ILE B 243 -58.26 -1.10 -7.65
C ILE B 243 -59.20 0.08 -7.46
N GLY B 244 -59.43 0.44 -6.21
CA GLY B 244 -60.22 1.62 -5.89
C GLY B 244 -59.30 2.82 -5.80
N THR B 245 -59.81 3.99 -6.21
CA THR B 245 -59.01 5.19 -6.20
C THR B 245 -59.54 6.22 -5.20
N ALA B 246 -58.64 6.75 -4.38
CA ALA B 246 -59.00 7.80 -3.43
C ALA B 246 -58.39 9.12 -3.89
N GLY B 247 -59.07 9.80 -4.79
CA GLY B 247 -58.57 11.03 -5.38
C GLY B 247 -58.18 10.83 -6.82
N THR B 248 -59.18 10.61 -7.67
CA THR B 248 -58.97 10.45 -9.11
C THR B 248 -58.19 11.61 -9.72
N THR B 249 -57.34 11.29 -10.69
CA THR B 249 -56.50 12.28 -11.35
C THR B 249 -57.30 13.41 -11.99
N ASN B 250 -58.45 13.08 -12.57
CA ASN B 250 -59.27 14.06 -13.27
C ASN B 250 -60.05 15.00 -12.33
N THR B 251 -60.95 14.43 -11.53
CA THR B 251 -61.86 15.24 -10.73
C THR B 251 -61.57 15.16 -9.23
N GLY B 252 -60.81 14.16 -8.82
CA GLY B 252 -60.48 13.98 -7.42
C GLY B 252 -61.56 13.25 -6.64
N SER B 253 -62.35 12.47 -7.34
CA SER B 253 -63.44 11.72 -6.71
C SER B 253 -62.90 10.52 -5.94
N ILE B 254 -63.72 9.99 -5.03
CA ILE B 254 -63.34 8.85 -4.21
C ILE B 254 -64.29 7.68 -4.40
N ASP B 255 -63.75 6.55 -4.85
CA ASP B 255 -64.55 5.34 -5.03
C ASP B 255 -65.14 4.87 -3.70
N PRO B 256 -66.28 4.20 -3.75
CA PRO B 256 -66.93 3.67 -2.54
C PRO B 256 -66.04 2.64 -1.86
N LEU B 257 -65.11 3.11 -1.04
CA LEU B 257 -64.11 2.26 -0.40
C LEU B 257 -64.72 1.13 0.41
N THR B 258 -65.71 1.45 1.23
CA THR B 258 -66.35 0.45 2.09
C THR B 258 -67.09 -0.61 1.28
N GLU B 259 -67.87 -0.17 0.30
CA GLU B 259 -68.63 -1.09 -0.54
C GLU B 259 -67.71 -1.99 -1.35
N ILE B 260 -66.61 -1.41 -1.85
CA ILE B 260 -65.64 -2.17 -2.62
C ILE B 260 -64.94 -3.20 -1.77
N SER B 261 -64.62 -2.83 -0.53
CA SER B 261 -63.99 -3.73 0.42
C SER B 261 -64.90 -4.93 0.71
N ALA B 262 -66.19 -4.66 0.83
CA ALA B 262 -67.18 -5.70 1.08
C ALA B 262 -67.22 -6.71 -0.05
N LEU B 263 -67.15 -6.20 -1.29
CA LEU B 263 -67.16 -7.06 -2.47
C LEU B 263 -65.90 -7.93 -2.52
N CYS B 264 -64.77 -7.34 -2.16
CA CYS B 264 -63.50 -8.05 -2.17
C CYS B 264 -63.49 -9.20 -1.16
N LYS B 265 -64.01 -8.95 0.03
CA LYS B 265 -64.10 -9.98 1.07
C LYS B 265 -65.04 -11.10 0.64
N LYS B 266 -66.12 -10.72 -0.03
CA LYS B 266 -67.12 -11.67 -0.49
C LYS B 266 -66.57 -12.63 -1.55
N HIS B 267 -65.72 -12.10 -2.42
CA HIS B 267 -65.24 -12.89 -3.56
C HIS B 267 -63.76 -13.25 -3.43
N ASP B 268 -63.23 -13.14 -2.22
CA ASP B 268 -61.85 -13.54 -1.94
C ASP B 268 -60.86 -12.81 -2.85
N MET B 269 -60.99 -11.48 -2.92
CA MET B 269 -60.13 -10.67 -3.77
C MET B 269 -59.28 -9.70 -2.96
N TRP B 270 -58.20 -9.22 -3.58
CA TRP B 270 -57.32 -8.24 -2.98
C TRP B 270 -57.86 -6.83 -3.22
N PHE B 271 -57.89 -6.02 -2.16
CA PHE B 271 -58.34 -4.64 -2.28
C PHE B 271 -57.15 -3.69 -2.22
N HIS B 272 -56.85 -3.05 -3.34
CA HIS B 272 -55.78 -2.07 -3.41
C HIS B 272 -56.36 -0.67 -3.64
N ILE B 273 -55.99 0.26 -2.77
CA ILE B 273 -56.40 1.66 -2.93
C ILE B 273 -55.30 2.47 -3.58
N ASP B 274 -55.61 3.04 -4.75
CA ASP B 274 -54.68 3.95 -5.42
C ASP B 274 -54.87 5.36 -4.87
N GLY B 275 -54.07 5.70 -3.86
CA GLY B 275 -54.15 6.99 -3.21
C GLY B 275 -52.90 7.84 -3.43
N ALA B 276 -52.35 7.75 -4.63
CA ALA B 276 -51.14 8.50 -4.99
C ALA B 276 -51.28 9.99 -4.68
N TYR B 277 -52.46 10.53 -4.89
CA TYR B 277 -52.72 11.94 -4.66
C TYR B 277 -53.48 12.19 -3.35
N GLY B 278 -54.64 11.56 -3.23
CA GLY B 278 -55.57 11.87 -2.17
C GLY B 278 -55.29 11.30 -0.79
N ALA B 279 -54.28 10.44 -0.69
CA ALA B 279 -53.96 9.80 0.58
C ALA B 279 -53.47 10.79 1.63
N SER B 280 -52.99 11.94 1.17
CA SER B 280 -52.47 12.97 2.06
C SER B 280 -53.59 13.62 2.87
N VAL B 281 -54.83 13.45 2.41
CA VAL B 281 -55.99 14.01 3.09
C VAL B 281 -56.16 13.38 4.49
N LEU B 282 -55.56 12.21 4.68
CA LEU B 282 -55.60 11.54 5.97
C LEU B 282 -54.92 12.36 7.06
N LEU B 283 -54.10 13.33 6.64
CA LEU B 283 -53.38 14.20 7.58
CA LEU B 283 -53.39 14.20 7.58
C LEU B 283 -54.21 15.43 7.96
N SER B 284 -55.35 15.61 7.29
CA SER B 284 -56.19 16.76 7.54
C SER B 284 -57.35 16.41 8.49
N PRO B 285 -57.36 17.03 9.68
CA PRO B 285 -58.40 16.81 10.69
C PRO B 285 -59.79 17.06 10.14
N LYS B 286 -59.91 18.04 9.25
CA LYS B 286 -61.20 18.41 8.67
C LYS B 286 -61.70 17.41 7.63
N TYR B 287 -60.80 16.94 6.77
CA TYR B 287 -61.21 16.19 5.58
C TYR B 287 -60.83 14.70 5.62
N LYS B 288 -60.20 14.26 6.70
CA LYS B 288 -59.76 12.88 6.81
C LYS B 288 -60.93 11.91 6.70
N SER B 289 -62.13 12.40 7.00
CA SER B 289 -63.33 11.58 6.97
C SER B 289 -63.68 11.14 5.55
N LEU B 290 -63.24 11.92 4.57
CA LEU B 290 -63.50 11.60 3.16
C LEU B 290 -62.89 10.26 2.77
N LEU B 291 -61.80 9.88 3.42
CA LEU B 291 -61.12 8.63 3.11
C LEU B 291 -61.43 7.54 4.13
N THR B 292 -62.67 7.53 4.61
CA THR B 292 -63.10 6.51 5.55
C THR B 292 -63.14 5.15 4.89
N GLY B 293 -62.43 4.18 5.46
CA GLY B 293 -62.43 2.83 4.94
C GLY B 293 -61.12 2.39 4.29
N THR B 294 -60.13 3.28 4.30
CA THR B 294 -58.84 2.97 3.72
C THR B 294 -58.16 1.81 4.46
N GLY B 295 -58.48 1.69 5.75
CA GLY B 295 -57.92 0.64 6.57
C GLY B 295 -58.43 -0.74 6.18
N LEU B 296 -59.50 -0.77 5.38
CA LEU B 296 -60.09 -2.02 4.93
C LEU B 296 -59.29 -2.60 3.75
N ALA B 297 -58.47 -1.76 3.14
CA ALA B 297 -57.68 -2.17 1.99
C ALA B 297 -56.54 -3.10 2.39
N ASP B 298 -56.05 -3.89 1.44
CA ASP B 298 -54.91 -4.77 1.66
C ASP B 298 -53.61 -4.05 1.29
N SER B 299 -53.72 -3.04 0.44
CA SER B 299 -52.57 -2.24 0.06
C SER B 299 -53.01 -0.86 -0.39
N ILE B 300 -52.11 0.12 -0.29
CA ILE B 300 -52.40 1.48 -0.70
C ILE B 300 -51.15 2.21 -1.16
N SER B 301 -51.27 2.97 -2.25
CA SER B 301 -50.18 3.79 -2.74
C SER B 301 -50.32 5.20 -2.20
N TRP B 302 -49.22 5.94 -2.19
CA TRP B 302 -49.21 7.27 -1.57
C TRP B 302 -47.95 8.03 -1.98
N ASP B 303 -48.14 9.08 -2.78
CA ASP B 303 -47.01 9.88 -3.26
C ASP B 303 -46.80 11.08 -2.35
N ALA B 304 -45.58 11.23 -1.83
CA ALA B 304 -45.27 12.33 -0.93
C ALA B 304 -44.85 13.58 -1.72
N HIS B 305 -44.29 13.37 -2.90
CA HIS B 305 -43.88 14.47 -3.75
C HIS B 305 -45.07 15.12 -4.45
N LYS B 306 -46.27 14.73 -4.05
CA LYS B 306 -47.49 15.39 -4.50
C LYS B 306 -48.03 16.30 -3.41
N TRP B 307 -48.81 15.73 -2.51
CA TRP B 307 -49.49 16.54 -1.50
C TRP B 307 -48.82 16.41 -0.13
N LEU B 308 -47.59 15.91 -0.12
CA LEU B 308 -46.75 15.95 1.08
C LEU B 308 -45.55 16.86 0.85
N PHE B 309 -45.58 17.58 -0.26
CA PHE B 309 -44.61 18.64 -0.55
C PHE B 309 -43.17 18.16 -0.58
N GLN B 310 -42.90 17.11 -1.35
CA GLN B 310 -41.54 16.63 -1.53
C GLN B 310 -41.09 16.78 -2.97
N THR B 311 -39.78 16.67 -3.19
CA THR B 311 -39.23 16.71 -4.54
C THR B 311 -39.26 15.33 -5.16
N TYR B 312 -39.31 15.28 -6.49
CA TYR B 312 -39.26 14.02 -7.22
C TYR B 312 -37.93 13.31 -6.95
N GLY B 313 -37.98 12.03 -6.60
CA GLY B 313 -39.23 11.32 -6.41
C GLY B 313 -39.26 10.56 -5.10
N CYS B 314 -40.37 10.67 -4.39
CA CYS B 314 -40.52 10.06 -3.08
C CYS B 314 -41.96 9.58 -2.89
N ALA B 315 -42.21 8.32 -3.22
CA ALA B 315 -43.56 7.75 -3.10
C ALA B 315 -43.55 6.53 -2.20
N MET B 316 -44.71 6.20 -1.64
CA MET B 316 -44.80 5.08 -0.70
C MET B 316 -45.84 4.06 -1.13
N VAL B 317 -45.58 2.80 -0.82
CA VAL B 317 -46.57 1.74 -0.95
C VAL B 317 -46.70 1.06 0.41
N LEU B 318 -47.93 0.93 0.89
CA LEU B 318 -48.18 0.35 2.21
C LEU B 318 -49.11 -0.85 2.14
N VAL B 319 -48.73 -1.94 2.81
CA VAL B 319 -49.56 -3.13 2.87
C VAL B 319 -49.99 -3.43 4.30
N LYS B 320 -51.18 -4.01 4.45
CA LYS B 320 -51.73 -4.34 5.76
C LYS B 320 -50.92 -5.45 6.43
N ASP B 321 -50.46 -6.40 5.62
CA ASP B 321 -49.66 -7.51 6.11
C ASP B 321 -48.32 -7.52 5.40
N ILE B 322 -47.26 -7.18 6.13
CA ILE B 322 -45.93 -7.04 5.55
C ILE B 322 -45.41 -8.34 4.95
N ARG B 323 -45.96 -9.47 5.41
CA ARG B 323 -45.56 -10.78 4.92
C ARG B 323 -45.82 -10.93 3.42
N ASN B 324 -46.82 -10.21 2.92
CA ASN B 324 -47.19 -10.27 1.51
C ASN B 324 -46.16 -9.63 0.59
N LEU B 325 -45.49 -8.60 1.09
CA LEU B 325 -44.44 -7.94 0.32
C LEU B 325 -43.17 -8.78 0.29
N PHE B 326 -42.89 -9.46 1.40
CA PHE B 326 -41.70 -10.30 1.50
C PHE B 326 -41.79 -11.53 0.60
N HIS B 327 -43.01 -12.04 0.43
CA HIS B 327 -43.23 -13.23 -0.37
C HIS B 327 -42.94 -12.99 -1.85
N SER B 328 -43.18 -11.76 -2.30
CA SER B 328 -43.08 -11.43 -3.71
C SER B 328 -41.68 -10.98 -4.14
N PHE B 329 -40.87 -10.50 -3.21
CA PHE B 329 -39.63 -9.82 -3.58
C PHE B 329 -38.38 -10.32 -2.86
N HIS B 330 -38.52 -11.30 -1.97
CA HIS B 330 -37.38 -11.77 -1.18
C HIS B 330 -36.43 -12.63 -2.00
N VAL B 331 -35.14 -12.50 -1.73
CA VAL B 331 -34.11 -13.27 -2.42
C VAL B 331 -32.94 -13.60 -1.50
N ASN B 332 -32.27 -14.73 -1.77
CA ASN B 332 -31.14 -15.17 -0.97
C ASN B 332 -29.96 -15.65 -1.81
N PRO B 333 -29.31 -14.73 -2.52
CA PRO B 333 -28.15 -15.07 -3.36
C PRO B 333 -26.91 -15.41 -2.54
N GLU B 334 -25.86 -15.86 -3.22
CA GLU B 334 -24.59 -16.20 -2.58
C GLU B 334 -23.98 -14.97 -1.90
N TYR B 335 -23.86 -13.89 -2.66
CA TYR B 335 -23.51 -12.59 -2.10
C TYR B 335 -24.70 -12.08 -1.29
N LEU B 336 -24.48 -11.02 -0.52
CA LEU B 336 -25.53 -10.50 0.35
C LEU B 336 -25.94 -11.51 1.39
N LYS B 337 -25.00 -12.37 1.80
CA LYS B 337 -25.25 -13.36 2.83
C LYS B 337 -24.92 -12.80 4.20
N ASP B 338 -23.90 -11.93 4.25
CA ASP B 338 -23.51 -11.28 5.48
C ASP B 338 -24.42 -10.08 5.75
N LEU B 339 -25.24 -9.75 4.75
CA LEU B 339 -26.22 -8.68 4.89
C LEU B 339 -27.59 -9.27 5.21
N GLU B 340 -27.59 -10.41 5.90
CA GLU B 340 -28.81 -11.13 6.25
C GLU B 340 -29.57 -11.57 5.00
N ASP B 344 -37.92 -10.82 11.80
CA ASP B 344 -36.63 -10.45 12.38
C ASP B 344 -36.32 -8.98 12.11
N ASN B 345 -35.72 -8.72 10.96
CA ASN B 345 -35.27 -7.38 10.60
C ASN B 345 -35.07 -7.25 9.09
N VAL B 346 -36.13 -6.83 8.40
CA VAL B 346 -36.17 -6.88 6.94
C VAL B 346 -35.34 -5.81 6.23
N ASN B 347 -34.64 -6.24 5.18
CA ASN B 347 -34.03 -5.31 4.23
C ASN B 347 -35.07 -4.92 3.19
N THR B 348 -34.98 -3.71 2.66
CA THR B 348 -36.02 -3.23 1.74
C THR B 348 -35.89 -3.83 0.35
N TRP B 349 -34.77 -4.49 0.06
CA TRP B 349 -34.61 -5.15 -1.24
C TRP B 349 -35.42 -6.45 -1.25
N ASP B 350 -35.73 -6.97 -0.07
CA ASP B 350 -36.58 -8.13 0.06
C ASP B 350 -38.05 -7.72 0.03
N ILE B 351 -38.27 -6.41 0.00
CA ILE B 351 -39.62 -5.86 -0.06
C ILE B 351 -39.87 -5.29 -1.46
N GLY B 352 -38.84 -5.34 -2.30
CA GLY B 352 -38.96 -5.01 -3.70
C GLY B 352 -39.27 -3.57 -4.05
N MET B 353 -39.13 -3.25 -5.34
CA MET B 353 -38.66 -4.23 -6.29
C MET B 353 -37.29 -3.83 -6.84
N GLU B 354 -36.64 -2.89 -6.17
CA GLU B 354 -35.29 -2.50 -6.52
C GLU B 354 -34.33 -2.96 -5.44
N LEU B 355 -33.04 -2.96 -5.75
CA LEU B 355 -32.04 -3.45 -4.81
C LEU B 355 -31.18 -2.31 -4.29
N THR B 356 -30.61 -1.52 -5.20
CA THR B 356 -29.89 -0.31 -4.79
C THR B 356 -30.83 0.89 -4.81
N ARG B 357 -30.85 1.62 -3.70
CA ARG B 357 -31.78 2.72 -3.52
C ARG B 357 -31.15 3.86 -2.72
N PRO B 358 -31.49 5.11 -3.08
CA PRO B 358 -31.13 6.23 -2.20
C PRO B 358 -32.14 6.36 -1.07
N ALA B 359 -31.75 6.96 0.05
CA ALA B 359 -32.65 7.10 1.18
C ALA B 359 -33.78 8.09 0.88
N ARG B 360 -34.73 7.66 0.05
CA ARG B 360 -35.81 8.53 -0.42
C ARG B 360 -36.67 9.06 0.72
N GLY B 361 -36.90 8.23 1.73
CA GLY B 361 -37.80 8.59 2.82
C GLY B 361 -37.23 9.58 3.81
N LEU B 362 -35.91 9.75 3.80
CA LEU B 362 -35.24 10.61 4.76
C LEU B 362 -35.66 12.08 4.65
N LYS B 363 -35.82 12.57 3.43
CA LYS B 363 -36.21 13.96 3.21
C LYS B 363 -37.64 14.22 3.69
N LEU B 364 -38.46 13.18 3.73
CA LEU B 364 -39.82 13.29 4.24
C LEU B 364 -39.78 13.37 5.77
N TRP B 365 -38.83 12.66 6.37
CA TRP B 365 -38.61 12.72 7.81
C TRP B 365 -38.22 14.13 8.22
N LEU B 366 -37.26 14.71 7.49
CA LEU B 366 -36.78 16.06 7.77
C LEU B 366 -37.90 17.08 7.75
N THR B 367 -38.80 16.95 6.77
CA THR B 367 -39.93 17.87 6.64
C THR B 367 -40.91 17.71 7.80
N LEU B 368 -41.18 16.47 8.19
CA LEU B 368 -42.10 16.20 9.29
C LEU B 368 -41.57 16.73 10.62
N GLN B 369 -40.26 16.69 10.78
CA GLN B 369 -39.63 17.15 12.02
C GLN B 369 -39.55 18.67 12.09
N VAL B 370 -39.19 19.29 10.97
CA VAL B 370 -39.01 20.74 10.93
C VAL B 370 -40.34 21.49 10.91
N LEU B 371 -41.30 20.98 10.13
CA LEU B 371 -42.58 21.66 9.96
C LEU B 371 -43.63 21.17 10.95
N GLY B 372 -43.63 19.87 11.22
CA GLY B 372 -44.61 19.26 12.10
C GLY B 372 -45.82 18.77 11.32
N SER B 373 -46.52 17.79 11.89
CA SER B 373 -47.66 17.18 11.23
C SER B 373 -48.87 18.11 11.17
N ASP B 374 -48.96 19.01 12.15
CA ASP B 374 -50.08 19.96 12.21
C ASP B 374 -50.03 20.95 11.05
N LEU B 375 -48.86 21.52 10.82
CA LEU B 375 -48.69 22.51 9.75
C LEU B 375 -48.94 21.89 8.38
N ILE B 376 -48.45 20.68 8.18
CA ILE B 376 -48.61 19.98 6.91
C ILE B 376 -50.09 19.69 6.66
N GLY B 377 -50.81 19.36 7.72
CA GLY B 377 -52.23 19.13 7.64
C GLY B 377 -52.98 20.37 7.19
N SER B 378 -52.57 21.53 7.70
CA SER B 378 -53.21 22.78 7.35
C SER B 378 -52.89 23.22 5.93
N ALA B 379 -51.67 22.94 5.49
CA ALA B 379 -51.25 23.27 4.13
C ALA B 379 -52.07 22.48 3.11
N ILE B 380 -52.46 21.26 3.49
CA ILE B 380 -53.32 20.44 2.65
C ILE B 380 -54.73 21.04 2.62
N GLU B 381 -55.20 21.45 3.79
CA GLU B 381 -56.53 22.06 3.91
C GLU B 381 -56.60 23.35 3.10
N HIS B 382 -55.46 24.00 2.94
CA HIS B 382 -55.37 25.22 2.14
C HIS B 382 -55.72 24.92 0.69
N GLY B 383 -55.41 23.70 0.25
CA GLY B 383 -55.70 23.27 -1.10
C GLY B 383 -57.19 23.20 -1.39
N PHE B 384 -57.94 22.65 -0.44
CA PHE B 384 -59.40 22.61 -0.55
C PHE B 384 -59.97 24.00 -0.73
N GLN B 385 -59.47 24.95 0.06
CA GLN B 385 -59.96 26.32 0.04
C GLN B 385 -59.65 27.01 -1.29
N LEU B 386 -58.48 26.69 -1.85
CA LEU B 386 -58.04 27.28 -3.10
C LEU B 386 -58.99 26.92 -4.25
N ALA B 387 -59.46 25.68 -4.24
CA ALA B 387 -60.37 25.21 -5.29
C ALA B 387 -61.76 25.80 -5.10
N VAL B 388 -62.18 25.92 -3.85
CA VAL B 388 -63.49 26.50 -3.53
C VAL B 388 -63.54 27.96 -3.95
N TRP B 389 -62.45 28.69 -3.75
CA TRP B 389 -62.35 30.08 -4.17
C TRP B 389 -62.46 30.20 -5.69
N ALA B 390 -61.89 29.23 -6.40
CA ALA B 390 -61.97 29.19 -7.85
C ALA B 390 -63.41 28.98 -8.28
N GLU B 391 -64.12 28.14 -7.54
CA GLU B 391 -65.51 27.82 -7.84
C GLU B 391 -66.40 29.04 -7.59
N GLU B 392 -66.14 29.73 -6.49
CA GLU B 392 -66.91 30.92 -6.11
C GLU B 392 -66.72 32.06 -7.12
N ALA B 393 -65.56 32.11 -7.77
CA ALA B 393 -65.26 33.16 -8.73
C ALA B 393 -65.88 32.87 -10.09
N LEU B 394 -66.24 31.60 -10.32
CA LEU B 394 -66.82 31.19 -11.59
C LEU B 394 -68.34 31.28 -11.59
N ASN B 395 -68.95 31.03 -10.43
CA ASN B 395 -70.40 30.95 -10.30
C ASN B 395 -71.17 32.16 -10.85
N PRO B 396 -70.75 33.38 -10.47
CA PRO B 396 -71.51 34.56 -10.90
C PRO B 396 -71.27 34.92 -12.37
N LYS B 397 -70.15 34.48 -12.95
CA LYS B 397 -69.85 34.82 -14.34
C LYS B 397 -70.71 34.02 -15.30
N LYS B 398 -71.28 34.72 -16.28
CA LYS B 398 -72.20 34.13 -17.23
C LYS B 398 -71.46 33.28 -18.27
N ASP B 399 -72.13 32.23 -18.74
CA ASP B 399 -71.58 31.31 -19.75
C ASP B 399 -70.40 30.48 -19.23
N TRP B 400 -70.12 30.56 -17.94
CA TRP B 400 -69.09 29.70 -17.35
C TRP B 400 -69.72 28.49 -16.68
N GLU B 401 -69.33 27.31 -17.15
CA GLU B 401 -69.96 26.07 -16.72
C GLU B 401 -69.00 25.21 -15.89
N ILE B 402 -69.47 24.76 -14.73
CA ILE B 402 -68.70 23.87 -13.87
C ILE B 402 -69.01 22.40 -14.20
N VAL B 403 -68.04 21.72 -14.79
CA VAL B 403 -68.23 20.32 -15.17
C VAL B 403 -68.10 19.41 -13.95
N SER B 404 -67.13 19.70 -13.09
CA SER B 404 -66.99 19.02 -11.81
C SER B 404 -66.70 20.02 -10.70
N PRO B 405 -67.54 19.99 -9.64
CA PRO B 405 -67.44 20.94 -8.52
C PRO B 405 -66.11 20.85 -7.78
N ALA B 406 -65.83 21.83 -6.93
CA ALA B 406 -64.61 21.86 -6.14
C ALA B 406 -64.47 20.61 -5.28
N GLN B 407 -63.53 19.76 -5.63
CA GLN B 407 -63.35 18.47 -4.96
C GLN B 407 -61.88 18.18 -4.71
N MET B 408 -61.47 18.24 -3.45
CA MET B 408 -60.10 17.95 -3.05
C MET B 408 -59.08 18.79 -3.81
N ALA B 409 -59.19 20.11 -3.67
CA ALA B 409 -58.28 21.05 -4.32
C ALA B 409 -58.30 20.92 -5.84
N MET B 410 -59.41 20.39 -6.37
CA MET B 410 -59.50 20.10 -7.79
C MET B 410 -60.87 20.50 -8.34
N ILE B 411 -60.89 21.07 -9.55
CA ILE B 411 -62.14 21.52 -10.16
C ILE B 411 -62.04 21.58 -11.68
N ASN B 412 -63.12 21.18 -12.36
CA ASN B 412 -63.16 21.20 -13.82
C ASN B 412 -64.29 22.08 -14.34
N PHE B 413 -63.98 22.90 -15.35
CA PHE B 413 -64.94 23.88 -15.87
C PHE B 413 -64.64 24.24 -17.33
N ARG B 414 -65.64 24.79 -18.01
CA ARG B 414 -65.49 25.19 -19.40
C ARG B 414 -66.27 26.47 -19.72
N TYR B 415 -65.80 27.20 -20.72
CA TYR B 415 -66.51 28.37 -21.22
C TYR B 415 -67.35 27.95 -22.43
N ALA B 416 -68.66 28.02 -22.30
CA ALA B 416 -69.55 27.50 -23.33
C ALA B 416 -70.67 28.45 -23.70
N PRO B 417 -70.41 29.39 -24.63
CA PRO B 417 -71.45 30.22 -25.22
C PRO B 417 -72.39 29.34 -26.04
N LYS B 418 -73.70 29.57 -25.88
CA LYS B 418 -74.70 28.65 -26.41
C LYS B 418 -74.81 28.65 -27.93
N ASP B 419 -74.41 29.76 -28.57
CA ASP B 419 -74.51 29.85 -30.03
C ASP B 419 -73.33 29.16 -30.71
N LEU B 420 -72.68 28.25 -29.99
CA LEU B 420 -71.54 27.52 -30.55
C LEU B 420 -71.78 26.01 -30.56
N THR B 421 -71.17 25.32 -31.50
CA THR B 421 -71.24 23.86 -31.56
C THR B 421 -70.26 23.24 -30.59
N LYS B 422 -70.43 21.94 -30.31
CA LYS B 422 -69.56 21.24 -29.38
C LYS B 422 -68.11 21.25 -29.86
N GLU B 423 -67.91 21.03 -31.15
CA GLU B 423 -66.59 21.07 -31.74
C GLU B 423 -65.98 22.47 -31.59
N GLU B 424 -66.81 23.48 -31.84
CA GLU B 424 -66.38 24.87 -31.73
C GLU B 424 -66.11 25.25 -30.28
N GLN B 425 -66.95 24.76 -29.38
CA GLN B 425 -66.77 25.01 -27.95
C GLN B 425 -65.51 24.37 -27.40
N ASP B 426 -65.18 23.18 -27.91
CA ASP B 426 -63.97 22.49 -27.49
C ASP B 426 -62.73 23.26 -27.92
N ILE B 427 -62.71 23.66 -29.18
CA ILE B 427 -61.60 24.45 -29.72
C ILE B 427 -61.42 25.75 -28.93
N LEU B 428 -62.54 26.35 -28.53
CA LEU B 428 -62.51 27.60 -27.77
C LEU B 428 -61.74 27.45 -26.45
N ASN B 429 -62.18 26.50 -25.62
CA ASN B 429 -61.54 26.26 -24.34
C ASN B 429 -60.07 25.86 -24.49
N GLU B 430 -59.73 25.24 -25.60
CA GLU B 430 -58.34 24.90 -25.90
C GLU B 430 -57.53 26.15 -26.18
N LYS B 431 -58.11 27.08 -26.93
CA LYS B 431 -57.44 28.33 -27.26
C LYS B 431 -57.27 29.21 -26.03
N ILE B 432 -58.22 29.13 -25.11
CA ILE B 432 -58.13 29.87 -23.85
C ILE B 432 -56.95 29.39 -23.03
N SER B 433 -56.72 28.08 -23.02
CA SER B 433 -55.58 27.49 -22.31
C SER B 433 -54.26 28.01 -22.87
N HIS B 434 -54.12 27.97 -24.19
CA HIS B 434 -52.91 28.46 -24.85
CA HIS B 434 -52.90 28.45 -24.83
C HIS B 434 -52.64 29.92 -24.52
N ARG B 435 -53.72 30.68 -24.40
CA ARG B 435 -53.63 32.12 -24.13
C ARG B 435 -53.05 32.43 -22.75
N ILE B 436 -53.53 31.74 -21.72
CA ILE B 436 -53.10 32.01 -20.36
C ILE B 436 -51.70 31.45 -20.07
N LEU B 437 -51.30 30.43 -20.82
CA LEU B 437 -49.96 29.88 -20.66
C LEU B 437 -48.88 30.85 -21.15
N GLU B 438 -49.12 31.48 -22.29
CA GLU B 438 -48.14 32.42 -22.84
C GLU B 438 -48.22 33.74 -22.10
N SER B 439 -49.32 33.94 -21.38
CA SER B 439 -49.45 35.13 -20.54
C SER B 439 -48.43 35.01 -19.41
N GLY B 440 -48.15 33.77 -19.00
CA GLY B 440 -47.14 33.50 -18.00
C GLY B 440 -47.69 33.65 -16.60
N TYR B 441 -48.95 34.05 -16.50
CA TYR B 441 -49.57 34.30 -15.20
C TYR B 441 -49.92 33.00 -14.49
N ALA B 442 -50.35 32.00 -15.26
CA ALA B 442 -50.75 30.72 -14.68
C ALA B 442 -50.58 29.57 -15.67
N ALA B 443 -50.59 28.36 -15.15
CA ALA B 443 -50.50 27.16 -15.98
C ALA B 443 -51.80 26.36 -15.91
N ILE B 444 -52.56 26.39 -17.00
CA ILE B 444 -53.82 25.64 -17.06
C ILE B 444 -53.94 24.91 -18.40
N PHE B 445 -53.98 23.59 -18.33
CA PHE B 445 -54.12 22.76 -19.52
C PHE B 445 -55.52 22.18 -19.61
N THR B 446 -55.79 21.47 -20.71
CA THR B 446 -57.11 20.89 -20.91
C THR B 446 -57.12 19.38 -20.71
N THR B 447 -58.31 18.87 -20.43
CA THR B 447 -58.55 17.43 -20.36
C THR B 447 -59.93 17.16 -20.94
N VAL B 448 -60.31 15.89 -21.06
CA VAL B 448 -61.62 15.56 -21.58
C VAL B 448 -62.49 14.98 -20.48
N LEU B 449 -63.72 15.46 -20.40
CA LEU B 449 -64.64 15.05 -19.35
C LEU B 449 -66.08 15.05 -19.88
N ASN B 450 -66.73 13.89 -19.79
CA ASN B 450 -68.07 13.71 -20.33
C ASN B 450 -68.14 14.06 -21.80
N GLY B 451 -67.08 13.74 -22.53
CA GLY B 451 -67.04 13.97 -23.97
C GLY B 451 -66.85 15.44 -24.33
N LYS B 452 -66.36 16.22 -23.37
CA LYS B 452 -66.15 17.65 -23.59
C LYS B 452 -64.74 18.08 -23.20
N THR B 453 -64.11 18.89 -24.04
CA THR B 453 -62.82 19.46 -23.70
C THR B 453 -63.00 20.49 -22.59
N VAL B 454 -62.26 20.31 -21.50
CA VAL B 454 -62.51 21.07 -20.28
C VAL B 454 -61.24 21.63 -19.67
N LEU B 455 -61.35 22.82 -19.09
CA LEU B 455 -60.27 23.41 -18.32
C LEU B 455 -60.24 22.80 -16.93
N ARG B 456 -59.05 22.52 -16.42
CA ARG B 456 -58.91 21.89 -15.11
C ARG B 456 -57.99 22.67 -14.19
N ILE B 457 -58.37 22.75 -12.91
CA ILE B 457 -57.54 23.42 -11.92
C ILE B 457 -57.23 22.52 -10.71
N CYS B 458 -55.94 22.37 -10.42
CA CYS B 458 -55.51 21.70 -9.20
C CYS B 458 -54.57 22.61 -8.43
N ALA B 459 -55.06 23.20 -7.34
CA ALA B 459 -54.29 24.16 -6.57
C ALA B 459 -53.98 23.63 -5.17
N ILE B 460 -52.70 23.43 -4.88
CA ILE B 460 -52.27 22.86 -3.61
C ILE B 460 -51.08 23.59 -3.00
N HIS B 461 -50.70 24.72 -3.59
CA HIS B 461 -49.57 25.50 -3.08
C HIS B 461 -49.94 26.33 -1.87
N PRO B 462 -49.20 26.16 -0.76
CA PRO B 462 -49.44 26.82 0.52
C PRO B 462 -49.32 28.33 0.44
N GLU B 463 -48.59 28.84 -0.54
CA GLU B 463 -48.38 30.28 -0.66
C GLU B 463 -49.29 30.91 -1.72
N ALA B 464 -50.34 30.20 -2.09
CA ALA B 464 -51.34 30.74 -3.02
C ALA B 464 -52.49 31.36 -2.25
N THR B 465 -52.96 32.52 -2.71
CA THR B 465 -54.00 33.27 -1.99
C THR B 465 -55.31 33.30 -2.77
N GLN B 466 -56.36 33.80 -2.12
CA GLN B 466 -57.66 33.95 -2.75
C GLN B 466 -57.57 34.85 -3.99
N GLU B 467 -56.73 35.88 -3.90
CA GLU B 467 -56.53 36.80 -5.01
C GLU B 467 -55.96 36.06 -6.21
N ASP B 468 -55.03 35.14 -5.95
CA ASP B 468 -54.46 34.30 -7.00
C ASP B 468 -55.55 33.57 -7.80
N MET B 469 -56.51 33.00 -7.09
CA MET B 469 -57.60 32.26 -7.71
C MET B 469 -58.58 33.19 -8.39
N GLN B 470 -58.89 34.30 -7.72
CA GLN B 470 -59.83 35.28 -8.26
C GLN B 470 -59.29 35.92 -9.53
N HIS B 471 -58.01 36.28 -9.49
CA HIS B 471 -57.37 36.95 -10.63
C HIS B 471 -57.24 36.00 -11.83
N THR B 472 -57.05 34.72 -11.57
CA THR B 472 -56.94 33.73 -12.64
C THR B 472 -58.26 33.56 -13.39
N ILE B 473 -59.35 33.41 -12.63
CA ILE B 473 -60.67 33.27 -13.22
C ILE B 473 -61.06 34.53 -14.00
N ASP B 474 -60.77 35.69 -13.44
CA ASP B 474 -61.01 36.96 -14.13
C ASP B 474 -60.23 37.02 -15.43
N LEU B 475 -59.01 36.48 -15.42
CA LEU B 475 -58.18 36.46 -16.61
C LEU B 475 -58.71 35.47 -17.64
N LEU B 476 -59.21 34.33 -17.17
CA LEU B 476 -59.77 33.32 -18.06
C LEU B 476 -61.06 33.81 -18.70
N ASP B 477 -61.91 34.41 -17.88
CA ASP B 477 -63.17 34.97 -18.35
C ASP B 477 -62.88 36.08 -19.34
N GLN B 478 -61.86 36.87 -19.05
CA GLN B 478 -61.47 37.92 -19.98
C GLN B 478 -61.09 37.27 -21.30
N TYR B 479 -60.22 36.27 -21.24
CA TYR B 479 -59.79 35.52 -22.42
C TYR B 479 -60.95 34.85 -23.15
N GLY B 480 -61.95 34.41 -22.39
CA GLY B 480 -63.11 33.75 -22.94
C GLY B 480 -63.93 34.64 -23.86
N ARG B 481 -64.26 35.84 -23.41
CA ARG B 481 -65.09 36.73 -24.22
C ARG B 481 -64.32 37.38 -25.37
N GLU B 482 -63.00 37.32 -25.31
CA GLU B 482 -62.15 37.86 -26.36
C GLU B 482 -62.00 36.91 -27.55
N ILE B 483 -61.73 35.65 -27.26
CA ILE B 483 -61.58 34.66 -28.31
C ILE B 483 -62.96 34.36 -28.92
N TYR B 484 -64.00 34.43 -28.10
CA TYR B 484 -65.37 34.23 -28.56
C TYR B 484 -65.78 35.27 -29.59
N THR B 485 -65.30 36.50 -29.39
CA THR B 485 -65.63 37.61 -30.28
C THR B 485 -64.89 37.50 -31.61
N GLU B 486 -63.75 36.84 -31.60
CA GLU B 486 -62.93 36.68 -32.79
C GLU B 486 -63.61 35.74 -33.78
N MET B 487 -64.45 34.85 -33.25
CA MET B 487 -65.15 33.87 -34.09
C MET B 487 -66.35 34.49 -34.81
N LYS B 488 -66.86 33.78 -35.80
CA LYS B 488 -67.95 34.26 -36.65
C LYS B 488 -67.53 35.50 -37.43
N LYS B 489 -66.74 35.29 -38.49
CA LYS B 489 -66.28 36.37 -39.35
C LYS B 489 -66.65 36.12 -40.80
N THR C 16 41.34 2.85 39.72
CA THR C 16 41.57 4.28 39.77
C THR C 16 40.27 5.06 39.73
N GLU C 17 40.30 6.30 40.22
CA GLU C 17 39.12 7.15 40.26
C GLU C 17 38.63 7.45 38.84
N TYR C 18 39.32 6.90 37.85
CA TYR C 18 38.95 7.11 36.45
C TYR C 18 38.21 5.90 35.89
N ILE C 19 38.45 4.74 36.48
CA ILE C 19 37.80 3.51 36.04
C ILE C 19 36.33 3.48 36.46
N LEU C 20 35.46 3.12 35.52
CA LEU C 20 34.03 3.05 35.79
C LEU C 20 33.65 1.71 36.39
N ASN C 21 32.94 1.75 37.52
CA ASN C 21 32.52 0.53 38.20
C ASN C 21 31.26 0.00 37.55
N SER C 22 30.84 -1.20 37.94
CA SER C 22 29.73 -1.89 37.28
C SER C 22 28.44 -1.08 37.31
N THR C 23 28.30 -0.24 38.33
CA THR C 23 27.11 0.60 38.47
C THR C 23 27.24 1.88 37.62
N GLN C 24 28.44 2.42 37.57
CA GLN C 24 28.71 3.61 36.76
C GLN C 24 28.57 3.32 35.27
N LEU C 25 29.06 2.16 34.85
CA LEU C 25 28.97 1.74 33.46
C LEU C 25 27.51 1.58 33.02
N GLU C 26 26.77 0.80 33.78
CA GLU C 26 25.38 0.49 33.45
C GLU C 26 24.50 1.73 33.34
N GLU C 27 24.79 2.73 34.15
CA GLU C 27 24.00 3.97 34.14
C GLU C 27 24.38 4.86 32.97
N ALA C 28 25.67 4.88 32.65
CA ALA C 28 26.15 5.65 31.50
C ALA C 28 25.56 5.09 30.22
N ILE C 29 25.47 3.77 30.13
CA ILE C 29 24.89 3.10 28.96
C ILE C 29 23.40 3.38 28.84
N LYS C 30 22.65 3.13 29.91
CA LYS C 30 21.21 3.35 29.90
C LYS C 30 20.87 4.81 29.61
N SER C 31 21.71 5.72 30.10
CA SER C 31 21.52 7.14 29.85
C SER C 31 21.56 7.43 28.36
N PHE C 32 22.53 6.83 27.67
CA PHE C 32 22.68 7.02 26.24
C PHE C 32 21.59 6.30 25.45
N VAL C 33 21.34 5.03 25.78
CA VAL C 33 20.33 4.24 25.11
C VAL C 33 18.96 4.93 25.17
N HIS C 34 18.66 5.53 26.32
CA HIS C 34 17.41 6.24 26.51
C HIS C 34 17.34 7.49 25.66
N ASP C 35 18.39 8.31 25.72
CA ASP C 35 18.41 9.59 25.00
C ASP C 35 18.43 9.40 23.49
N PHE C 36 19.01 8.30 23.02
CA PHE C 36 19.10 8.03 21.59
C PHE C 36 17.78 7.55 21.01
N CYS C 37 17.15 6.60 21.68
CA CYS C 37 15.87 6.04 21.24
C CYS C 37 14.83 7.14 21.05
N ALA C 38 14.82 8.09 21.98
CA ALA C 38 13.92 9.24 21.90
C ALA C 38 14.23 10.08 20.66
N GLU C 39 15.51 10.33 20.43
CA GLU C 39 15.96 11.13 19.29
C GLU C 39 15.66 10.47 17.95
N LYS C 40 15.90 9.16 17.87
CA LYS C 40 15.70 8.43 16.61
C LYS C 40 14.23 8.15 16.35
N HIS C 41 13.41 8.28 17.39
CA HIS C 41 11.97 8.09 17.27
C HIS C 41 11.35 9.18 16.40
N GLU C 42 12.02 10.33 16.33
CA GLU C 42 11.52 11.48 15.59
C GLU C 42 12.26 11.69 14.27
N ILE C 43 12.75 10.60 13.68
CA ILE C 43 13.63 10.70 12.52
C ILE C 43 12.96 11.23 11.25
N HIS C 44 11.68 10.91 11.03
CA HIS C 44 10.98 11.37 9.84
C HIS C 44 10.76 12.88 9.83
N ASP C 45 11.03 13.52 10.96
CA ASP C 45 10.83 14.96 11.08
C ASP C 45 12.14 15.63 11.46
N GLN C 46 13.23 15.08 10.94
CA GLN C 46 14.57 15.59 11.20
C GLN C 46 15.28 15.77 9.87
N PRO C 47 16.09 16.83 9.75
CA PRO C 47 16.85 17.04 8.52
C PRO C 47 17.79 15.86 8.24
N VAL C 48 17.79 15.37 7.02
CA VAL C 48 18.60 14.21 6.66
C VAL C 48 20.08 14.55 6.77
N VAL C 49 20.43 15.78 6.42
CA VAL C 49 21.80 16.25 6.53
C VAL C 49 21.91 17.41 7.51
N VAL C 50 22.77 17.26 8.52
CA VAL C 50 23.03 18.31 9.49
C VAL C 50 24.43 18.86 9.30
N GLU C 51 24.52 20.04 8.67
CA GLU C 51 25.81 20.64 8.36
C GLU C 51 26.56 21.08 9.61
N ALA C 52 27.86 20.82 9.63
CA ALA C 52 28.74 21.30 10.69
C ALA C 52 29.23 22.70 10.37
N LYS C 53 29.35 23.54 11.40
CA LYS C 53 29.79 24.92 11.21
C LYS C 53 31.25 25.00 10.74
N GLU C 54 31.68 26.20 10.36
CA GLU C 54 32.99 26.40 9.77
C GLU C 54 34.15 26.29 10.77
N HIS C 55 33.85 26.43 12.05
CA HIS C 55 34.89 26.40 13.08
CA HIS C 55 34.89 26.39 13.07
C HIS C 55 34.77 25.16 13.97
N GLN C 56 34.01 24.18 13.51
CA GLN C 56 33.78 22.97 14.28
C GLN C 56 35.00 22.05 14.27
N GLU C 57 35.75 22.10 13.18
CA GLU C 57 36.95 21.29 13.05
C GLU C 57 38.01 21.71 14.07
N ASP C 58 38.12 23.00 14.31
CA ASP C 58 39.10 23.52 15.25
C ASP C 58 38.69 23.24 16.69
N LYS C 59 37.39 23.15 16.93
CA LYS C 59 36.86 22.83 18.25
C LYS C 59 37.26 21.41 18.66
N ILE C 60 37.27 20.51 17.69
CA ILE C 60 37.63 19.12 17.94
C ILE C 60 39.14 18.96 18.11
N LYS C 61 39.91 19.70 17.34
CA LYS C 61 41.37 19.60 17.38
C LYS C 61 41.97 20.08 18.69
N GLN C 62 41.20 20.82 19.46
CA GLN C 62 41.69 21.39 20.72
C GLN C 62 41.45 20.51 21.94
N ILE C 63 40.64 19.46 21.77
CA ILE C 63 40.32 18.58 22.89
C ILE C 63 41.54 17.78 23.30
N LYS C 64 42.32 17.35 22.31
CA LYS C 64 43.58 16.65 22.55
C LYS C 64 43.40 15.32 23.29
N ILE C 65 44.47 14.53 23.38
CA ILE C 65 44.45 13.29 24.13
C ILE C 65 45.00 13.51 25.55
N PRO C 66 44.11 13.37 26.55
CA PRO C 66 44.40 13.71 27.95
C PRO C 66 45.23 12.65 28.67
N GLU C 67 46.07 13.10 29.60
CA GLU C 67 46.85 12.20 30.44
C GLU C 67 45.98 11.65 31.58
N LYS C 68 45.15 12.52 32.14
CA LYS C 68 44.20 12.12 33.18
C LYS C 68 42.81 11.91 32.60
N GLY C 69 42.07 10.98 33.17
CA GLY C 69 40.73 10.64 32.69
C GLY C 69 39.72 11.76 32.84
N ARG C 70 38.55 11.57 32.24
CA ARG C 70 37.47 12.54 32.29
C ARG C 70 36.15 11.88 32.70
N PRO C 71 35.23 12.67 33.27
CA PRO C 71 33.90 12.15 33.62
C PRO C 71 33.20 11.53 32.42
N VAL C 72 32.75 10.29 32.56
CA VAL C 72 32.22 9.53 31.43
C VAL C 72 31.04 10.23 30.74
N ASN C 73 30.07 10.68 31.52
CA ASN C 73 28.88 11.30 30.95
C ASN C 73 29.19 12.66 30.33
N GLU C 74 30.34 13.22 30.69
CA GLU C 74 30.79 14.47 30.09
C GLU C 74 31.38 14.21 28.71
N VAL C 75 32.13 13.12 28.59
CA VAL C 75 32.73 12.74 27.32
C VAL C 75 31.69 12.24 26.33
N VAL C 76 30.74 11.45 26.83
CA VAL C 76 29.65 10.93 26.01
C VAL C 76 28.85 12.05 25.35
N SER C 77 28.44 13.03 26.15
CA SER C 77 27.66 14.16 25.65
C SER C 77 28.47 14.99 24.66
N GLU C 78 29.77 15.04 24.88
CA GLU C 78 30.68 15.77 23.99
C GLU C 78 30.68 15.16 22.59
N MET C 79 30.62 13.84 22.53
CA MET C 79 30.61 13.14 21.25
C MET C 79 29.25 13.24 20.56
N MET C 80 28.19 13.22 21.36
CA MET C 80 26.84 13.33 20.82
C MET C 80 26.58 14.72 20.26
N ASN C 81 27.21 15.73 20.86
CA ASN C 81 26.95 17.12 20.50
C ASN C 81 27.95 17.71 19.52
N GLU C 82 29.15 17.14 19.45
CA GLU C 82 30.21 17.74 18.65
C GLU C 82 30.78 16.83 17.58
N VAL C 83 30.33 15.57 17.56
CA VAL C 83 30.85 14.60 16.61
C VAL C 83 29.74 13.88 15.84
N TYR C 84 28.92 13.14 16.58
CA TYR C 84 27.87 12.33 15.96
C TYR C 84 26.76 13.17 15.32
N ARG C 85 26.58 14.40 15.81
CA ARG C 85 25.48 15.24 15.35
C ARG C 85 25.61 15.62 13.89
N TYR C 86 26.83 15.99 13.48
CA TYR C 86 27.08 16.47 12.14
C TYR C 86 27.34 15.31 11.18
N ARG C 87 26.33 14.98 10.39
CA ARG C 87 26.36 13.78 9.56
C ARG C 87 25.36 13.82 8.41
N GLY C 88 25.52 12.90 7.48
CA GLY C 88 24.50 12.62 6.47
C GLY C 88 23.86 11.29 6.82
N ASP C 89 22.81 11.33 7.64
CA ASP C 89 22.22 10.11 8.18
C ASP C 89 21.66 9.21 7.09
N ALA C 90 22.34 8.11 6.82
CA ALA C 90 21.91 7.14 5.81
C ALA C 90 20.87 6.19 6.39
N ASN C 91 20.55 6.38 7.67
CA ASN C 91 19.47 5.64 8.31
C ASN C 91 18.14 6.32 8.08
N HIS C 92 18.21 7.56 7.59
CA HIS C 92 17.01 8.35 7.32
C HIS C 92 16.25 7.78 6.13
N PRO C 93 14.92 7.67 6.26
CA PRO C 93 14.04 7.12 5.21
C PRO C 93 14.07 7.93 3.91
N ARG C 94 14.57 9.16 3.98
CA ARG C 94 14.68 9.99 2.79
C ARG C 94 16.13 10.23 2.40
N PHE C 95 16.99 9.28 2.77
CA PHE C 95 18.36 9.24 2.28
C PHE C 95 18.39 8.39 1.02
N PHE C 96 18.51 9.03 -0.14
CA PHE C 96 18.37 8.33 -1.41
C PHE C 96 19.69 8.25 -2.18
N SER C 97 20.80 8.50 -1.51
CA SER C 97 22.09 8.58 -2.20
C SER C 97 22.96 7.33 -2.01
N PHE C 98 23.79 7.05 -3.00
CA PHE C 98 24.71 5.91 -2.96
C PHE C 98 23.96 4.62 -2.64
N VAL C 99 24.39 3.95 -1.58
CA VAL C 99 23.63 2.84 -1.03
C VAL C 99 23.34 3.10 0.44
N PRO C 100 22.10 3.49 0.76
CA PRO C 100 21.72 3.87 2.12
C PRO C 100 21.85 2.71 3.11
N GLY C 101 21.90 3.04 4.40
CA GLY C 101 22.00 2.02 5.42
C GLY C 101 20.83 2.05 6.38
N PRO C 102 19.66 1.61 5.92
CA PRO C 102 18.47 1.53 6.77
C PRO C 102 18.56 0.33 7.71
N ALA C 103 19.51 0.38 8.62
CA ALA C 103 19.76 -0.73 9.53
C ALA C 103 18.61 -0.94 10.51
N SER C 104 18.21 -2.20 10.67
CA SER C 104 17.18 -2.55 11.65
C SER C 104 17.66 -2.26 13.06
N SER C 105 16.73 -1.98 13.96
CA SER C 105 17.07 -1.74 15.36
C SER C 105 17.53 -3.04 16.00
N VAL C 106 17.05 -4.17 15.46
CA VAL C 106 17.46 -5.48 15.94
C VAL C 106 18.93 -5.73 15.68
N SER C 107 19.43 -5.21 14.56
CA SER C 107 20.84 -5.33 14.22
C SER C 107 21.69 -4.61 15.26
N TRP C 108 21.23 -3.43 15.67
CA TRP C 108 21.90 -2.66 16.71
C TRP C 108 21.97 -3.46 18.01
N LEU C 109 20.88 -4.14 18.34
CA LEU C 109 20.83 -5.00 19.52
C LEU C 109 21.87 -6.10 19.41
N GLY C 110 22.03 -6.63 18.19
CA GLY C 110 23.02 -7.66 17.93
C GLY C 110 24.44 -7.17 18.18
N ASP C 111 24.70 -5.92 17.78
CA ASP C 111 26.01 -5.32 18.00
C ASP C 111 26.30 -5.16 19.48
N ILE C 112 25.30 -4.78 20.25
CA ILE C 112 25.46 -4.58 21.69
C ILE C 112 25.79 -5.90 22.38
N MET C 113 25.09 -6.96 22.00
CA MET C 113 25.33 -8.29 22.57
C MET C 113 26.70 -8.82 22.15
N THR C 114 26.98 -8.76 20.85
CA THR C 114 28.24 -9.26 20.31
C THR C 114 29.44 -8.54 20.92
N SER C 115 29.36 -7.21 20.97
CA SER C 115 30.44 -6.40 21.50
C SER C 115 30.62 -6.57 23.01
N ALA C 116 29.55 -6.96 23.69
CA ALA C 116 29.59 -7.14 25.13
C ALA C 116 30.45 -8.35 25.51
N TYR C 117 30.07 -9.51 25.01
CA TYR C 117 30.82 -10.74 25.28
C TYR C 117 32.22 -10.66 24.69
N ASN C 118 32.35 -9.89 23.61
CA ASN C 118 33.62 -9.72 22.91
C ASN C 118 34.28 -11.06 22.59
N ILE C 119 33.46 -12.03 22.18
CA ILE C 119 33.98 -13.35 21.84
C ILE C 119 34.87 -13.27 20.61
N HIS C 120 36.03 -13.92 20.69
CA HIS C 120 36.95 -13.95 19.56
C HIS C 120 36.45 -14.94 18.50
N ALA C 121 35.76 -14.42 17.50
CA ALA C 121 35.29 -15.23 16.39
C ALA C 121 36.44 -15.46 15.42
N GLY C 122 36.14 -16.04 14.26
CA GLY C 122 37.18 -16.40 13.32
C GLY C 122 38.02 -17.53 13.88
N GLY C 123 37.34 -18.48 14.52
CA GLY C 123 37.98 -19.61 15.17
C GLY C 123 36.91 -20.44 15.84
N SER C 124 37.03 -21.76 15.78
CA SER C 124 35.93 -22.63 16.17
C SER C 124 36.03 -23.16 17.59
N LYS C 125 37.20 -23.66 17.96
CA LYS C 125 37.37 -24.30 19.27
C LYS C 125 37.11 -23.34 20.43
N LEU C 126 37.43 -22.06 20.24
CA LEU C 126 37.28 -21.08 21.30
C LEU C 126 35.85 -20.53 21.36
N ALA C 127 35.07 -20.79 20.33
CA ALA C 127 33.68 -20.35 20.29
C ALA C 127 32.88 -21.23 19.31
N PRO C 128 32.63 -22.47 19.71
CA PRO C 128 32.03 -23.49 18.84
C PRO C 128 30.61 -23.17 18.39
N MET C 129 29.80 -22.60 19.29
CA MET C 129 28.41 -22.30 18.95
C MET C 129 28.28 -20.97 18.24
N VAL C 130 29.23 -20.07 18.50
CA VAL C 130 29.29 -18.81 17.77
C VAL C 130 29.57 -19.09 16.30
N ASN C 131 30.51 -20.00 16.07
CA ASN C 131 30.85 -20.42 14.71
C ASN C 131 29.72 -21.21 14.07
N CYS C 132 29.01 -21.98 14.89
CA CYS C 132 27.89 -22.79 14.40
C CYS C 132 26.77 -21.89 13.92
N ILE C 133 26.54 -20.79 14.63
CA ILE C 133 25.52 -19.82 14.25
C ILE C 133 25.83 -19.20 12.90
N GLU C 134 27.08 -18.75 12.72
CA GLU C 134 27.50 -18.13 11.47
C GLU C 134 27.41 -19.07 10.28
N GLN C 135 27.82 -20.31 10.47
CA GLN C 135 27.80 -21.30 9.39
C GLN C 135 26.38 -21.65 8.97
N GLU C 136 25.45 -21.59 9.93
CA GLU C 136 24.04 -21.85 9.63
C GLU C 136 23.48 -20.78 8.70
N VAL C 137 23.82 -19.52 8.97
CA VAL C 137 23.40 -18.42 8.12
C VAL C 137 24.06 -18.51 6.75
N LEU C 138 25.36 -18.84 6.75
CA LEU C 138 26.12 -18.96 5.51
C LEU C 138 25.58 -20.08 4.63
N LYS C 139 25.19 -21.19 5.25
CA LYS C 139 24.61 -22.31 4.52
C LYS C 139 23.26 -21.90 3.94
N TRP C 140 22.50 -21.13 4.72
CA TRP C 140 21.19 -20.67 4.30
C TRP C 140 21.31 -19.70 3.12
N LEU C 141 22.25 -18.76 3.22
CA LEU C 141 22.49 -17.80 2.14
C LEU C 141 22.97 -18.52 0.88
N ALA C 142 23.78 -19.56 1.07
CA ALA C 142 24.31 -20.33 -0.04
C ALA C 142 23.18 -21.06 -0.76
N LYS C 143 22.17 -21.45 0.00
CA LYS C 143 21.00 -22.10 -0.57
C LYS C 143 20.23 -21.14 -1.46
N GLN C 144 20.17 -19.88 -1.05
CA GLN C 144 19.46 -18.86 -1.81
C GLN C 144 20.19 -18.57 -3.12
N VAL C 145 21.52 -18.67 -3.08
CA VAL C 145 22.33 -18.44 -4.27
C VAL C 145 22.16 -19.55 -5.29
N GLY C 146 22.09 -20.79 -4.81
CA GLY C 146 21.95 -21.94 -5.68
C GLY C 146 23.09 -22.94 -5.53
N PHE C 147 23.91 -22.76 -4.50
CA PHE C 147 25.01 -23.67 -4.21
C PHE C 147 24.52 -24.85 -3.38
N THR C 148 24.50 -26.04 -3.99
CA THR C 148 23.85 -27.19 -3.37
C THR C 148 24.80 -28.32 -2.97
N GLU C 149 26.02 -28.29 -3.50
CA GLU C 149 26.98 -29.37 -3.24
C GLU C 149 27.77 -29.16 -1.95
N ASN C 150 28.88 -28.45 -2.05
CA ASN C 150 29.75 -28.22 -0.90
C ASN C 150 30.23 -26.77 -0.81
N PRO C 151 29.31 -25.86 -0.49
CA PRO C 151 29.60 -24.42 -0.42
C PRO C 151 30.43 -24.05 0.80
N GLY C 152 30.73 -22.76 0.94
CA GLY C 152 31.49 -22.25 2.07
C GLY C 152 31.48 -20.75 2.04
N GLY C 153 31.81 -20.12 3.17
CA GLY C 153 31.81 -18.67 3.23
C GLY C 153 32.36 -18.09 4.52
N VAL C 154 32.49 -16.77 4.55
CA VAL C 154 33.01 -16.06 5.69
C VAL C 154 32.38 -14.68 5.80
N PHE C 155 32.01 -14.29 7.01
CA PHE C 155 31.49 -12.95 7.25
C PHE C 155 32.63 -11.93 7.30
N VAL C 156 32.77 -11.17 6.22
CA VAL C 156 33.82 -10.16 6.12
C VAL C 156 33.28 -8.78 6.48
N SER C 157 34.18 -7.80 6.56
CA SER C 157 33.82 -6.47 7.02
C SER C 157 33.02 -5.71 5.96
N GLY C 158 33.48 -5.79 4.72
CA GLY C 158 32.82 -5.13 3.61
C GLY C 158 32.78 -5.98 2.36
N GLY C 159 32.06 -5.48 1.35
CA GLY C 159 32.00 -6.15 0.07
C GLY C 159 33.31 -6.00 -0.69
N SER C 160 34.04 -4.94 -0.39
CA SER C 160 35.37 -4.74 -0.95
C SER C 160 36.30 -5.85 -0.48
N MET C 161 36.17 -6.20 0.79
CA MET C 161 36.92 -7.33 1.35
C MET C 161 36.33 -8.63 0.86
N ALA C 162 35.04 -8.60 0.53
CA ALA C 162 34.36 -9.75 -0.04
C ALA C 162 34.89 -10.04 -1.44
N ASN C 163 35.12 -8.97 -2.20
CA ASN C 163 35.64 -9.11 -3.55
C ASN C 163 37.10 -9.57 -3.57
N ILE C 164 37.92 -8.97 -2.72
CA ILE C 164 39.33 -9.34 -2.63
C ILE C 164 39.49 -10.77 -2.18
N THR C 165 38.63 -11.21 -1.26
CA THR C 165 38.66 -12.59 -0.79
C THR C 165 38.31 -13.57 -1.90
N ALA C 166 37.24 -13.29 -2.62
CA ALA C 166 36.78 -14.16 -3.70
C ALA C 166 37.76 -14.18 -4.87
N LEU C 167 38.26 -13.02 -5.25
CA LEU C 167 39.16 -12.91 -6.40
C LEU C 167 40.51 -13.54 -6.12
N THR C 168 40.92 -13.56 -4.85
CA THR C 168 42.17 -14.21 -4.47
C THR C 168 42.04 -15.72 -4.66
N ALA C 169 40.88 -16.26 -4.29
CA ALA C 169 40.61 -17.67 -4.48
C ALA C 169 40.57 -18.01 -5.97
N ALA C 170 40.04 -17.07 -6.75
CA ALA C 170 39.98 -17.23 -8.20
C ALA C 170 41.37 -17.26 -8.81
N ARG C 171 42.22 -16.34 -8.37
CA ARG C 171 43.59 -16.25 -8.87
C ARG C 171 44.38 -17.52 -8.57
N ASP C 172 44.27 -17.99 -7.33
CA ASP C 172 45.04 -19.14 -6.88
C ASP C 172 44.50 -20.44 -7.46
N ASN C 173 43.28 -20.41 -7.96
CA ASN C 173 42.64 -21.60 -8.52
C ASN C 173 42.96 -21.80 -10.00
N LYS C 174 43.14 -20.69 -10.71
CA LYS C 174 43.32 -20.74 -12.17
C LYS C 174 44.76 -20.45 -12.58
N LEU C 175 45.56 -19.98 -11.65
CA LEU C 175 46.95 -19.63 -11.96
C LEU C 175 47.93 -20.31 -11.00
N THR C 176 49.20 -20.33 -11.40
CA THR C 176 50.25 -20.91 -10.57
C THR C 176 51.26 -19.83 -10.18
N ASP C 177 52.27 -20.22 -9.40
CA ASP C 177 53.27 -19.28 -8.93
C ASP C 177 54.24 -18.87 -10.03
N ILE C 178 54.08 -19.44 -11.22
CA ILE C 178 55.03 -19.22 -12.31
C ILE C 178 54.41 -18.42 -13.45
N ASN C 179 53.08 -18.51 -13.59
CA ASN C 179 52.40 -17.88 -14.71
C ASN C 179 51.36 -16.84 -14.31
N LEU C 180 51.27 -16.57 -13.01
CA LEU C 180 50.19 -15.72 -12.48
C LEU C 180 50.30 -14.27 -12.94
N HIS C 181 51.46 -13.90 -13.47
CA HIS C 181 51.65 -12.53 -13.96
C HIS C 181 51.12 -12.39 -15.38
N LEU C 182 50.55 -13.48 -15.91
CA LEU C 182 49.97 -13.47 -17.24
C LEU C 182 48.44 -13.48 -17.17
N GLY C 183 47.91 -13.44 -15.95
CA GLY C 183 46.48 -13.48 -15.73
C GLY C 183 45.77 -12.20 -16.12
N THR C 184 44.62 -12.33 -16.78
CA THR C 184 43.81 -11.17 -17.15
C THR C 184 42.41 -11.29 -16.56
N ALA C 185 41.88 -10.17 -16.08
CA ALA C 185 40.54 -10.13 -15.49
C ALA C 185 39.63 -9.26 -16.37
N TYR C 186 38.32 -9.52 -16.29
CA TYR C 186 37.38 -8.84 -17.18
C TYR C 186 36.17 -8.28 -16.44
N ILE C 187 35.97 -6.97 -16.59
CA ILE C 187 34.85 -6.26 -15.98
C ILE C 187 34.09 -5.43 -17.02
N SER C 188 33.15 -4.63 -16.55
CA SER C 188 32.42 -3.72 -17.43
C SER C 188 32.68 -2.28 -17.01
N ASP C 189 32.20 -1.33 -17.81
CA ASP C 189 32.38 0.08 -17.51
C ASP C 189 31.44 0.54 -16.40
N GLN C 190 30.57 -0.36 -15.97
CA GLN C 190 29.62 -0.06 -14.90
C GLN C 190 29.96 -0.81 -13.61
N THR C 191 30.93 -1.70 -13.68
CA THR C 191 31.41 -2.42 -12.51
C THR C 191 31.95 -1.45 -11.47
N HIS C 192 31.70 -1.75 -10.19
CA HIS C 192 32.14 -0.88 -9.10
C HIS C 192 33.66 -0.81 -9.04
N SER C 193 34.16 0.35 -8.63
CA SER C 193 35.60 0.62 -8.64
C SER C 193 36.40 -0.33 -7.76
N SER C 194 35.74 -0.85 -6.72
CA SER C 194 36.42 -1.68 -5.73
C SER C 194 36.89 -3.01 -6.33
N VAL C 195 36.30 -3.41 -7.44
CA VAL C 195 36.67 -4.64 -8.11
C VAL C 195 38.05 -4.53 -8.74
N ALA C 196 38.25 -3.48 -9.54
CA ALA C 196 39.55 -3.26 -10.17
C ALA C 196 40.60 -2.91 -9.12
N LYS C 197 40.18 -2.19 -8.08
CA LYS C 197 41.06 -1.86 -6.97
C LYS C 197 41.52 -3.11 -6.23
N GLY C 198 40.61 -4.06 -6.08
CA GLY C 198 40.92 -5.33 -5.46
C GLY C 198 41.85 -6.16 -6.32
N LEU C 199 41.64 -6.10 -7.63
CA LEU C 199 42.50 -6.82 -8.57
C LEU C 199 43.92 -6.29 -8.51
N ARG C 200 44.07 -4.98 -8.42
CA ARG C 200 45.39 -4.36 -8.32
C ARG C 200 46.10 -4.80 -7.05
N ILE C 201 45.35 -4.95 -5.97
CA ILE C 201 45.91 -5.34 -4.68
C ILE C 201 46.47 -6.76 -4.73
N ILE C 202 45.75 -7.66 -5.39
CA ILE C 202 46.18 -9.05 -5.45
C ILE C 202 47.17 -9.31 -6.59
N GLY C 203 47.68 -8.23 -7.18
CA GLY C 203 48.77 -8.35 -8.14
C GLY C 203 48.40 -8.23 -9.61
N ILE C 204 47.11 -8.10 -9.90
CA ILE C 204 46.68 -7.92 -11.27
C ILE C 204 46.75 -6.45 -11.68
N THR C 205 47.77 -6.10 -12.45
CA THR C 205 47.99 -4.72 -12.86
C THR C 205 46.90 -4.25 -13.81
N ASP C 206 46.78 -2.93 -13.96
CA ASP C 206 45.76 -2.35 -14.82
C ASP C 206 45.89 -2.81 -16.28
N SER C 207 47.11 -3.14 -16.68
CA SER C 207 47.38 -3.55 -18.05
C SER C 207 46.82 -4.93 -18.36
N ARG C 208 46.34 -5.62 -17.33
CA ARG C 208 45.74 -6.93 -17.52
C ARG C 208 44.30 -6.97 -17.02
N ILE C 209 43.69 -5.79 -16.89
CA ILE C 209 42.28 -5.68 -16.57
C ILE C 209 41.50 -5.09 -17.74
N ARG C 210 40.59 -5.88 -18.29
CA ARG C 210 39.81 -5.47 -19.46
C ARG C 210 38.46 -4.89 -19.06
N ARG C 211 38.21 -3.66 -19.50
CA ARG C 211 36.95 -2.98 -19.20
C ARG C 211 36.02 -3.04 -20.40
N ILE C 212 35.07 -3.97 -20.35
CA ILE C 212 34.14 -4.19 -21.45
C ILE C 212 32.98 -3.20 -21.45
N PRO C 213 32.68 -2.61 -22.62
CA PRO C 213 31.55 -1.69 -22.80
C PRO C 213 30.21 -2.33 -22.44
N THR C 214 29.23 -1.51 -22.09
CA THR C 214 27.89 -2.01 -21.78
C THR C 214 26.87 -1.50 -22.80
N ASN C 215 25.76 -2.22 -22.92
CA ASN C 215 24.67 -1.83 -23.79
C ASN C 215 23.94 -0.58 -23.28
N SER C 216 22.77 -0.32 -23.83
CA SER C 216 21.97 0.81 -23.40
C SER C 216 21.36 0.57 -22.03
N HIS C 217 21.26 -0.71 -21.65
CA HIS C 217 20.71 -1.08 -20.36
C HIS C 217 21.80 -1.20 -19.30
N PHE C 218 23.00 -0.75 -19.65
CA PHE C 218 24.15 -0.77 -18.75
C PHE C 218 24.50 -2.20 -18.32
N GLN C 219 24.30 -3.13 -19.25
CA GLN C 219 24.68 -4.52 -19.04
C GLN C 219 25.90 -4.85 -19.89
N MET C 220 26.77 -5.72 -19.38
CA MET C 220 27.99 -6.06 -20.10
C MET C 220 27.74 -6.69 -21.47
N ASP C 221 28.43 -6.16 -22.47
CA ASP C 221 28.38 -6.72 -23.82
C ASP C 221 29.19 -8.01 -23.88
N THR C 222 28.50 -9.15 -23.83
CA THR C 222 29.17 -10.45 -23.78
C THR C 222 29.86 -10.79 -25.09
N THR C 223 29.44 -10.14 -26.17
CA THR C 223 30.06 -10.36 -27.47
C THR C 223 31.44 -9.70 -27.53
N LYS C 224 31.52 -8.47 -27.00
CA LYS C 224 32.79 -7.77 -26.92
C LYS C 224 33.67 -8.39 -25.83
N LEU C 225 33.02 -9.01 -24.85
CA LEU C 225 33.73 -9.72 -23.80
C LEU C 225 34.52 -10.89 -24.35
N GLU C 226 33.86 -11.71 -25.16
CA GLU C 226 34.49 -12.90 -25.72
C GLU C 226 35.67 -12.58 -26.63
N GLU C 227 35.53 -11.56 -27.47
CA GLU C 227 36.60 -11.23 -28.41
C GLU C 227 37.78 -10.65 -27.66
N ALA C 228 37.51 -10.03 -26.51
CA ALA C 228 38.57 -9.52 -25.65
C ALA C 228 39.30 -10.69 -25.02
N ILE C 229 38.54 -11.71 -24.62
CA ILE C 229 39.10 -12.93 -24.08
C ILE C 229 39.93 -13.63 -25.14
N GLU C 230 39.37 -13.76 -26.34
CA GLU C 230 40.04 -14.40 -27.47
C GLU C 230 41.35 -13.70 -27.83
N THR C 231 41.31 -12.37 -27.86
CA THR C 231 42.49 -11.58 -28.19
C THR C 231 43.61 -11.80 -27.19
N ASP C 232 43.30 -11.68 -25.91
CA ASP C 232 44.28 -11.85 -24.85
C ASP C 232 44.86 -13.26 -24.85
N LYS C 233 44.01 -14.25 -25.10
CA LYS C 233 44.46 -15.64 -25.12
C LYS C 233 45.40 -15.86 -26.30
N LYS C 234 45.09 -15.25 -27.44
CA LYS C 234 45.94 -15.33 -28.62
C LYS C 234 47.24 -14.56 -28.40
N SER C 235 47.15 -13.48 -27.62
CA SER C 235 48.32 -12.65 -27.32
C SER C 235 49.31 -13.33 -26.40
N GLY C 236 48.82 -14.31 -25.62
CA GLY C 236 49.66 -15.03 -24.70
C GLY C 236 49.27 -14.89 -23.24
N TYR C 237 48.25 -14.07 -22.98
CA TYR C 237 47.73 -13.91 -21.63
C TYR C 237 46.89 -15.12 -21.22
N ILE C 238 46.58 -15.21 -19.94
CA ILE C 238 45.73 -16.30 -19.42
C ILE C 238 44.49 -15.73 -18.74
N PRO C 239 43.39 -15.62 -19.48
CA PRO C 239 42.11 -15.14 -18.94
C PRO C 239 41.61 -16.09 -17.85
N PHE C 240 41.42 -15.59 -16.64
CA PHE C 240 41.12 -16.46 -15.51
C PHE C 240 39.85 -16.08 -14.74
N VAL C 241 39.35 -14.87 -14.94
CA VAL C 241 38.15 -14.46 -14.21
C VAL C 241 37.33 -13.39 -14.91
N VAL C 242 36.01 -13.57 -14.88
CA VAL C 242 35.06 -12.56 -15.31
C VAL C 242 34.19 -12.15 -14.14
N ILE C 243 34.09 -10.85 -13.89
CA ILE C 243 33.27 -10.35 -12.80
C ILE C 243 31.95 -9.82 -13.30
N GLY C 244 30.89 -10.60 -13.13
CA GLY C 244 29.55 -10.16 -13.45
C GLY C 244 28.93 -9.48 -12.25
N THR C 245 28.13 -8.46 -12.48
CA THR C 245 27.51 -7.72 -11.39
C THR C 245 25.99 -7.89 -11.37
N ALA C 246 25.46 -8.22 -10.20
CA ALA C 246 24.03 -8.33 -10.01
C ALA C 246 23.51 -7.17 -9.16
N GLY C 247 23.25 -6.04 -9.81
CA GLY C 247 22.85 -4.84 -9.11
C GLY C 247 23.93 -3.78 -9.14
N THR C 248 24.15 -3.21 -10.32
CA THR C 248 25.14 -2.15 -10.51
C THR C 248 24.94 -0.99 -9.55
N THR C 249 26.04 -0.42 -9.07
CA THR C 249 25.99 0.69 -8.14
C THR C 249 25.24 1.89 -8.70
N ASN C 250 25.43 2.16 -9.98
CA ASN C 250 24.79 3.30 -10.64
C ASN C 250 23.32 3.10 -10.91
N THR C 251 23.00 2.12 -11.76
CA THR C 251 21.64 1.93 -12.24
C THR C 251 20.95 0.70 -11.65
N GLY C 252 21.74 -0.20 -11.07
CA GLY C 252 21.17 -1.41 -10.47
C GLY C 252 20.91 -2.46 -11.52
N SER C 253 21.64 -2.40 -12.63
CA SER C 253 21.47 -3.34 -13.72
C SER C 253 22.06 -4.70 -13.38
N ILE C 254 21.65 -5.72 -14.14
CA ILE C 254 22.14 -7.07 -13.92
C ILE C 254 22.79 -7.60 -15.19
N ASP C 255 24.08 -7.92 -15.10
CA ASP C 255 24.83 -8.48 -16.23
C ASP C 255 24.23 -9.82 -16.65
N PRO C 256 24.39 -10.16 -17.94
CA PRO C 256 23.88 -11.45 -18.44
C PRO C 256 24.58 -12.61 -17.75
N LEU C 257 24.11 -12.97 -16.56
CA LEU C 257 24.74 -14.00 -15.74
C LEU C 257 24.86 -15.31 -16.49
N THR C 258 23.79 -15.71 -17.17
CA THR C 258 23.77 -16.95 -17.91
C THR C 258 24.78 -16.93 -19.06
N GLU C 259 24.80 -15.82 -19.81
CA GLU C 259 25.70 -15.67 -20.94
C GLU C 259 27.16 -15.68 -20.50
N ILE C 260 27.46 -15.02 -19.39
CA ILE C 260 28.83 -14.97 -18.88
C ILE C 260 29.28 -16.34 -18.40
N SER C 261 28.39 -17.06 -17.74
CA SER C 261 28.68 -18.40 -17.26
C SER C 261 29.03 -19.34 -18.41
N ALA C 262 28.30 -19.21 -19.52
CA ALA C 262 28.56 -20.02 -20.70
C ALA C 262 29.97 -19.78 -21.25
N LEU C 263 30.37 -18.52 -21.29
CA LEU C 263 31.69 -18.15 -21.78
C LEU C 263 32.79 -18.64 -20.83
N CYS C 264 32.53 -18.56 -19.53
CA CYS C 264 33.49 -18.97 -18.52
C CYS C 264 33.80 -20.47 -18.61
N LYS C 265 32.77 -21.28 -18.77
CA LYS C 265 32.96 -22.73 -18.91
C LYS C 265 33.72 -23.05 -20.19
N LYS C 266 33.43 -22.31 -21.25
CA LYS C 266 34.08 -22.51 -22.53
C LYS C 266 35.58 -22.21 -22.49
N HIS C 267 35.95 -21.19 -21.73
CA HIS C 267 37.34 -20.72 -21.71
C HIS C 267 38.04 -21.01 -20.38
N ASP C 268 37.47 -21.90 -19.59
CA ASP C 268 38.08 -22.33 -18.33
C ASP C 268 38.40 -21.16 -17.41
N MET C 269 37.40 -20.30 -17.17
CA MET C 269 37.60 -19.13 -16.33
C MET C 269 36.74 -19.17 -15.08
N TRP C 270 37.13 -18.39 -14.08
CA TRP C 270 36.39 -18.28 -12.82
C TRP C 270 35.28 -17.24 -12.98
N PHE C 271 34.07 -17.58 -12.54
CA PHE C 271 32.96 -16.65 -12.59
C PHE C 271 32.66 -16.10 -11.21
N HIS C 272 32.93 -14.81 -11.01
CA HIS C 272 32.60 -14.15 -9.76
C HIS C 272 31.47 -13.15 -9.97
N ILE C 273 30.40 -13.30 -9.20
CA ILE C 273 29.30 -12.36 -9.25
C ILE C 273 29.44 -11.36 -8.11
N ASP C 274 29.58 -10.09 -8.48
CA ASP C 274 29.60 -9.02 -7.49
C ASP C 274 28.17 -8.61 -7.17
N GLY C 275 27.62 -9.25 -6.14
CA GLY C 275 26.26 -9.01 -5.72
C GLY C 275 26.17 -8.35 -4.36
N ALA C 276 27.13 -7.47 -4.09
CA ALA C 276 27.20 -6.75 -2.81
C ALA C 276 25.87 -6.11 -2.47
N TYR C 277 25.19 -5.59 -3.48
CA TYR C 277 23.90 -4.93 -3.30
C TYR C 277 22.71 -5.81 -3.68
N GLY C 278 22.72 -6.30 -4.92
CA GLY C 278 21.55 -6.96 -5.48
C GLY C 278 21.30 -8.39 -5.07
N ALA C 279 22.25 -9.00 -4.36
CA ALA C 279 22.12 -10.40 -3.97
C ALA C 279 20.98 -10.62 -2.97
N SER C 280 20.61 -9.57 -2.27
CA SER C 280 19.54 -9.64 -1.26
C SER C 280 18.18 -9.88 -1.90
N VAL C 281 18.09 -9.59 -3.20
CA VAL C 281 16.86 -9.79 -3.95
C VAL C 281 16.46 -11.26 -4.00
N LEU C 282 17.43 -12.14 -3.75
CA LEU C 282 17.15 -13.57 -3.71
C LEU C 282 16.16 -13.93 -2.60
N LEU C 283 15.99 -13.04 -1.64
CA LEU C 283 15.05 -13.25 -0.55
CA LEU C 283 15.05 -13.25 -0.55
C LEU C 283 13.67 -12.72 -0.89
N SER C 284 13.54 -12.12 -2.07
CA SER C 284 12.26 -11.57 -2.51
C SER C 284 11.55 -12.55 -3.44
N PRO C 285 10.40 -13.07 -3.00
CA PRO C 285 9.56 -13.99 -3.78
C PRO C 285 9.17 -13.42 -5.13
N LYS C 286 8.98 -12.10 -5.18
CA LYS C 286 8.54 -11.42 -6.39
C LYS C 286 9.66 -11.29 -7.44
N TYR C 287 10.84 -10.93 -6.98
CA TYR C 287 11.93 -10.54 -7.89
C TYR C 287 13.13 -11.49 -7.89
N LYS C 288 13.07 -12.59 -7.15
CA LYS C 288 14.20 -13.51 -7.07
C LYS C 288 14.58 -14.04 -8.45
N SER C 289 13.63 -14.00 -9.37
CA SER C 289 13.85 -14.46 -10.74
C SER C 289 14.84 -13.57 -11.47
N LEU C 290 14.92 -12.30 -11.05
CA LEU C 290 15.84 -11.34 -11.66
C LEU C 290 17.29 -11.79 -11.57
N LEU C 291 17.61 -12.54 -10.52
CA LEU C 291 18.96 -13.02 -10.31
C LEU C 291 19.11 -14.49 -10.73
N THR C 292 18.41 -14.87 -11.79
CA THR C 292 18.50 -16.23 -12.30
C THR C 292 19.89 -16.51 -12.86
N GLY C 293 20.54 -17.55 -12.35
CA GLY C 293 21.84 -17.94 -12.84
C GLY C 293 22.99 -17.71 -11.88
N THR C 294 22.69 -17.21 -10.69
CA THR C 294 23.72 -16.94 -9.69
C THR C 294 24.39 -18.24 -9.24
N GLY C 295 23.66 -19.34 -9.32
CA GLY C 295 24.19 -20.63 -8.93
C GLY C 295 25.28 -21.12 -9.87
N LEU C 296 25.37 -20.51 -11.04
CA LEU C 296 26.37 -20.88 -12.03
C LEU C 296 27.74 -20.28 -11.70
N ALA C 297 27.74 -19.26 -10.84
CA ALA C 297 28.97 -18.59 -10.45
C ALA C 297 29.82 -19.46 -9.53
N ASP C 298 31.12 -19.17 -9.49
CA ASP C 298 32.04 -19.88 -8.60
C ASP C 298 32.15 -19.19 -7.25
N SER C 299 31.84 -17.89 -7.24
CA SER C 299 31.86 -17.11 -6.01
C SER C 299 30.94 -15.91 -6.16
N ILE C 300 30.44 -15.40 -5.04
CA ILE C 300 29.55 -14.24 -5.07
C ILE C 300 29.65 -13.43 -3.78
N SER C 301 29.64 -12.11 -3.92
CA SER C 301 29.66 -11.23 -2.77
C SER C 301 28.24 -10.82 -2.39
N TRP C 302 28.05 -10.39 -1.16
CA TRP C 302 26.72 -10.09 -0.65
C TRP C 302 26.84 -9.30 0.66
N ASP C 303 26.46 -8.02 0.61
CA ASP C 303 26.57 -7.15 1.77
C ASP C 303 25.25 -7.12 2.54
N ALA C 304 25.34 -7.41 3.84
CA ALA C 304 24.17 -7.42 4.70
C ALA C 304 23.86 -6.03 5.24
N HIS C 305 24.89 -5.20 5.40
CA HIS C 305 24.66 -3.85 5.87
C HIS C 305 24.09 -2.98 4.76
N LYS C 306 23.71 -3.61 3.64
CA LYS C 306 23.06 -2.91 2.55
C LYS C 306 21.57 -3.21 2.53
N TRP C 307 21.18 -4.30 1.86
CA TRP C 307 19.77 -4.62 1.67
C TRP C 307 19.33 -5.77 2.57
N LEU C 308 20.12 -6.07 3.60
CA LEU C 308 19.71 -6.99 4.65
C LEU C 308 19.56 -6.24 5.97
N PHE C 309 19.64 -4.91 5.88
CA PHE C 309 19.34 -4.03 7.00
C PHE C 309 20.21 -4.31 8.23
N GLN C 310 21.52 -4.33 8.02
CA GLN C 310 22.47 -4.49 9.12
C GLN C 310 23.31 -3.22 9.27
N THR C 311 23.98 -3.09 10.41
CA THR C 311 24.87 -1.95 10.63
C THR C 311 26.24 -2.26 10.05
N TYR C 312 26.98 -1.21 9.68
CA TYR C 312 28.35 -1.39 9.21
C TYR C 312 29.20 -2.00 10.32
N GLY C 313 29.95 -3.05 9.98
CA GLY C 313 29.94 -3.62 8.65
C GLY C 313 29.75 -5.12 8.71
N CYS C 314 28.88 -5.65 7.85
CA CYS C 314 28.56 -7.07 7.85
C CYS C 314 28.30 -7.54 6.42
N ALA C 315 29.34 -8.05 5.78
CA ALA C 315 29.23 -8.52 4.40
C ALA C 315 29.65 -9.98 4.29
N MET C 316 29.17 -10.65 3.24
CA MET C 316 29.46 -12.06 3.07
C MET C 316 30.12 -12.37 1.73
N VAL C 317 30.98 -13.38 1.73
CA VAL C 317 31.51 -13.93 0.49
C VAL C 317 31.21 -15.42 0.44
N LEU C 318 30.63 -15.88 -0.66
CA LEU C 318 30.24 -17.27 -0.80
C LEU C 318 30.88 -17.91 -2.02
N VAL C 319 31.45 -19.10 -1.85
CA VAL C 319 32.03 -19.84 -2.96
C VAL C 319 31.30 -21.17 -3.15
N LYS C 320 31.24 -21.63 -4.40
CA LYS C 320 30.56 -22.88 -4.70
C LYS C 320 31.31 -24.07 -4.11
N ASP C 321 32.64 -23.98 -4.11
CA ASP C 321 33.48 -25.03 -3.56
C ASP C 321 34.38 -24.46 -2.45
N ILE C 322 34.11 -24.84 -1.21
CA ILE C 322 34.82 -24.30 -0.07
C ILE C 322 36.32 -24.64 -0.10
N ARG C 323 36.66 -25.70 -0.82
CA ARG C 323 38.06 -26.12 -0.93
C ARG C 323 38.92 -25.02 -1.55
N ASN C 324 38.29 -24.19 -2.39
CA ASN C 324 38.99 -23.11 -3.07
C ASN C 324 39.39 -21.99 -2.12
N LEU C 325 38.57 -21.77 -1.10
CA LEU C 325 38.87 -20.76 -0.08
C LEU C 325 39.96 -21.27 0.87
N PHE C 326 39.93 -22.58 1.13
CA PHE C 326 40.90 -23.20 2.03
C PHE C 326 42.30 -23.20 1.41
N HIS C 327 42.34 -23.32 0.09
CA HIS C 327 43.61 -23.37 -0.63
C HIS C 327 44.37 -22.04 -0.58
N SER C 328 43.63 -20.94 -0.54
CA SER C 328 44.23 -19.61 -0.64
C SER C 328 44.63 -19.02 0.71
N PHE C 329 44.01 -19.48 1.80
CA PHE C 329 44.16 -18.78 3.07
C PHE C 329 44.56 -19.64 4.28
N HIS C 330 44.74 -20.94 4.09
CA HIS C 330 45.04 -21.81 5.23
C HIS C 330 46.48 -21.63 5.72
N VAL C 331 46.69 -21.77 7.02
CA VAL C 331 48.01 -21.66 7.63
C VAL C 331 48.18 -22.70 8.73
N ASN C 332 49.44 -23.07 9.01
CA ASN C 332 49.72 -24.10 10.01
C ASN C 332 50.95 -23.78 10.87
N PRO C 333 50.90 -22.69 11.64
CA PRO C 333 52.01 -22.28 12.50
C PRO C 333 52.18 -23.19 13.72
N GLU C 334 53.26 -23.02 14.46
CA GLU C 334 53.50 -23.81 15.68
C GLU C 334 52.42 -23.47 16.71
N TYR C 335 52.14 -22.19 16.87
CA TYR C 335 50.99 -21.76 17.66
C TYR C 335 49.73 -22.07 16.87
N LEU C 336 48.58 -22.04 17.53
CA LEU C 336 47.32 -22.43 16.91
C LEU C 336 47.38 -23.91 16.53
N LYS C 337 48.18 -24.67 17.27
CA LYS C 337 48.28 -26.10 17.05
C LYS C 337 47.17 -26.83 17.79
N ASP C 338 46.80 -26.31 18.95
CA ASP C 338 45.75 -26.90 19.77
C ASP C 338 44.37 -26.43 19.31
N LEU C 339 44.35 -25.56 18.30
CA LEU C 339 43.10 -25.11 17.72
C LEU C 339 42.97 -25.63 16.28
N GLU C 340 43.46 -26.85 16.07
CA GLU C 340 43.44 -27.46 14.74
C GLU C 340 44.29 -26.67 13.74
N ASP C 344 37.75 -31.05 7.59
CA ASP C 344 36.86 -31.57 8.61
C ASP C 344 35.98 -30.46 9.19
N ASN C 345 36.52 -29.69 10.12
CA ASN C 345 35.82 -28.55 10.70
C ASN C 345 36.65 -27.29 10.52
N VAL C 346 36.41 -26.58 9.42
CA VAL C 346 37.24 -25.44 9.04
C VAL C 346 37.17 -24.27 10.02
N ASN C 347 38.33 -23.68 10.30
CA ASN C 347 38.40 -22.41 11.02
C ASN C 347 38.20 -21.27 10.03
N THR C 348 37.54 -20.21 10.47
CA THR C 348 37.28 -19.07 9.60
C THR C 348 38.58 -18.39 9.17
N TRP C 349 39.63 -18.51 9.99
CA TRP C 349 40.91 -17.89 9.64
C TRP C 349 41.59 -18.65 8.50
N ASP C 350 41.20 -19.91 8.30
CA ASP C 350 41.74 -20.71 7.21
C ASP C 350 40.97 -20.46 5.92
N ILE C 351 39.90 -19.67 6.03
CA ILE C 351 39.09 -19.30 4.87
C ILE C 351 39.38 -17.86 4.49
N GLY C 352 40.27 -17.23 5.25
CA GLY C 352 40.79 -15.91 4.94
C GLY C 352 39.78 -14.78 4.97
N MET C 353 40.30 -13.55 4.92
CA MET C 353 41.75 -13.35 4.91
C MET C 353 42.23 -12.67 6.19
N GLU C 354 41.37 -12.65 7.21
CA GLU C 354 41.75 -12.12 8.51
C GLU C 354 41.81 -13.26 9.54
N LEU C 355 42.43 -12.98 10.68
CA LEU C 355 42.62 -13.99 11.70
C LEU C 355 41.77 -13.70 12.94
N THR C 356 41.91 -12.52 13.50
CA THR C 356 41.04 -12.11 14.61
C THR C 356 39.82 -11.37 14.05
N ARG C 357 38.65 -11.81 14.45
CA ARG C 357 37.40 -11.28 13.91
C ARG C 357 36.32 -11.24 14.98
N PRO C 358 35.46 -10.22 14.95
CA PRO C 358 34.27 -10.27 15.80
C PRO C 358 33.17 -11.08 15.13
N ALA C 359 32.25 -11.63 15.91
CA ALA C 359 31.17 -12.44 15.36
C ALA C 359 30.19 -11.57 14.56
N ARG C 360 30.64 -11.14 13.38
CA ARG C 360 29.86 -10.22 12.54
C ARG C 360 28.50 -10.76 12.13
N GLY C 361 28.44 -12.07 11.86
CA GLY C 361 27.22 -12.68 11.36
C GLY C 361 26.13 -12.86 12.39
N LEU C 362 26.50 -12.80 13.66
CA LEU C 362 25.54 -13.02 14.74
C LEU C 362 24.42 -11.99 14.74
N LYS C 363 24.75 -10.74 14.46
CA LYS C 363 23.75 -9.69 14.44
C LYS C 363 22.78 -9.91 13.27
N LEU C 364 23.23 -10.58 12.24
CA LEU C 364 22.37 -10.93 11.11
C LEU C 364 21.44 -12.08 11.48
N TRP C 365 21.96 -13.01 12.29
CA TRP C 365 21.16 -14.11 12.82
C TRP C 365 20.03 -13.58 13.68
N LEU C 366 20.37 -12.67 14.59
CA LEU C 366 19.39 -12.08 15.50
C LEU C 366 18.23 -11.43 14.75
N THR C 367 18.55 -10.71 13.68
CA THR C 367 17.54 -10.04 12.88
C THR C 367 16.64 -11.04 12.16
N LEU C 368 17.24 -12.10 11.63
CA LEU C 368 16.50 -13.13 10.93
C LEU C 368 15.55 -13.87 11.86
N GLN C 369 15.96 -14.02 13.12
CA GLN C 369 15.14 -14.72 14.10
C GLN C 369 13.99 -13.84 14.60
N VAL C 370 14.29 -12.58 14.87
CA VAL C 370 13.29 -11.66 15.40
C VAL C 370 12.29 -11.21 14.34
N LEU C 371 12.79 -10.91 13.14
CA LEU C 371 11.93 -10.41 12.07
C LEU C 371 11.40 -11.51 11.15
N GLY C 372 12.25 -12.49 10.86
CA GLY C 372 11.87 -13.56 9.95
C GLY C 372 12.23 -13.24 8.51
N SER C 373 12.38 -14.28 7.69
CA SER C 373 12.79 -14.12 6.31
C SER C 373 11.68 -13.52 5.43
N ASP C 374 10.43 -13.76 5.82
CA ASP C 374 9.29 -13.23 5.06
C ASP C 374 9.23 -11.72 5.15
N LEU C 375 9.34 -11.18 6.36
CA LEU C 375 9.27 -9.75 6.58
C LEU C 375 10.42 -9.02 5.89
N ILE C 376 11.61 -9.60 5.97
CA ILE C 376 12.79 -9.00 5.34
C ILE C 376 12.66 -9.00 3.83
N GLY C 377 12.10 -10.07 3.28
CA GLY C 377 11.86 -10.16 1.85
C GLY C 377 10.90 -9.10 1.35
N SER C 378 9.84 -8.86 2.13
CA SER C 378 8.84 -7.87 1.76
C SER C 378 9.38 -6.46 1.92
N ALA C 379 10.23 -6.26 2.93
CA ALA C 379 10.86 -4.96 3.16
C ALA C 379 11.77 -4.59 2.00
N ILE C 380 12.39 -5.59 1.39
CA ILE C 380 13.22 -5.39 0.21
C ILE C 380 12.36 -5.03 -0.99
N GLU C 381 11.23 -5.72 -1.13
CA GLU C 381 10.29 -5.48 -2.22
C GLU C 381 9.73 -4.05 -2.16
N HIS C 382 9.65 -3.51 -0.94
CA HIS C 382 9.20 -2.15 -0.74
C HIS C 382 10.18 -1.16 -1.38
N GLY C 383 11.44 -1.55 -1.44
CA GLY C 383 12.46 -0.72 -2.07
C GLY C 383 12.20 -0.55 -3.55
N PHE C 384 11.85 -1.65 -4.22
CA PHE C 384 11.46 -1.62 -5.62
C PHE C 384 10.31 -0.63 -5.82
N GLN C 385 9.34 -0.70 -4.92
CA GLN C 385 8.14 0.11 -5.02
C GLN C 385 8.43 1.60 -4.84
N LEU C 386 9.36 1.90 -3.94
CA LEU C 386 9.73 3.30 -3.67
C LEU C 386 10.31 3.99 -4.90
N ALA C 387 11.11 3.25 -5.67
CA ALA C 387 11.74 3.80 -6.86
C ALA C 387 10.71 3.97 -7.98
N VAL C 388 9.79 3.02 -8.08
CA VAL C 388 8.74 3.08 -9.08
C VAL C 388 7.85 4.29 -8.84
N TRP C 389 7.59 4.59 -7.57
CA TRP C 389 6.81 5.75 -7.20
C TRP C 389 7.53 7.03 -7.62
N ALA C 390 8.85 7.02 -7.53
CA ALA C 390 9.66 8.14 -7.96
C ALA C 390 9.56 8.34 -9.48
N GLU C 391 9.51 7.23 -10.21
CA GLU C 391 9.42 7.28 -11.67
C GLU C 391 8.06 7.77 -12.13
N GLU C 392 7.01 7.28 -11.45
CA GLU C 392 5.64 7.67 -11.79
C GLU C 392 5.40 9.16 -11.55
N ALA C 393 6.14 9.72 -10.59
CA ALA C 393 6.00 11.14 -10.26
C ALA C 393 6.80 12.02 -11.21
N LEU C 394 7.76 11.43 -11.90
CA LEU C 394 8.62 12.19 -12.81
C LEU C 394 8.06 12.25 -14.23
N ASN C 395 7.38 11.18 -14.64
CA ASN C 395 6.88 11.06 -16.01
C ASN C 395 6.00 12.21 -16.49
N PRO C 396 5.02 12.61 -15.68
CA PRO C 396 4.10 13.66 -16.15
C PRO C 396 4.73 15.05 -16.15
N LYS C 397 5.76 15.25 -15.34
CA LYS C 397 6.40 16.56 -15.26
C LYS C 397 7.24 16.84 -16.51
N LYS C 398 7.12 18.05 -17.03
CA LYS C 398 7.76 18.45 -18.27
C LYS C 398 9.27 18.68 -18.08
N ASP C 399 10.04 18.39 -19.13
CA ASP C 399 11.48 18.59 -19.13
C ASP C 399 12.23 17.70 -18.15
N TRP C 400 11.53 16.76 -17.53
CA TRP C 400 12.18 15.78 -16.66
C TRP C 400 12.45 14.49 -17.42
N GLU C 401 13.71 14.11 -17.50
CA GLU C 401 14.16 13.00 -18.34
C GLU C 401 14.62 11.81 -17.51
N ILE C 402 14.12 10.63 -17.85
CA ILE C 402 14.54 9.39 -17.19
C ILE C 402 15.72 8.78 -17.91
N VAL C 403 16.90 8.84 -17.29
CA VAL C 403 18.12 8.30 -17.90
C VAL C 403 18.17 6.80 -17.76
N SER C 404 17.79 6.31 -16.57
CA SER C 404 17.63 4.88 -16.34
C SER C 404 16.35 4.66 -15.54
N PRO C 405 15.45 3.82 -16.05
CA PRO C 405 14.14 3.59 -15.43
C PRO C 405 14.25 2.99 -14.03
N ALA C 406 13.14 2.99 -13.29
CA ALA C 406 13.12 2.43 -11.95
C ALA C 406 13.56 0.97 -12.00
N GLN C 407 14.75 0.71 -11.48
CA GLN C 407 15.36 -0.60 -11.59
C GLN C 407 16.01 -1.02 -10.27
N MET C 408 15.40 -2.01 -9.62
CA MET C 408 15.91 -2.54 -8.36
C MET C 408 16.08 -1.44 -7.31
N ALA C 409 14.98 -0.75 -7.01
CA ALA C 409 14.97 0.32 -6.00
C ALA C 409 15.93 1.44 -6.37
N MET C 410 16.26 1.56 -7.66
CA MET C 410 17.25 2.51 -8.11
C MET C 410 16.80 3.21 -9.38
N ILE C 411 17.07 4.51 -9.48
CA ILE C 411 16.65 5.28 -10.66
C ILE C 411 17.50 6.53 -10.88
N ASN C 412 17.79 6.82 -12.14
CA ASN C 412 18.58 7.99 -12.51
C ASN C 412 17.82 8.93 -13.43
N PHE C 413 17.87 10.23 -13.15
CA PHE C 413 17.10 11.21 -13.90
C PHE C 413 17.73 12.60 -13.86
N ARG C 414 17.34 13.45 -14.81
CA ARG C 414 17.86 14.80 -14.87
C ARG C 414 16.80 15.79 -15.34
N TYR C 415 16.96 17.05 -14.96
CA TYR C 415 16.11 18.12 -15.43
C TYR C 415 16.78 18.81 -16.61
N ALA C 416 16.19 18.68 -17.80
CA ALA C 416 16.83 19.17 -19.02
C ALA C 416 15.89 19.95 -19.93
N PRO C 417 15.75 21.27 -19.67
CA PRO C 417 15.06 22.19 -20.58
C PRO C 417 15.81 22.31 -21.90
N LYS C 418 15.09 22.28 -23.02
CA LYS C 418 15.73 22.16 -24.33
C LYS C 418 16.52 23.41 -24.76
N ASP C 419 16.14 24.57 -24.23
CA ASP C 419 16.80 25.82 -24.60
C ASP C 419 18.10 26.05 -23.84
N LEU C 420 18.67 24.97 -23.30
CA LEU C 420 19.92 25.05 -22.56
C LEU C 420 20.99 24.17 -23.19
N THR C 421 22.25 24.54 -23.04
CA THR C 421 23.35 23.74 -23.53
C THR C 421 23.63 22.60 -22.53
N LYS C 422 24.37 21.59 -22.96
CA LYS C 422 24.67 20.44 -22.11
C LYS C 422 25.45 20.85 -20.86
N GLU C 423 26.40 21.77 -21.01
CA GLU C 423 27.16 22.26 -19.87
C GLU C 423 26.26 22.93 -18.84
N GLU C 424 25.32 23.72 -19.32
CA GLU C 424 24.38 24.40 -18.44
C GLU C 424 23.43 23.42 -17.76
N GLN C 425 23.03 22.39 -18.51
CA GLN C 425 22.15 21.36 -17.96
C GLN C 425 22.83 20.61 -16.83
N ASP C 426 24.13 20.39 -16.97
CA ASP C 426 24.91 19.72 -15.93
C ASP C 426 24.97 20.58 -14.68
N ILE C 427 25.32 21.86 -14.86
CA ILE C 427 25.37 22.81 -13.76
C ILE C 427 24.00 22.94 -13.08
N LEU C 428 22.94 22.92 -13.89
CA LEU C 428 21.57 23.04 -13.39
C LEU C 428 21.24 21.92 -12.41
N ASN C 429 21.37 20.68 -12.87
CA ASN C 429 21.09 19.51 -12.03
C ASN C 429 21.99 19.44 -10.81
N GLU C 430 23.19 20.01 -10.92
CA GLU C 430 24.10 20.06 -9.78
C GLU C 430 23.56 21.01 -8.72
N LYS C 431 23.04 22.14 -9.15
CA LYS C 431 22.45 23.12 -8.24
C LYS C 431 21.16 22.59 -7.61
N ILE C 432 20.42 21.79 -8.37
CA ILE C 432 19.20 21.19 -7.86
C ILE C 432 19.50 20.23 -6.71
N SER C 433 20.57 19.46 -6.87
CA SER C 433 21.03 18.56 -5.81
C SER C 433 21.44 19.37 -4.58
N HIS C 434 22.24 20.41 -4.83
CA HIS C 434 22.70 21.29 -3.77
CA HIS C 434 22.70 21.30 -3.78
C HIS C 434 21.54 21.90 -3.00
N ARG C 435 20.50 22.31 -3.72
CA ARG C 435 19.33 22.96 -3.12
C ARG C 435 18.53 22.05 -2.19
N ILE C 436 18.26 20.83 -2.64
CA ILE C 436 17.45 19.90 -1.85
C ILE C 436 18.24 19.36 -0.66
N LEU C 437 19.57 19.38 -0.78
CA LEU C 437 20.42 18.95 0.31
C LEU C 437 20.35 19.93 1.49
N GLU C 438 20.39 21.23 1.20
CA GLU C 438 20.34 22.23 2.26
C GLU C 438 18.92 22.41 2.78
N SER C 439 17.93 21.97 2.02
CA SER C 439 16.55 22.03 2.46
C SER C 439 16.36 21.08 3.63
N GLY C 440 17.13 20.00 3.64
CA GLY C 440 17.10 19.05 4.73
C GLY C 440 15.99 18.02 4.60
N TYR C 441 15.19 18.15 3.56
CA TYR C 441 14.06 17.24 3.38
C TYR C 441 14.52 15.88 2.86
N ALA C 442 15.54 15.88 2.01
CA ALA C 442 16.04 14.64 1.44
C ALA C 442 17.52 14.76 1.07
N ALA C 443 18.15 13.60 0.88
CA ALA C 443 19.55 13.55 0.47
C ALA C 443 19.69 12.96 -0.93
N ILE C 444 19.99 13.81 -1.89
CA ILE C 444 20.15 13.38 -3.27
C ILE C 444 21.39 14.01 -3.89
N PHE C 445 22.34 13.18 -4.28
CA PHE C 445 23.57 13.65 -4.90
C PHE C 445 23.56 13.35 -6.40
N THR C 446 24.60 13.82 -7.09
CA THR C 446 24.69 13.61 -8.54
C THR C 446 25.72 12.55 -8.91
N THR C 447 25.55 11.99 -10.09
CA THR C 447 26.51 11.06 -10.67
C THR C 447 26.57 11.30 -12.17
N VAL C 448 27.47 10.63 -12.86
CA VAL C 448 27.57 10.80 -14.31
C VAL C 448 27.13 9.54 -15.04
N LEU C 449 26.30 9.73 -16.07
CA LEU C 449 25.74 8.63 -16.83
C LEU C 449 25.57 9.04 -18.28
N ASN C 450 26.20 8.30 -19.19
CA ASN C 450 26.19 8.62 -20.62
C ASN C 450 26.69 10.04 -20.89
N GLY C 451 27.67 10.50 -20.12
CA GLY C 451 28.28 11.80 -20.32
C GLY C 451 27.43 12.97 -19.86
N LYS C 452 26.45 12.70 -18.99
CA LYS C 452 25.58 13.75 -18.47
C LYS C 452 25.49 13.73 -16.96
N THR C 453 25.56 14.90 -16.34
CA THR C 453 25.37 15.00 -14.89
C THR C 453 23.91 14.73 -14.55
N VAL C 454 23.69 13.77 -13.66
CA VAL C 454 22.35 13.24 -13.42
C VAL C 454 22.02 13.11 -11.93
N LEU C 455 20.76 13.35 -11.59
CA LEU C 455 20.27 13.11 -10.23
C LEU C 455 19.95 11.63 -10.04
N ARG C 456 20.32 11.08 -8.89
CA ARG C 456 20.11 9.66 -8.63
C ARG C 456 19.35 9.42 -7.33
N ILE C 457 18.43 8.47 -7.36
CA ILE C 457 17.68 8.09 -6.17
C ILE C 457 17.75 6.59 -5.90
N CYS C 458 18.18 6.24 -4.70
CA CYS C 458 18.13 4.86 -4.24
C CYS C 458 17.37 4.80 -2.91
N ALA C 459 16.13 4.32 -2.97
CA ALA C 459 15.27 4.30 -1.79
C ALA C 459 15.00 2.87 -1.37
N ILE C 460 15.46 2.51 -0.17
CA ILE C 460 15.33 1.15 0.33
C ILE C 460 14.87 1.09 1.78
N HIS C 461 14.48 2.25 2.32
CA HIS C 461 14.00 2.28 3.70
C HIS C 461 12.55 1.80 3.76
N PRO C 462 12.30 0.78 4.59
CA PRO C 462 11.00 0.13 4.73
C PRO C 462 9.90 1.08 5.23
N GLU C 463 10.29 2.15 5.91
CA GLU C 463 9.32 3.06 6.49
C GLU C 463 9.14 4.33 5.65
N ALA C 464 9.55 4.28 4.39
CA ALA C 464 9.36 5.40 3.47
C ALA C 464 8.05 5.22 2.70
N THR C 465 7.29 6.30 2.54
CA THR C 465 5.97 6.24 1.94
C THR C 465 5.92 6.88 0.55
N GLN C 466 4.79 6.72 -0.13
CA GLN C 466 4.60 7.29 -1.47
C GLN C 466 4.75 8.81 -1.50
N GLU C 467 4.25 9.49 -0.48
CA GLU C 467 4.37 10.95 -0.42
C GLU C 467 5.83 11.37 -0.33
N ASP C 468 6.60 10.62 0.45
CA ASP C 468 8.03 10.87 0.58
C ASP C 468 8.69 10.97 -0.80
N MET C 469 8.37 10.01 -1.67
CA MET C 469 8.92 9.99 -3.02
C MET C 469 8.27 11.06 -3.88
N GLN C 470 6.95 11.21 -3.74
CA GLN C 470 6.19 12.20 -4.50
C GLN C 470 6.53 13.64 -4.11
N HIS C 471 6.64 13.90 -2.81
CA HIS C 471 6.94 15.24 -2.34
C HIS C 471 8.37 15.64 -2.72
N THR C 472 9.26 14.65 -2.75
CA THR C 472 10.66 14.89 -3.11
C THR C 472 10.77 15.34 -4.56
N ILE C 473 10.10 14.61 -5.45
CA ILE C 473 10.09 14.97 -6.87
C ILE C 473 9.41 16.33 -7.05
N ASP C 474 8.32 16.55 -6.32
CA ASP C 474 7.62 17.83 -6.35
C ASP C 474 8.54 18.96 -5.89
N LEU C 475 9.36 18.67 -4.89
CA LEU C 475 10.29 19.65 -4.36
C LEU C 475 11.45 19.89 -5.34
N LEU C 476 11.88 18.81 -5.99
CA LEU C 476 12.95 18.89 -6.98
C LEU C 476 12.50 19.68 -8.20
N ASP C 477 11.27 19.43 -8.64
CA ASP C 477 10.72 20.13 -9.79
C ASP C 477 10.61 21.63 -9.52
N GLN C 478 10.21 21.97 -8.29
CA GLN C 478 10.14 23.36 -7.87
C GLN C 478 11.51 24.04 -7.92
N TYR C 479 12.50 23.38 -7.31
CA TYR C 479 13.86 23.89 -7.31
C TYR C 479 14.41 24.01 -8.73
N GLY C 480 14.01 23.07 -9.58
CA GLY C 480 14.48 23.04 -10.96
C GLY C 480 14.02 24.22 -11.79
N ARG C 481 12.72 24.50 -11.77
CA ARG C 481 12.15 25.57 -12.57
C ARG C 481 12.50 26.92 -11.97
N GLU C 482 12.94 26.89 -10.72
CA GLU C 482 13.32 28.10 -10.01
C GLU C 482 14.72 28.54 -10.42
N ILE C 483 15.64 27.59 -10.47
CA ILE C 483 17.02 27.86 -10.87
C ILE C 483 17.10 28.12 -12.37
N TYR C 484 16.20 27.49 -13.13
CA TYR C 484 16.12 27.68 -14.57
C TYR C 484 15.83 29.15 -14.94
N THR C 485 14.93 29.78 -14.19
CA THR C 485 14.61 31.19 -14.42
C THR C 485 15.76 32.07 -13.95
N GLU C 486 16.36 31.71 -12.83
CA GLU C 486 17.47 32.47 -12.26
C GLU C 486 18.68 32.46 -13.18
N MET C 487 18.79 31.42 -14.00
CA MET C 487 19.91 31.28 -14.93
C MET C 487 19.70 32.10 -16.19
N LYS C 488 18.61 32.85 -16.25
CA LYS C 488 18.31 33.68 -17.41
C LYS C 488 17.85 35.08 -16.99
N THR D 16 -44.33 30.01 8.76
CA THR D 16 -44.93 30.26 10.06
C THR D 16 -44.05 29.74 11.19
N GLU D 17 -43.16 30.59 11.68
CA GLU D 17 -42.25 30.23 12.76
C GLU D 17 -41.39 29.02 12.38
N TYR D 18 -42.04 27.90 12.12
CA TYR D 18 -41.34 26.67 11.74
C TYR D 18 -40.86 26.74 10.28
N ILE D 19 -41.58 27.50 9.47
CA ILE D 19 -41.24 27.66 8.06
C ILE D 19 -39.93 28.43 7.89
N LEU D 20 -39.07 27.93 7.02
CA LEU D 20 -37.78 28.58 6.76
C LEU D 20 -37.93 29.66 5.69
N ASN D 21 -37.44 30.85 5.98
CA ASN D 21 -37.40 31.90 4.96
C ASN D 21 -36.11 31.79 4.16
N SER D 22 -36.00 32.57 3.09
CA SER D 22 -34.89 32.44 2.14
C SER D 22 -33.51 32.63 2.79
N THR D 23 -33.45 33.41 3.86
CA THR D 23 -32.19 33.62 4.57
C THR D 23 -31.94 32.49 5.56
N GLN D 24 -33.01 32.02 6.20
CA GLN D 24 -32.92 30.89 7.12
C GLN D 24 -32.57 29.62 6.38
N LEU D 25 -33.20 29.42 5.22
CA LEU D 25 -32.92 28.26 4.39
C LEU D 25 -31.47 28.26 3.92
N GLU D 26 -31.07 29.38 3.32
CA GLU D 26 -29.74 29.51 2.74
C GLU D 26 -28.65 29.30 3.79
N GLU D 27 -28.95 29.68 5.03
CA GLU D 27 -27.98 29.56 6.11
C GLU D 27 -27.89 28.11 6.58
N ALA D 28 -29.01 27.42 6.62
CA ALA D 28 -29.03 26.01 6.99
C ALA D 28 -28.28 25.16 5.98
N ILE D 29 -28.47 25.48 4.70
CA ILE D 29 -27.80 24.78 3.61
C ILE D 29 -26.30 25.02 3.66
N LYS D 30 -25.92 26.30 3.71
CA LYS D 30 -24.50 26.66 3.76
C LYS D 30 -23.81 26.05 4.98
N SER D 31 -24.54 25.98 6.10
CA SER D 31 -24.01 25.38 7.32
C SER D 31 -23.64 23.91 7.12
N PHE D 32 -24.52 23.16 6.45
CA PHE D 32 -24.29 21.75 6.19
C PHE D 32 -23.20 21.51 5.15
N VAL D 33 -23.28 22.23 4.03
CA VAL D 33 -22.31 22.08 2.94
C VAL D 33 -20.88 22.31 3.42
N HIS D 34 -20.71 23.29 4.30
CA HIS D 34 -19.39 23.60 4.83
C HIS D 34 -18.87 22.49 5.73
N ASP D 35 -19.70 22.05 6.67
CA ASP D 35 -19.32 21.02 7.63
C ASP D 35 -19.11 19.65 6.97
N PHE D 36 -19.84 19.38 5.89
CA PHE D 36 -19.74 18.09 5.22
C PHE D 36 -18.45 18.00 4.39
N CYS D 37 -18.18 19.03 3.61
CA CYS D 37 -16.99 19.07 2.77
C CYS D 37 -15.73 18.87 3.60
N ALA D 38 -15.72 19.49 4.78
CA ALA D 38 -14.60 19.34 5.71
C ALA D 38 -14.46 17.90 6.18
N GLU D 39 -15.59 17.28 6.52
CA GLU D 39 -15.60 15.91 7.00
C GLU D 39 -15.14 14.90 5.95
N LYS D 40 -15.60 15.06 4.72
CA LYS D 40 -15.28 14.13 3.64
C LYS D 40 -13.87 14.36 3.10
N HIS D 41 -13.30 15.52 3.41
CA HIS D 41 -11.94 15.85 3.00
C HIS D 41 -10.93 14.94 3.71
N GLU D 42 -11.34 14.42 4.86
CA GLU D 42 -10.48 13.56 5.67
C GLU D 42 -10.91 12.10 5.56
N ILE D 43 -11.46 11.73 4.42
CA ILE D 43 -12.05 10.41 4.24
C ILE D 43 -11.04 9.28 4.30
N HIS D 44 -9.83 9.52 3.81
CA HIS D 44 -8.79 8.48 3.81
C HIS D 44 -8.30 8.15 5.22
N ASP D 45 -8.71 8.94 6.21
CA ASP D 45 -8.28 8.72 7.58
C ASP D 45 -9.48 8.49 8.49
N GLN D 46 -10.51 7.87 7.94
CA GLN D 46 -11.73 7.57 8.69
C GLN D 46 -12.10 6.10 8.50
N PRO D 47 -12.64 5.47 9.55
CA PRO D 47 -13.06 4.08 9.46
C PRO D 47 -14.13 3.89 8.39
N VAL D 48 -13.98 2.86 7.56
CA VAL D 48 -14.91 2.62 6.46
C VAL D 48 -16.28 2.23 6.99
N VAL D 49 -16.31 1.47 8.08
CA VAL D 49 -17.56 1.09 8.70
C VAL D 49 -17.65 1.62 10.12
N VAL D 50 -18.72 2.37 10.40
CA VAL D 50 -18.96 2.89 11.74
C VAL D 50 -20.16 2.19 12.36
N GLU D 51 -19.89 1.25 13.26
CA GLU D 51 -20.94 0.45 13.88
C GLU D 51 -21.82 1.31 14.79
N ALA D 52 -23.13 1.08 14.72
CA ALA D 52 -24.05 1.73 15.65
C ALA D 52 -24.12 0.89 16.92
N LYS D 53 -24.20 1.56 18.07
CA LYS D 53 -24.24 0.86 19.34
C LYS D 53 -25.55 0.08 19.51
N GLU D 54 -25.62 -0.71 20.57
CA GLU D 54 -26.76 -1.61 20.76
C GLU D 54 -28.04 -0.85 21.11
N HIS D 55 -27.90 0.39 21.57
CA HIS D 55 -29.03 1.16 22.05
C HIS D 55 -29.41 2.31 21.12
N GLN D 56 -28.87 2.31 19.90
CA GLN D 56 -29.06 3.43 19.00
C GLN D 56 -30.44 3.39 18.34
N GLU D 57 -30.96 2.18 18.15
CA GLU D 57 -32.27 2.01 17.53
C GLU D 57 -33.37 2.58 18.42
N ASP D 58 -33.24 2.40 19.73
CA ASP D 58 -34.24 2.87 20.68
C ASP D 58 -34.18 4.39 20.82
N LYS D 59 -33.01 4.96 20.61
CA LYS D 59 -32.85 6.41 20.66
C LYS D 59 -33.61 7.09 19.53
N ILE D 60 -33.62 6.44 18.36
CA ILE D 60 -34.30 6.97 17.19
C ILE D 60 -35.81 6.82 17.30
N LYS D 61 -36.25 5.69 17.85
CA LYS D 61 -37.68 5.42 17.98
C LYS D 61 -38.36 6.36 18.97
N GLN D 62 -37.56 7.06 19.77
CA GLN D 62 -38.10 7.92 20.81
C GLN D 62 -38.32 9.35 20.30
N ILE D 63 -37.79 9.64 19.11
CA ILE D 63 -37.92 10.97 18.53
C ILE D 63 -39.36 11.24 18.10
N LYS D 64 -40.02 10.21 17.56
CA LYS D 64 -41.42 10.27 17.17
C LYS D 64 -41.69 11.30 16.06
N ILE D 65 -42.90 11.27 15.51
CA ILE D 65 -43.33 12.26 14.51
C ILE D 65 -44.10 13.38 15.20
N PRO D 66 -43.51 14.59 15.22
CA PRO D 66 -44.03 15.74 15.97
C PRO D 66 -45.21 16.45 15.31
N GLU D 67 -46.10 16.97 16.14
CA GLU D 67 -47.21 17.80 15.67
C GLU D 67 -46.73 19.23 15.42
N LYS D 68 -45.84 19.70 16.29
CA LYS D 68 -45.25 21.02 16.15
C LYS D 68 -43.86 20.90 15.54
N GLY D 69 -43.48 21.92 14.75
CA GLY D 69 -42.20 21.91 14.08
C GLY D 69 -41.04 22.04 15.04
N ARG D 70 -39.83 21.83 14.52
CA ARG D 70 -38.61 21.92 15.33
C ARG D 70 -37.60 22.82 14.64
N PRO D 71 -36.69 23.41 15.41
CA PRO D 71 -35.61 24.24 14.85
C PRO D 71 -34.81 23.46 13.82
N VAL D 72 -34.65 24.02 12.63
CA VAL D 72 -34.07 23.32 11.49
C VAL D 72 -32.68 22.76 11.76
N ASN D 73 -31.78 23.60 12.27
CA ASN D 73 -30.41 23.19 12.52
C ASN D 73 -30.29 22.19 13.67
N GLU D 74 -31.33 22.09 14.48
CA GLU D 74 -31.37 21.11 15.56
C GLU D 74 -31.69 19.73 14.99
N VAL D 75 -32.62 19.71 14.02
CA VAL D 75 -33.00 18.47 13.35
C VAL D 75 -31.89 17.99 12.43
N VAL D 76 -31.26 18.94 11.72
CA VAL D 76 -30.15 18.62 10.83
C VAL D 76 -29.01 17.94 11.56
N SER D 77 -28.59 18.54 12.68
CA SER D 77 -27.51 17.98 13.49
C SER D 77 -27.90 16.64 14.09
N GLU D 78 -29.17 16.48 14.40
CA GLU D 78 -29.67 15.23 14.96
C GLU D 78 -29.49 14.07 13.97
N MET D 79 -29.70 14.35 12.70
CA MET D 79 -29.56 13.33 11.66
C MET D 79 -28.09 13.04 11.34
N MET D 80 -27.27 14.07 11.38
CA MET D 80 -25.83 13.92 11.11
C MET D 80 -25.14 13.10 12.19
N ASN D 81 -25.63 13.24 13.43
CA ASN D 81 -24.98 12.63 14.57
C ASN D 81 -25.59 11.30 14.99
N GLU D 82 -26.85 11.07 14.61
CA GLU D 82 -27.57 9.88 15.07
C GLU D 82 -28.08 8.99 13.94
N VAL D 83 -27.94 9.45 12.70
CA VAL D 83 -28.46 8.69 11.57
C VAL D 83 -27.42 8.48 10.46
N TYR D 84 -26.97 9.58 9.85
CA TYR D 84 -26.05 9.50 8.74
C TYR D 84 -24.68 8.96 9.16
N ARG D 85 -24.35 9.13 10.44
CA ARG D 85 -23.03 8.77 10.94
C ARG D 85 -22.78 7.27 10.89
N TYR D 86 -23.78 6.48 11.26
CA TYR D 86 -23.63 5.04 11.33
C TYR D 86 -23.92 4.38 9.98
N ARG D 87 -22.87 4.01 9.27
CA ARG D 87 -23.00 3.51 7.90
C ARG D 87 -21.77 2.73 7.46
N GLY D 88 -21.90 2.06 6.32
CA GLY D 88 -20.77 1.47 5.64
C GLY D 88 -20.49 2.32 4.41
N ASP D 89 -19.63 3.33 4.58
CA ASP D 89 -19.40 4.32 3.54
C ASP D 89 -18.84 3.73 2.26
N ALA D 90 -19.67 3.67 1.23
CA ALA D 90 -19.27 3.13 -0.05
C ALA D 90 -18.56 4.20 -0.89
N ASN D 91 -18.46 5.40 -0.33
CA ASN D 91 -17.69 6.46 -0.96
C ASN D 91 -16.22 6.39 -0.55
N HIS D 92 -15.94 5.59 0.46
CA HIS D 92 -14.59 5.42 0.96
C HIS D 92 -13.75 4.65 -0.05
N PRO D 93 -12.53 5.14 -0.32
CA PRO D 93 -11.63 4.51 -1.29
C PRO D 93 -11.25 3.09 -0.91
N ARG D 94 -11.48 2.70 0.34
CA ARG D 94 -11.19 1.35 0.78
C ARG D 94 -12.46 0.58 1.11
N PHE D 95 -13.56 0.96 0.46
CA PHE D 95 -14.77 0.14 0.46
C PHE D 95 -14.71 -0.79 -0.74
N PHE D 96 -14.42 -2.06 -0.48
CA PHE D 96 -14.14 -3.01 -1.57
C PHE D 96 -15.23 -4.06 -1.74
N SER D 97 -16.40 -3.83 -1.16
CA SER D 97 -17.45 -4.84 -1.16
C SER D 97 -18.55 -4.54 -2.17
N PHE D 98 -19.18 -5.60 -2.67
CA PHE D 98 -20.28 -5.51 -3.63
C PHE D 98 -19.88 -4.65 -4.83
N VAL D 99 -20.64 -3.60 -5.08
CA VAL D 99 -20.25 -2.58 -6.04
C VAL D 99 -20.25 -1.22 -5.35
N PRO D 100 -19.05 -0.71 -5.04
CA PRO D 100 -18.89 0.55 -4.29
C PRO D 100 -19.46 1.74 -5.04
N GLY D 101 -19.69 2.84 -4.33
CA GLY D 101 -20.22 4.03 -4.95
C GLY D 101 -19.28 5.22 -4.83
N PRO D 102 -18.19 5.20 -5.60
CA PRO D 102 -17.24 6.32 -5.62
C PRO D 102 -17.80 7.47 -6.46
N ALA D 103 -18.88 8.07 -5.98
CA ALA D 103 -19.54 9.15 -6.72
C ALA D 103 -18.69 10.40 -6.78
N SER D 104 -18.59 10.98 -7.97
CA SER D 104 -17.88 12.24 -8.15
C SER D 104 -18.54 13.37 -7.38
N SER D 105 -17.76 14.37 -7.01
CA SER D 105 -18.29 15.53 -6.31
C SER D 105 -19.17 16.34 -7.26
N VAL D 106 -18.88 16.21 -8.56
CA VAL D 106 -19.67 16.87 -9.59
C VAL D 106 -21.09 16.31 -9.64
N SER D 107 -21.22 15.01 -9.39
CA SER D 107 -22.53 14.36 -9.36
C SER D 107 -23.36 14.92 -8.22
N TRP D 108 -22.74 15.10 -7.06
CA TRP D 108 -23.41 15.69 -5.91
C TRP D 108 -23.94 17.08 -6.27
N LEU D 109 -23.12 17.84 -6.99
CA LEU D 109 -23.52 19.16 -7.46
C LEU D 109 -24.75 19.08 -8.37
N GLY D 110 -24.79 18.05 -9.22
CA GLY D 110 -25.91 17.84 -10.11
C GLY D 110 -27.20 17.57 -9.36
N ASP D 111 -27.10 16.79 -8.30
CA ASP D 111 -28.26 16.50 -7.45
C ASP D 111 -28.77 17.76 -6.79
N ILE D 112 -27.85 18.64 -6.40
CA ILE D 112 -28.21 19.89 -5.75
C ILE D 112 -29.00 20.78 -6.70
N MET D 113 -28.53 20.88 -7.94
CA MET D 113 -29.20 21.68 -8.97
C MET D 113 -30.54 21.10 -9.40
N THR D 114 -30.53 19.81 -9.74
CA THR D 114 -31.73 19.13 -10.21
C THR D 114 -32.82 19.13 -9.15
N SER D 115 -32.44 18.82 -7.92
CA SER D 115 -33.39 18.79 -6.81
C SER D 115 -33.90 20.19 -6.47
N ALA D 116 -33.10 21.20 -6.80
CA ALA D 116 -33.47 22.58 -6.52
C ALA D 116 -34.64 23.03 -7.39
N TYR D 117 -34.45 22.96 -8.71
CA TYR D 117 -35.49 23.34 -9.67
C TYR D 117 -36.70 22.43 -9.55
N ASN D 118 -36.46 21.19 -9.14
CA ASN D 118 -37.52 20.18 -9.00
C ASN D 118 -38.36 20.08 -10.27
N ILE D 119 -37.70 20.14 -11.41
CA ILE D 119 -38.40 20.04 -12.70
C ILE D 119 -38.99 18.67 -12.92
N HIS D 120 -40.23 18.63 -13.37
CA HIS D 120 -40.89 17.36 -13.70
C HIS D 120 -40.37 16.80 -15.02
N ALA D 121 -39.42 15.88 -14.91
CA ALA D 121 -38.87 15.20 -16.08
C ALA D 121 -39.80 14.08 -16.54
N GLY D 122 -39.32 13.25 -17.45
CA GLY D 122 -40.13 12.22 -18.05
C GLY D 122 -41.18 12.77 -19.00
N GLY D 123 -41.14 14.09 -19.19
CA GLY D 123 -42.08 14.78 -20.06
C GLY D 123 -41.32 15.87 -20.81
N SER D 124 -41.64 16.05 -22.08
CA SER D 124 -40.82 16.89 -22.95
C SER D 124 -41.37 18.31 -23.05
N LYS D 125 -42.67 18.43 -23.28
CA LYS D 125 -43.28 19.75 -23.49
C LYS D 125 -43.11 20.65 -22.26
N LEU D 126 -43.11 20.05 -21.08
CA LEU D 126 -42.98 20.81 -19.84
C LEU D 126 -41.53 21.11 -19.48
N ALA D 127 -40.61 20.43 -20.16
CA ALA D 127 -39.18 20.64 -19.94
C ALA D 127 -38.38 20.17 -21.15
N PRO D 128 -38.46 20.92 -22.26
CA PRO D 128 -37.91 20.52 -23.55
C PRO D 128 -36.39 20.37 -23.55
N MET D 129 -35.70 21.26 -22.83
CA MET D 129 -34.25 21.23 -22.81
C MET D 129 -33.70 20.25 -21.79
N VAL D 130 -34.48 19.99 -20.74
CA VAL D 130 -34.13 18.96 -19.77
C VAL D 130 -34.14 17.59 -20.44
N ASN D 131 -35.16 17.35 -21.26
CA ASN D 131 -35.28 16.11 -22.01
C ASN D 131 -34.24 15.99 -23.12
N CYS D 132 -33.90 17.13 -23.72
CA CYS D 132 -32.93 17.16 -24.80
C CYS D 132 -31.54 16.76 -24.30
N ILE D 133 -31.20 17.20 -23.09
CA ILE D 133 -29.92 16.88 -22.48
C ILE D 133 -29.79 15.37 -22.25
N GLU D 134 -30.83 14.78 -21.66
CA GLU D 134 -30.83 13.35 -21.36
C GLU D 134 -30.73 12.51 -22.63
N GLN D 135 -31.44 12.92 -23.67
CA GLN D 135 -31.42 12.20 -24.94
C GLN D 135 -30.05 12.28 -25.59
N GLU D 136 -29.36 13.39 -25.36
CA GLU D 136 -28.01 13.57 -25.88
C GLU D 136 -27.05 12.57 -25.23
N VAL D 137 -27.18 12.41 -23.92
CA VAL D 137 -26.37 11.45 -23.19
C VAL D 137 -26.70 10.01 -23.59
N LEU D 138 -27.99 9.72 -23.72
CA LEU D 138 -28.44 8.39 -24.10
C LEU D 138 -27.99 7.99 -25.50
N LYS D 139 -28.00 8.95 -26.42
CA LYS D 139 -27.55 8.69 -27.78
C LYS D 139 -26.05 8.41 -27.80
N TRP D 140 -25.31 9.14 -26.98
CA TRP D 140 -23.86 8.97 -26.88
C TRP D 140 -23.53 7.59 -26.30
N LEU D 141 -24.23 7.21 -25.25
CA LEU D 141 -24.04 5.91 -24.62
C LEU D 141 -24.38 4.78 -25.59
N ALA D 142 -25.41 5.01 -26.42
CA ALA D 142 -25.84 4.03 -27.41
C ALA D 142 -24.76 3.82 -28.47
N LYS D 143 -24.03 4.88 -28.79
CA LYS D 143 -22.95 4.79 -29.77
C LYS D 143 -21.83 3.90 -29.25
N GLN D 144 -21.55 4.01 -27.95
CA GLN D 144 -20.49 3.23 -27.32
C GLN D 144 -20.85 1.75 -27.29
N VAL D 145 -22.15 1.47 -27.14
CA VAL D 145 -22.64 0.10 -27.10
C VAL D 145 -22.52 -0.57 -28.47
N GLY D 146 -22.80 0.18 -29.52
CA GLY D 146 -22.75 -0.32 -30.87
C GLY D 146 -24.08 -0.19 -31.59
N PHE D 147 -25.00 0.54 -30.97
CA PHE D 147 -26.31 0.80 -31.58
C PHE D 147 -26.20 2.01 -32.48
N THR D 148 -26.27 1.80 -33.79
CA THR D 148 -25.98 2.86 -34.76
C THR D 148 -27.16 3.27 -35.60
N GLU D 149 -28.22 2.45 -35.59
CA GLU D 149 -29.37 2.70 -36.46
C GLU D 149 -30.37 3.66 -35.84
N ASN D 150 -31.32 3.12 -35.07
CA ASN D 150 -32.36 3.94 -34.45
C ASN D 150 -32.57 3.54 -33.00
N PRO D 151 -31.60 3.87 -32.14
CA PRO D 151 -31.58 3.52 -30.71
C PRO D 151 -32.59 4.29 -29.89
N GLY D 152 -32.61 3.99 -28.58
CA GLY D 152 -33.49 4.67 -27.65
C GLY D 152 -33.14 4.26 -26.23
N GLY D 153 -33.59 5.03 -25.25
CA GLY D 153 -33.30 4.72 -23.87
C GLY D 153 -34.01 5.61 -22.87
N VAL D 154 -33.87 5.26 -21.59
CA VAL D 154 -34.48 6.02 -20.51
C VAL D 154 -33.63 5.92 -19.23
N PHE D 155 -33.48 7.04 -18.54
CA PHE D 155 -32.78 7.06 -17.27
C PHE D 155 -33.66 6.51 -16.15
N VAL D 156 -33.39 5.26 -15.75
CA VAL D 156 -34.17 4.63 -14.69
C VAL D 156 -33.46 4.77 -13.35
N SER D 157 -34.15 4.36 -12.28
CA SER D 157 -33.62 4.56 -10.92
C SER D 157 -32.49 3.58 -10.62
N GLY D 158 -32.68 2.32 -11.00
CA GLY D 158 -31.67 1.30 -10.78
C GLY D 158 -31.49 0.35 -11.96
N GLY D 159 -30.49 -0.50 -11.87
CA GLY D 159 -30.25 -1.51 -12.88
C GLY D 159 -31.26 -2.63 -12.81
N SER D 160 -31.84 -2.84 -11.63
CA SER D 160 -32.93 -3.79 -11.47
C SER D 160 -34.15 -3.32 -12.26
N MET D 161 -34.40 -2.02 -12.21
CA MET D 161 -35.49 -1.42 -12.98
C MET D 161 -35.12 -1.35 -14.46
N ALA D 162 -33.82 -1.28 -14.73
CA ALA D 162 -33.32 -1.30 -16.10
C ALA D 162 -33.58 -2.65 -16.75
N ASN D 163 -33.42 -3.71 -15.96
CA ASN D 163 -33.64 -5.06 -16.44
C ASN D 163 -35.12 -5.36 -16.69
N ILE D 164 -35.95 -4.95 -15.74
CA ILE D 164 -37.40 -5.16 -15.86
C ILE D 164 -37.96 -4.43 -17.08
N THR D 165 -37.44 -3.23 -17.35
CA THR D 165 -37.87 -2.47 -18.50
C THR D 165 -37.51 -3.17 -19.81
N ALA D 166 -36.26 -3.62 -19.91
CA ALA D 166 -35.78 -4.28 -21.10
C ALA D 166 -36.49 -5.63 -21.32
N LEU D 167 -36.64 -6.38 -20.24
CA LEU D 167 -37.26 -7.70 -20.31
C LEU D 167 -38.75 -7.61 -20.65
N THR D 168 -39.37 -6.50 -20.25
CA THR D 168 -40.77 -6.28 -20.57
C THR D 168 -40.95 -6.06 -22.06
N ALA D 169 -40.03 -5.29 -22.65
CA ALA D 169 -40.04 -5.07 -24.09
C ALA D 169 -39.78 -6.36 -24.84
N ALA D 170 -38.92 -7.21 -24.28
CA ALA D 170 -38.60 -8.50 -24.87
C ALA D 170 -39.83 -9.41 -24.89
N ARG D 171 -40.56 -9.43 -23.78
CA ARG D 171 -41.75 -10.26 -23.67
C ARG D 171 -42.83 -9.84 -24.67
N ASP D 172 -43.08 -8.54 -24.76
CA ASP D 172 -44.14 -8.02 -25.61
C ASP D 172 -43.76 -8.09 -27.08
N ASN D 173 -42.48 -8.22 -27.35
CA ASN D 173 -41.98 -8.28 -28.72
C ASN D 173 -42.01 -9.70 -29.29
N LYS D 174 -41.82 -10.69 -28.43
CA LYS D 174 -41.68 -12.08 -28.85
C LYS D 174 -42.91 -12.92 -28.50
N LEU D 175 -43.78 -12.39 -27.64
CA LEU D 175 -44.96 -13.13 -27.20
C LEU D 175 -46.23 -12.31 -27.37
N THR D 176 -47.37 -12.99 -27.33
CA THR D 176 -48.66 -12.33 -27.44
C THR D 176 -49.49 -12.52 -26.17
N ASP D 177 -50.68 -11.94 -26.15
CA ASP D 177 -51.56 -12.01 -24.99
C ASP D 177 -52.18 -13.40 -24.85
N ILE D 178 -51.87 -14.28 -25.80
CA ILE D 178 -52.48 -15.59 -25.85
C ILE D 178 -51.48 -16.70 -25.54
N ASN D 179 -50.20 -16.44 -25.81
CA ASN D 179 -49.17 -17.46 -25.65
C ASN D 179 -48.04 -17.07 -24.68
N LEU D 180 -48.16 -15.92 -24.03
CA LEU D 180 -47.07 -15.39 -23.22
C LEU D 180 -46.79 -16.23 -21.97
N HIS D 181 -47.72 -17.11 -21.61
CA HIS D 181 -47.53 -17.96 -20.44
C HIS D 181 -46.71 -19.20 -20.78
N LEU D 182 -46.28 -19.31 -22.03
CA LEU D 182 -45.44 -20.41 -22.47
C LEU D 182 -44.01 -19.95 -22.69
N GLY D 183 -43.75 -18.68 -22.40
CA GLY D 183 -42.43 -18.11 -22.61
C GLY D 183 -41.41 -18.61 -21.62
N THR D 184 -40.21 -18.92 -22.11
CA THR D 184 -39.11 -19.35 -21.26
C THR D 184 -37.91 -18.42 -21.39
N ALA D 185 -37.27 -18.14 -20.26
CA ALA D 185 -36.10 -17.26 -20.24
C ALA D 185 -34.86 -18.04 -19.82
N TYR D 186 -33.70 -17.54 -20.21
CA TYR D 186 -32.45 -18.26 -19.96
C TYR D 186 -31.36 -17.38 -19.37
N ILE D 187 -30.85 -17.79 -18.21
CA ILE D 187 -29.78 -17.09 -17.52
C ILE D 187 -28.67 -18.06 -17.16
N SER D 188 -27.69 -17.59 -16.40
CA SER D 188 -26.62 -18.45 -15.90
C SER D 188 -26.66 -18.49 -14.37
N ASP D 189 -25.84 -19.34 -13.78
CA ASP D 189 -25.79 -19.44 -12.32
C ASP D 189 -25.01 -18.28 -11.73
N GLN D 190 -24.46 -17.44 -12.60
CA GLN D 190 -23.72 -16.26 -12.16
C GLN D 190 -24.48 -14.97 -12.47
N THR D 191 -25.58 -15.10 -13.20
CA THR D 191 -26.45 -13.97 -13.48
C THR D 191 -26.99 -13.38 -12.18
N HIS D 192 -27.10 -12.05 -12.13
CA HIS D 192 -27.55 -11.37 -10.92
C HIS D 192 -28.99 -11.73 -10.58
N SER D 193 -29.31 -11.76 -9.29
CA SER D 193 -30.61 -12.19 -8.81
C SER D 193 -31.75 -11.32 -9.32
N SER D 194 -31.45 -10.05 -9.63
CA SER D 194 -32.48 -9.11 -10.03
C SER D 194 -33.07 -9.48 -11.39
N VAL D 195 -32.34 -10.29 -12.15
CA VAL D 195 -32.80 -10.71 -13.47
C VAL D 195 -33.95 -11.69 -13.36
N ALA D 196 -33.77 -12.75 -12.56
CA ALA D 196 -34.82 -13.72 -12.35
C ALA D 196 -35.97 -13.09 -11.58
N LYS D 197 -35.63 -12.18 -10.67
CA LYS D 197 -36.62 -11.45 -9.90
C LYS D 197 -37.47 -10.58 -10.82
N GLY D 198 -36.82 -9.99 -11.82
CA GLY D 198 -37.51 -9.18 -12.80
C GLY D 198 -38.41 -10.01 -13.70
N LEU D 199 -37.94 -11.20 -14.05
CA LEU D 199 -38.72 -12.12 -14.86
C LEU D 199 -39.98 -12.58 -14.13
N ARG D 200 -39.84 -12.88 -12.84
CA ARG D 200 -40.99 -13.29 -12.04
C ARG D 200 -42.02 -12.18 -11.94
N ILE D 201 -41.54 -10.94 -11.88
CA ILE D 201 -42.43 -9.79 -11.77
C ILE D 201 -43.28 -9.62 -13.03
N ILE D 202 -42.66 -9.82 -14.19
CA ILE D 202 -43.36 -9.65 -15.46
C ILE D 202 -44.11 -10.91 -15.90
N GLY D 203 -44.23 -11.87 -14.98
CA GLY D 203 -45.08 -13.03 -15.23
C GLY D 203 -44.40 -14.34 -15.60
N ILE D 204 -43.08 -14.30 -15.75
CA ILE D 204 -42.33 -15.53 -16.07
C ILE D 204 -42.02 -16.31 -14.80
N THR D 205 -42.75 -17.40 -14.59
CA THR D 205 -42.59 -18.21 -13.38
C THR D 205 -41.23 -18.91 -13.33
N ASP D 206 -40.83 -19.36 -12.15
CA ASP D 206 -39.56 -20.04 -11.96
C ASP D 206 -39.46 -21.30 -12.79
N SER D 207 -40.61 -21.93 -13.05
CA SER D 207 -40.65 -23.17 -13.81
C SER D 207 -40.32 -22.94 -15.28
N ARG D 208 -40.25 -21.66 -15.67
CA ARG D 208 -39.92 -21.31 -17.05
C ARG D 208 -38.68 -20.42 -17.12
N ILE D 209 -37.87 -20.45 -16.06
CA ILE D 209 -36.57 -19.79 -16.06
C ILE D 209 -35.46 -20.83 -15.97
N ARG D 210 -34.65 -20.90 -17.01
CA ARG D 210 -33.58 -21.90 -17.08
C ARG D 210 -32.25 -21.33 -16.60
N ARG D 211 -31.67 -21.96 -15.59
CA ARG D 211 -30.38 -21.53 -15.06
C ARG D 211 -29.27 -22.42 -15.59
N ILE D 212 -28.57 -21.93 -16.61
CA ILE D 212 -27.52 -22.68 -17.27
C ILE D 212 -26.21 -22.60 -16.49
N PRO D 213 -25.55 -23.76 -16.31
CA PRO D 213 -24.24 -23.84 -15.66
C PRO D 213 -23.20 -22.97 -16.36
N THR D 214 -22.17 -22.56 -15.61
CA THR D 214 -21.10 -21.76 -16.18
C THR D 214 -19.78 -22.55 -16.17
N ASN D 215 -18.86 -22.18 -17.04
CA ASN D 215 -17.55 -22.83 -17.09
C ASN D 215 -16.68 -22.47 -15.88
N SER D 216 -15.40 -22.77 -15.98
CA SER D 216 -14.46 -22.48 -14.90
C SER D 216 -14.18 -20.99 -14.81
N HIS D 217 -14.42 -20.28 -15.91
CA HIS D 217 -14.23 -18.84 -15.96
C HIS D 217 -15.52 -18.11 -15.62
N PHE D 218 -16.49 -18.87 -15.11
CA PHE D 218 -17.78 -18.32 -14.70
C PHE D 218 -18.52 -17.67 -15.86
N GLN D 219 -18.37 -18.26 -17.04
CA GLN D 219 -19.08 -17.82 -18.23
C GLN D 219 -20.18 -18.83 -18.58
N MET D 220 -21.28 -18.34 -19.14
CA MET D 220 -22.39 -19.21 -19.48
C MET D 220 -21.99 -20.26 -20.51
N ASP D 221 -22.32 -21.51 -20.23
CA ASP D 221 -22.07 -22.62 -21.14
C ASP D 221 -23.04 -22.56 -22.31
N THR D 222 -22.57 -22.06 -23.46
CA THR D 222 -23.42 -21.87 -24.62
C THR D 222 -23.86 -23.20 -25.23
N THR D 223 -23.12 -24.26 -24.93
CA THR D 223 -23.47 -25.59 -25.39
C THR D 223 -24.67 -26.12 -24.63
N LYS D 224 -24.64 -25.93 -23.31
CA LYS D 224 -25.75 -26.33 -22.44
C LYS D 224 -26.94 -25.38 -22.61
N LEU D 225 -26.65 -24.15 -23.02
CA LEU D 225 -27.69 -23.18 -23.30
C LEU D 225 -28.57 -23.62 -24.47
N GLU D 226 -27.92 -23.99 -25.57
CA GLU D 226 -28.63 -24.39 -26.78
C GLU D 226 -29.48 -25.65 -26.57
N GLU D 227 -28.92 -26.63 -25.87
CA GLU D 227 -29.62 -27.90 -25.66
C GLU D 227 -30.82 -27.70 -24.75
N ALA D 228 -30.74 -26.70 -23.88
CA ALA D 228 -31.87 -26.34 -23.02
C ALA D 228 -32.96 -25.68 -23.85
N ILE D 229 -32.55 -24.83 -24.78
CA ILE D 229 -33.47 -24.16 -25.68
C ILE D 229 -34.22 -25.15 -26.57
N GLU D 230 -33.47 -26.06 -27.18
CA GLU D 230 -34.06 -27.09 -28.05
C GLU D 230 -35.05 -27.95 -27.27
N THR D 231 -34.68 -28.31 -26.05
CA THR D 231 -35.52 -29.14 -25.21
C THR D 231 -36.85 -28.44 -24.90
N ASP D 232 -36.77 -27.20 -24.45
CA ASP D 232 -37.96 -26.44 -24.11
C ASP D 232 -38.84 -26.22 -25.33
N LYS D 233 -38.22 -25.94 -26.47
CA LYS D 233 -38.95 -25.71 -27.71
C LYS D 233 -39.64 -26.99 -28.17
N LYS D 234 -38.96 -28.11 -28.02
CA LYS D 234 -39.53 -29.40 -28.38
C LYS D 234 -40.67 -29.76 -27.45
N SER D 235 -40.56 -29.31 -26.19
CA SER D 235 -41.57 -29.59 -25.19
C SER D 235 -42.86 -28.84 -25.46
N GLY D 236 -42.76 -27.73 -26.19
CA GLY D 236 -43.92 -26.91 -26.50
C GLY D 236 -43.82 -25.50 -25.95
N TYR D 237 -42.74 -25.22 -25.22
CA TYR D 237 -42.51 -23.88 -24.71
C TYR D 237 -42.04 -22.95 -25.83
N ILE D 238 -42.03 -21.65 -25.55
CA ILE D 238 -41.55 -20.67 -26.51
C ILE D 238 -40.40 -19.84 -25.92
N PRO D 239 -39.16 -20.27 -26.20
CA PRO D 239 -37.96 -19.55 -25.76
C PRO D 239 -37.91 -18.16 -26.39
N PHE D 240 -37.88 -17.11 -25.59
CA PHE D 240 -38.00 -15.76 -26.13
C PHE D 240 -36.89 -14.81 -25.73
N VAL D 241 -36.11 -15.16 -24.71
CA VAL D 241 -35.03 -14.27 -24.29
C VAL D 241 -33.87 -14.98 -23.58
N VAL D 242 -32.66 -14.55 -23.93
CA VAL D 242 -31.46 -14.98 -23.22
C VAL D 242 -30.78 -13.77 -22.58
N ILE D 243 -30.47 -13.86 -21.29
CA ILE D 243 -29.81 -12.77 -20.61
C ILE D 243 -28.32 -13.02 -20.44
N GLY D 244 -27.52 -12.38 -21.29
CA GLY D 244 -26.08 -12.45 -21.16
C GLY D 244 -25.59 -11.34 -20.26
N THR D 245 -24.53 -11.60 -19.51
CA THR D 245 -24.00 -10.61 -18.56
C THR D 245 -22.61 -10.12 -18.96
N ALA D 246 -22.44 -8.81 -18.96
CA ALA D 246 -21.14 -8.21 -19.22
C ALA D 246 -20.58 -7.59 -17.94
N GLY D 247 -19.94 -8.42 -17.13
CA GLY D 247 -19.41 -7.98 -15.85
C GLY D 247 -20.20 -8.58 -14.71
N THR D 248 -20.04 -9.88 -14.49
CA THR D 248 -20.72 -10.60 -13.42
C THR D 248 -20.48 -9.97 -12.05
N THR D 249 -21.52 -9.97 -11.23
CA THR D 249 -21.45 -9.39 -9.89
C THR D 249 -20.37 -10.04 -9.02
N ASN D 250 -20.23 -11.34 -9.15
CA ASN D 250 -19.26 -12.09 -8.34
C ASN D 250 -17.82 -11.91 -8.82
N THR D 251 -17.54 -12.35 -10.04
CA THR D 251 -16.17 -12.39 -10.53
C THR D 251 -15.89 -11.36 -11.61
N GLY D 252 -16.95 -10.81 -12.20
CA GLY D 252 -16.80 -9.82 -13.25
C GLY D 252 -16.56 -10.47 -14.60
N SER D 253 -17.02 -11.70 -14.76
CA SER D 253 -16.84 -12.43 -16.01
C SER D 253 -17.79 -11.92 -17.08
N ILE D 254 -17.47 -12.23 -18.33
CA ILE D 254 -18.28 -11.79 -19.46
C ILE D 254 -18.75 -12.97 -20.30
N ASP D 255 -20.06 -13.14 -20.40
CA ASP D 255 -20.63 -14.21 -21.20
C ASP D 255 -20.25 -14.07 -22.68
N PRO D 256 -20.18 -15.21 -23.40
CA PRO D 256 -19.87 -15.23 -24.83
C PRO D 256 -20.93 -14.48 -25.64
N LEU D 257 -20.80 -13.17 -25.71
CA LEU D 257 -21.81 -12.32 -26.36
C LEU D 257 -22.10 -12.72 -27.80
N THR D 258 -21.04 -12.95 -28.58
CA THR D 258 -21.19 -13.31 -29.98
C THR D 258 -21.89 -14.65 -30.16
N GLU D 259 -21.45 -15.65 -29.41
CA GLU D 259 -22.05 -16.99 -29.50
C GLU D 259 -23.51 -16.98 -29.07
N ILE D 260 -23.83 -16.23 -28.02
CA ILE D 260 -25.18 -16.15 -27.52
C ILE D 260 -26.10 -15.44 -28.51
N SER D 261 -25.59 -14.39 -29.14
CA SER D 261 -26.33 -13.66 -30.16
C SER D 261 -26.65 -14.57 -31.35
N ALA D 262 -25.68 -15.41 -31.71
CA ALA D 262 -25.85 -16.35 -32.81
C ALA D 262 -27.00 -17.30 -32.55
N LEU D 263 -27.09 -17.79 -31.32
CA LEU D 263 -28.16 -18.70 -30.93
C LEU D 263 -29.52 -17.98 -30.95
N CYS D 264 -29.53 -16.73 -30.49
CA CYS D 264 -30.75 -15.94 -30.45
C CYS D 264 -31.32 -15.71 -31.84
N LYS D 265 -30.45 -15.38 -32.79
CA LYS D 265 -30.87 -15.16 -34.17
C LYS D 265 -31.38 -16.46 -34.78
N LYS D 266 -30.72 -17.57 -34.41
CA LYS D 266 -31.09 -18.88 -34.92
C LYS D 266 -32.48 -19.28 -34.44
N HIS D 267 -32.80 -18.93 -33.20
CA HIS D 267 -34.04 -19.37 -32.57
C HIS D 267 -35.04 -18.23 -32.36
N ASP D 268 -34.82 -17.12 -33.04
CA ASP D 268 -35.74 -15.98 -32.99
C ASP D 268 -35.98 -15.53 -31.55
N MET D 269 -34.90 -15.28 -30.82
CA MET D 269 -35.01 -14.87 -29.43
C MET D 269 -34.44 -13.47 -29.22
N TRP D 270 -34.86 -12.84 -28.13
CA TRP D 270 -34.38 -11.51 -27.77
C TRP D 270 -33.07 -11.64 -26.99
N PHE D 271 -32.07 -10.85 -27.36
CA PHE D 271 -30.80 -10.85 -26.65
C PHE D 271 -30.66 -9.62 -25.77
N HIS D 272 -30.68 -9.83 -24.46
CA HIS D 272 -30.50 -8.75 -23.52
C HIS D 272 -29.16 -8.89 -22.78
N ILE D 273 -28.35 -7.84 -22.84
CA ILE D 273 -27.10 -7.84 -22.10
C ILE D 273 -27.25 -7.06 -20.80
N ASP D 274 -27.03 -7.76 -19.68
CA ASP D 274 -27.03 -7.14 -18.37
C ASP D 274 -25.64 -6.56 -18.08
N GLY D 275 -25.46 -5.29 -18.43
CA GLY D 275 -24.20 -4.60 -18.25
C GLY D 275 -24.27 -3.49 -17.22
N ALA D 276 -25.05 -3.71 -16.17
CA ALA D 276 -25.22 -2.73 -15.11
C ALA D 276 -23.87 -2.24 -14.58
N TYR D 277 -22.91 -3.15 -14.49
CA TYR D 277 -21.59 -2.83 -13.98
C TYR D 277 -20.56 -2.66 -15.12
N GLY D 278 -20.43 -3.69 -15.94
CA GLY D 278 -19.35 -3.77 -16.91
C GLY D 278 -19.51 -2.95 -18.18
N ALA D 279 -20.67 -2.36 -18.39
CA ALA D 279 -20.91 -1.59 -19.60
C ALA D 279 -20.06 -0.33 -19.65
N SER D 280 -19.62 0.13 -18.47
CA SER D 280 -18.82 1.34 -18.37
C SER D 280 -17.43 1.14 -18.95
N VAL D 281 -17.03 -0.12 -19.11
CA VAL D 281 -15.73 -0.44 -19.67
C VAL D 281 -15.62 0.03 -21.11
N LEU D 282 -16.76 0.26 -21.75
CA LEU D 282 -16.80 0.76 -23.12
C LEU D 282 -16.19 2.16 -23.24
N LEU D 283 -16.06 2.85 -22.10
CA LEU D 283 -15.46 4.18 -22.09
CA LEU D 283 -15.46 4.18 -22.09
C LEU D 283 -13.95 4.12 -21.90
N SER D 284 -13.43 2.91 -21.72
CA SER D 284 -12.00 2.71 -21.56
C SER D 284 -11.34 2.29 -22.87
N PRO D 285 -10.48 3.15 -23.43
CA PRO D 285 -9.76 2.85 -24.67
C PRO D 285 -8.96 1.54 -24.57
N LYS D 286 -8.44 1.26 -23.39
CA LYS D 286 -7.62 0.07 -23.17
C LYS D 286 -8.42 -1.23 -23.11
N TYR D 287 -9.56 -1.21 -22.42
CA TYR D 287 -10.29 -2.44 -22.11
C TYR D 287 -11.64 -2.59 -22.83
N LYS D 288 -11.99 -1.63 -23.67
CA LYS D 288 -13.28 -1.67 -24.38
C LYS D 288 -13.45 -2.90 -25.25
N SER D 289 -12.33 -3.50 -25.64
CA SER D 289 -12.35 -4.68 -26.51
C SER D 289 -12.97 -5.89 -25.81
N LEU D 290 -12.88 -5.90 -24.48
CA LEU D 290 -13.43 -7.01 -23.69
C LEU D 290 -14.93 -7.18 -23.90
N LEU D 291 -15.60 -6.09 -24.24
CA LEU D 291 -17.05 -6.10 -24.43
C LEU D 291 -17.43 -6.17 -25.91
N THR D 292 -16.66 -6.89 -26.70
CA THR D 292 -16.94 -7.04 -28.12
C THR D 292 -18.23 -7.84 -28.34
N GLY D 293 -19.16 -7.25 -29.08
CA GLY D 293 -20.41 -7.93 -29.40
C GLY D 293 -21.63 -7.33 -28.72
N THR D 294 -21.43 -6.27 -27.96
CA THR D 294 -22.54 -5.62 -27.26
C THR D 294 -23.55 -5.03 -28.24
N GLY D 295 -23.08 -4.65 -29.42
CA GLY D 295 -23.94 -4.09 -30.45
C GLY D 295 -24.90 -5.11 -31.04
N LEU D 296 -24.62 -6.39 -30.80
CA LEU D 296 -25.46 -7.47 -31.31
C LEU D 296 -26.71 -7.66 -30.47
N ALA D 297 -26.70 -7.11 -29.26
CA ALA D 297 -27.83 -7.26 -28.35
C ALA D 297 -29.01 -6.40 -28.79
N ASP D 298 -30.20 -6.77 -28.35
CA ASP D 298 -31.40 -6.00 -28.64
C ASP D 298 -31.64 -4.96 -27.55
N SER D 299 -31.08 -5.22 -26.38
CA SER D 299 -31.19 -4.29 -25.25
C SER D 299 -30.02 -4.49 -24.29
N ILE D 300 -29.70 -3.44 -23.53
CA ILE D 300 -28.60 -3.51 -22.57
C ILE D 300 -28.81 -2.56 -21.39
N SER D 301 -28.50 -3.03 -20.20
CA SER D 301 -28.60 -2.20 -19.00
C SER D 301 -27.23 -1.61 -18.66
N TRP D 302 -27.24 -0.52 -17.89
CA TRP D 302 -26.01 0.21 -17.61
C TRP D 302 -26.22 1.19 -16.44
N ASP D 303 -25.58 0.90 -15.31
CA ASP D 303 -25.73 1.72 -14.12
C ASP D 303 -24.64 2.78 -14.01
N ALA D 304 -25.06 4.04 -13.86
CA ALA D 304 -24.13 5.15 -13.77
C ALA D 304 -23.66 5.36 -12.33
N HIS D 305 -24.49 4.98 -11.37
CA HIS D 305 -24.13 5.11 -9.97
C HIS D 305 -23.16 4.00 -9.56
N LYS D 306 -22.68 3.24 -10.56
CA LYS D 306 -21.67 2.23 -10.33
C LYS D 306 -20.30 2.70 -10.81
N TRP D 307 -20.02 2.48 -12.09
CA TRP D 307 -18.71 2.77 -12.65
C TRP D 307 -18.73 4.02 -13.51
N LEU D 308 -19.77 4.83 -13.36
CA LEU D 308 -19.79 6.16 -13.97
C LEU D 308 -19.76 7.23 -12.90
N PHE D 309 -19.51 6.80 -11.67
CA PHE D 309 -19.26 7.70 -10.55
C PHE D 309 -20.40 8.68 -10.32
N GLN D 310 -21.62 8.16 -10.22
CA GLN D 310 -22.78 8.97 -9.90
C GLN D 310 -23.37 8.55 -8.57
N THR D 311 -24.23 9.40 -8.01
CA THR D 311 -24.92 9.06 -6.77
C THR D 311 -26.18 8.27 -7.07
N TYR D 312 -26.61 7.46 -6.12
CA TYR D 312 -27.85 6.70 -6.26
C TYR D 312 -29.03 7.66 -6.39
N GLY D 313 -29.89 7.43 -7.39
CA GLY D 313 -29.70 6.36 -8.34
C GLY D 313 -29.85 6.84 -9.78
N CYS D 314 -28.95 6.39 -10.64
CA CYS D 314 -28.95 6.83 -12.03
C CYS D 314 -28.50 5.70 -12.96
N ALA D 315 -29.46 4.96 -13.50
CA ALA D 315 -29.15 3.83 -14.36
C ALA D 315 -29.82 4.02 -15.72
N MET D 316 -29.27 3.35 -16.73
CA MET D 316 -29.78 3.47 -18.09
C MET D 316 -30.15 2.12 -18.68
N VAL D 317 -31.18 2.11 -19.51
CA VAL D 317 -31.51 0.95 -20.33
C VAL D 317 -31.54 1.38 -21.79
N LEU D 318 -30.84 0.64 -22.64
CA LEU D 318 -30.75 1.00 -24.05
C LEU D 318 -31.24 -0.12 -24.95
N VAL D 319 -32.08 0.22 -25.92
CA VAL D 319 -32.57 -0.75 -26.88
C VAL D 319 -32.11 -0.39 -28.29
N LYS D 320 -31.88 -1.40 -29.11
CA LYS D 320 -31.40 -1.19 -30.48
C LYS D 320 -32.50 -0.54 -31.33
N ASP D 321 -33.74 -0.91 -31.06
CA ASP D 321 -34.88 -0.35 -31.77
C ASP D 321 -35.84 0.30 -30.78
N ILE D 322 -35.91 1.63 -30.79
CA ILE D 322 -36.70 2.37 -29.81
C ILE D 322 -38.19 2.05 -29.94
N ARG D 323 -38.57 1.55 -31.11
CA ARG D 323 -39.96 1.18 -31.38
C ARG D 323 -40.45 0.12 -30.40
N ASN D 324 -39.53 -0.71 -29.92
CA ASN D 324 -39.87 -1.79 -29.00
C ASN D 324 -40.22 -1.28 -27.60
N LEU D 325 -39.59 -0.18 -27.19
CA LEU D 325 -39.88 0.42 -25.89
C LEU D 325 -41.22 1.14 -25.92
N PHE D 326 -41.53 1.75 -27.07
CA PHE D 326 -42.77 2.48 -27.24
C PHE D 326 -43.96 1.53 -27.27
N HIS D 327 -43.76 0.33 -27.82
CA HIS D 327 -44.82 -0.65 -27.96
C HIS D 327 -45.27 -1.18 -26.60
N SER D 328 -44.33 -1.25 -25.66
CA SER D 328 -44.61 -1.86 -24.36
C SER D 328 -45.14 -0.87 -23.32
N PHE D 329 -44.86 0.42 -23.52
CA PHE D 329 -45.10 1.39 -22.45
C PHE D 329 -45.90 2.63 -22.87
N HIS D 330 -46.31 2.70 -24.13
CA HIS D 330 -47.01 3.91 -24.61
C HIS D 330 -48.45 3.96 -24.10
N VAL D 331 -48.89 5.16 -23.73
CA VAL D 331 -50.24 5.38 -23.24
C VAL D 331 -50.82 6.68 -23.80
N ASN D 332 -52.14 6.76 -23.86
CA ASN D 332 -52.81 7.95 -24.37
C ASN D 332 -53.96 8.38 -23.47
N PRO D 333 -53.64 8.79 -22.24
CA PRO D 333 -54.66 9.26 -21.28
C PRO D 333 -55.32 10.56 -21.72
N GLU D 334 -56.27 11.04 -20.93
CA GLU D 334 -57.12 12.16 -21.31
C GLU D 334 -56.49 13.52 -21.04
N TYR D 335 -55.58 13.58 -20.06
CA TYR D 335 -55.05 14.85 -19.58
C TYR D 335 -53.87 15.37 -20.39
N LEU D 336 -53.64 14.79 -21.56
CA LEU D 336 -52.51 15.18 -22.41
C LEU D 336 -52.68 14.62 -23.82
N LYS D 337 -52.62 15.44 -24.86
CA LYS D 337 -52.37 16.90 -24.84
C LYS D 337 -50.92 17.27 -24.54
N ASP D 338 -50.10 16.29 -24.17
CA ASP D 338 -48.66 16.52 -24.02
C ASP D 338 -47.90 15.80 -25.13
N LEU D 339 -48.62 15.48 -26.20
CA LEU D 339 -48.05 14.85 -27.38
C LEU D 339 -48.52 15.59 -28.64
N GLU D 340 -47.72 15.54 -29.70
CA GLU D 340 -46.45 14.83 -29.69
C GLU D 340 -45.28 15.81 -29.67
N ASP D 344 -41.62 9.95 -32.95
CA ASP D 344 -41.38 11.36 -33.24
C ASP D 344 -40.60 12.03 -32.13
N ASN D 345 -41.29 12.80 -31.30
CA ASN D 345 -40.69 13.43 -30.13
C ASN D 345 -41.20 12.77 -28.85
N VAL D 346 -40.71 11.57 -28.59
CA VAL D 346 -41.23 10.72 -27.53
C VAL D 346 -41.02 11.25 -26.12
N ASN D 347 -42.08 11.26 -25.33
CA ASN D 347 -41.97 11.43 -23.89
C ASN D 347 -41.39 10.16 -23.29
N THR D 348 -40.62 10.28 -22.21
CA THR D 348 -39.99 9.10 -21.63
C THR D 348 -40.95 8.36 -20.69
N TRP D 349 -42.21 8.77 -20.68
CA TRP D 349 -43.24 8.00 -19.99
C TRP D 349 -43.91 7.06 -20.99
N ASP D 350 -43.69 7.33 -22.28
CA ASP D 350 -44.21 6.48 -23.35
C ASP D 350 -43.29 5.28 -23.55
N ILE D 351 -42.11 5.32 -22.95
CA ILE D 351 -41.16 4.22 -23.05
C ILE D 351 -40.91 3.57 -21.69
N GLY D 352 -41.78 3.90 -20.73
CA GLY D 352 -41.87 3.19 -19.47
C GLY D 352 -40.67 3.25 -18.54
N MET D 353 -40.88 2.79 -17.31
CA MET D 353 -42.21 2.35 -16.90
C MET D 353 -42.78 3.27 -15.81
N GLU D 354 -42.16 4.43 -15.66
CA GLU D 354 -42.67 5.44 -14.74
C GLU D 354 -43.15 6.65 -15.53
N LEU D 355 -43.92 7.52 -14.87
CA LEU D 355 -44.51 8.66 -15.54
C LEU D 355 -43.86 9.96 -15.07
N THR D 356 -43.83 10.18 -13.76
CA THR D 356 -43.11 11.33 -13.20
C THR D 356 -41.70 10.91 -12.84
N ARG D 357 -40.73 11.69 -13.26
CA ARG D 357 -39.32 11.36 -13.07
C ARG D 357 -38.53 12.62 -12.78
N PRO D 358 -37.52 12.51 -11.90
CA PRO D 358 -36.58 13.62 -11.76
C PRO D 358 -35.53 13.54 -12.85
N ALA D 359 -34.91 14.66 -13.20
CA ALA D 359 -33.92 14.66 -14.27
C ALA D 359 -32.66 13.91 -13.83
N ARG D 360 -32.78 12.58 -13.76
CA ARG D 360 -31.69 11.74 -13.28
C ARG D 360 -30.44 11.87 -14.15
N GLY D 361 -30.64 11.99 -15.46
CA GLY D 361 -29.54 12.02 -16.39
C GLY D 361 -28.77 13.31 -16.40
N LEU D 362 -29.38 14.37 -15.85
CA LEU D 362 -28.77 15.69 -15.86
C LEU D 362 -27.46 15.73 -15.06
N LYS D 363 -27.44 15.04 -13.93
CA LYS D 363 -26.23 15.01 -13.10
C LYS D 363 -25.11 14.24 -13.79
N LEU D 364 -25.49 13.32 -14.68
CA LEU D 364 -24.51 12.57 -15.45
C LEU D 364 -23.94 13.46 -16.55
N TRP D 365 -24.78 14.33 -17.11
CA TRP D 365 -24.35 15.30 -18.09
C TRP D 365 -23.33 16.25 -17.48
N LEU D 366 -23.65 16.76 -16.29
CA LEU D 366 -22.78 17.68 -15.57
C LEU D 366 -21.39 17.08 -15.35
N THR D 367 -21.36 15.80 -14.98
CA THR D 367 -20.10 15.11 -14.73
C THR D 367 -19.29 14.94 -16.01
N LEU D 368 -19.98 14.60 -17.10
CA LEU D 368 -19.33 14.41 -18.40
C LEU D 368 -18.72 15.71 -18.91
N GLN D 369 -19.38 16.82 -18.61
CA GLN D 369 -18.92 18.12 -19.08
C GLN D 369 -17.73 18.65 -18.27
N VAL D 370 -17.81 18.50 -16.96
CA VAL D 370 -16.78 19.01 -16.06
C VAL D 370 -15.51 18.16 -16.08
N LEU D 371 -15.67 16.83 -16.11
CA LEU D 371 -14.53 15.93 -16.06
C LEU D 371 -14.02 15.51 -17.44
N GLY D 372 -14.94 15.29 -18.37
CA GLY D 372 -14.57 14.82 -19.70
C GLY D 372 -14.56 13.31 -19.80
N SER D 373 -14.73 12.80 -21.03
CA SER D 373 -14.80 11.36 -21.24
C SER D 373 -13.44 10.67 -21.08
N ASP D 374 -12.37 11.42 -21.33
CA ASP D 374 -11.02 10.87 -21.21
C ASP D 374 -10.68 10.56 -19.76
N LEU D 375 -10.95 11.51 -18.87
CA LEU D 375 -10.66 11.33 -17.46
C LEU D 375 -11.49 10.20 -16.85
N ILE D 376 -12.76 10.14 -17.23
CA ILE D 376 -13.66 9.11 -16.72
C ILE D 376 -13.21 7.73 -17.17
N GLY D 377 -12.75 7.65 -18.42
CA GLY D 377 -12.24 6.39 -18.97
C GLY D 377 -11.03 5.92 -18.21
N SER D 378 -10.15 6.84 -17.86
CA SER D 378 -8.91 6.50 -17.15
C SER D 378 -9.20 6.13 -15.70
N ALA D 379 -10.19 6.81 -15.11
CA ALA D 379 -10.59 6.52 -13.73
C ALA D 379 -11.15 5.11 -13.64
N ILE D 380 -11.80 4.66 -14.72
CA ILE D 380 -12.31 3.30 -14.79
C ILE D 380 -11.15 2.31 -14.90
N GLU D 381 -10.16 2.67 -15.70
CA GLU D 381 -8.97 1.85 -15.89
C GLU D 381 -8.19 1.70 -14.58
N HIS D 382 -8.29 2.71 -13.72
CA HIS D 382 -7.64 2.66 -12.42
C HIS D 382 -8.22 1.53 -11.57
N GLY D 383 -9.48 1.21 -11.79
CA GLY D 383 -10.14 0.13 -11.08
C GLY D 383 -9.51 -1.20 -11.41
N PHE D 384 -9.21 -1.42 -12.68
CA PHE D 384 -8.49 -2.60 -13.13
C PHE D 384 -7.17 -2.75 -12.40
N GLN D 385 -6.44 -1.65 -12.28
CA GLN D 385 -5.11 -1.64 -11.66
C GLN D 385 -5.18 -1.97 -10.18
N LEU D 386 -6.22 -1.49 -9.51
CA LEU D 386 -6.40 -1.72 -8.09
C LEU D 386 -6.55 -3.20 -7.79
N ALA D 387 -7.26 -3.91 -8.67
CA ALA D 387 -7.47 -5.34 -8.50
C ALA D 387 -6.19 -6.11 -8.80
N VAL D 388 -5.45 -5.65 -9.81
CA VAL D 388 -4.19 -6.29 -10.18
C VAL D 388 -3.16 -6.16 -9.07
N TRP D 389 -3.13 -4.99 -8.43
CA TRP D 389 -2.22 -4.76 -7.31
C TRP D 389 -2.57 -5.67 -6.14
N ALA D 390 -3.87 -5.94 -5.96
CA ALA D 390 -4.33 -6.83 -4.91
C ALA D 390 -3.85 -8.26 -5.16
N GLU D 391 -3.85 -8.67 -6.43
CA GLU D 391 -3.42 -10.01 -6.81
C GLU D 391 -1.92 -10.18 -6.66
N GLU D 392 -1.18 -9.15 -7.06
CA GLU D 392 0.29 -9.17 -6.98
C GLU D 392 0.75 -9.28 -5.53
N ALA D 393 -0.04 -8.73 -4.62
CA ALA D 393 0.28 -8.77 -3.20
C ALA D 393 -0.12 -10.11 -2.58
N LEU D 394 -1.02 -10.83 -3.25
CA LEU D 394 -1.53 -12.10 -2.74
C LEU D 394 -0.69 -13.30 -3.18
N ASN D 395 -0.15 -13.22 -4.40
CA ASN D 395 0.57 -14.35 -4.99
C ASN D 395 1.70 -14.93 -4.14
N PRO D 396 2.59 -14.07 -3.60
CA PRO D 396 3.73 -14.58 -2.83
C PRO D 396 3.36 -15.08 -1.45
N LYS D 397 2.24 -14.62 -0.91
CA LYS D 397 1.83 -15.01 0.44
C LYS D 397 1.34 -16.46 0.51
N LYS D 398 1.77 -17.16 1.55
CA LYS D 398 1.47 -18.58 1.72
C LYS D 398 0.03 -18.88 2.08
N ASP D 399 -0.47 -20.00 1.57
CA ASP D 399 -1.81 -20.49 1.89
C ASP D 399 -2.91 -19.54 1.44
N TRP D 400 -2.55 -18.51 0.70
CA TRP D 400 -3.54 -17.60 0.12
C TRP D 400 -3.85 -18.01 -1.30
N GLU D 401 -5.12 -18.33 -1.53
CA GLU D 401 -5.57 -18.92 -2.78
C GLU D 401 -6.41 -17.96 -3.60
N ILE D 402 -6.07 -17.81 -4.87
CA ILE D 402 -6.84 -17.00 -5.79
C ILE D 402 -7.91 -17.85 -6.46
N VAL D 403 -9.17 -17.63 -6.08
CA VAL D 403 -10.27 -18.41 -6.63
C VAL D 403 -10.65 -17.89 -8.01
N SER D 404 -10.66 -16.57 -8.16
CA SER D 404 -10.85 -15.95 -9.46
C SER D 404 -9.85 -14.79 -9.61
N PRO D 405 -9.06 -14.80 -10.69
CA PRO D 405 -7.99 -13.83 -10.92
C PRO D 405 -8.52 -12.40 -11.04
N ALA D 406 -7.61 -11.42 -10.99
CA ALA D 406 -7.98 -10.02 -11.12
C ALA D 406 -8.72 -9.80 -12.45
N GLN D 407 -10.01 -9.56 -12.35
CA GLN D 407 -10.85 -9.47 -13.54
C GLN D 407 -11.84 -8.30 -13.44
N MET D 408 -11.61 -7.28 -14.25
CA MET D 408 -12.49 -6.11 -14.31
C MET D 408 -12.66 -5.46 -12.93
N ALA D 409 -11.54 -5.03 -12.34
CA ALA D 409 -11.54 -4.38 -11.04
C ALA D 409 -12.12 -5.26 -9.94
N MET D 410 -12.11 -6.57 -10.17
CA MET D 410 -12.75 -7.52 -9.28
C MET D 410 -11.88 -8.75 -9.08
N ILE D 411 -11.84 -9.27 -7.85
CA ILE D 411 -11.02 -10.45 -7.56
C ILE D 411 -11.52 -11.20 -6.33
N ASN D 412 -11.49 -12.53 -6.41
CA ASN D 412 -11.93 -13.39 -5.31
C ASN D 412 -10.81 -14.29 -4.81
N PHE D 413 -10.67 -14.37 -3.49
CA PHE D 413 -9.56 -15.11 -2.87
C PHE D 413 -9.93 -15.60 -1.48
N ARG D 414 -9.19 -16.58 -0.98
CA ARG D 414 -9.44 -17.12 0.35
C ARG D 414 -8.14 -17.51 1.05
N TYR D 415 -8.14 -17.49 2.37
CA TYR D 415 -7.03 -18.00 3.17
C TYR D 415 -7.35 -19.42 3.58
N ALA D 416 -6.57 -20.37 3.09
CA ALA D 416 -6.87 -21.78 3.29
C ALA D 416 -5.65 -22.59 3.72
N PRO D 417 -5.37 -22.62 5.02
CA PRO D 417 -4.35 -23.54 5.53
C PRO D 417 -4.77 -24.99 5.30
N LYS D 418 -3.85 -25.80 4.79
CA LYS D 418 -4.18 -27.13 4.29
C LYS D 418 -4.52 -28.13 5.39
N ASP D 419 -4.06 -27.89 6.61
CA ASP D 419 -4.34 -28.80 7.71
C ASP D 419 -5.74 -28.54 8.30
N LEU D 420 -6.59 -27.88 7.52
CA LEU D 420 -7.95 -27.57 7.95
C LEU D 420 -8.98 -28.16 6.99
N THR D 421 -10.17 -28.46 7.51
CA THR D 421 -11.25 -28.95 6.68
C THR D 421 -11.91 -27.78 5.98
N LYS D 422 -12.70 -28.06 4.95
CA LYS D 422 -13.37 -27.01 4.19
C LYS D 422 -14.30 -26.18 5.07
N GLU D 423 -15.01 -26.86 5.97
CA GLU D 423 -15.90 -26.17 6.90
C GLU D 423 -15.11 -25.21 7.79
N GLU D 424 -13.96 -25.67 8.26
CA GLU D 424 -13.10 -24.84 9.10
C GLU D 424 -12.49 -23.70 8.30
N GLN D 425 -12.15 -23.98 7.03
CA GLN D 425 -11.59 -22.95 6.16
C GLN D 425 -12.61 -21.86 5.86
N ASP D 426 -13.88 -22.25 5.71
CA ASP D 426 -14.94 -21.28 5.46
C ASP D 426 -15.15 -20.37 6.67
N ILE D 427 -15.24 -20.97 7.85
CA ILE D 427 -15.40 -20.22 9.09
C ILE D 427 -14.24 -19.25 9.28
N LEU D 428 -13.04 -19.69 8.91
CA LEU D 428 -11.84 -18.88 9.04
C LEU D 428 -11.95 -17.57 8.26
N ASN D 429 -12.20 -17.69 6.96
CA ASN D 429 -12.32 -16.52 6.09
C ASN D 429 -13.47 -15.60 6.49
N GLU D 430 -14.51 -16.17 7.11
CA GLU D 430 -15.62 -15.37 7.60
C GLU D 430 -15.15 -14.50 8.76
N LYS D 431 -14.34 -15.09 9.64
CA LYS D 431 -13.78 -14.37 10.76
C LYS D 431 -12.77 -13.33 10.29
N ILE D 432 -12.06 -13.65 9.21
CA ILE D 432 -11.09 -12.71 8.63
C ILE D 432 -11.79 -11.45 8.12
N SER D 433 -12.93 -11.65 7.47
CA SER D 433 -13.74 -10.53 6.99
C SER D 433 -14.24 -9.72 8.17
N HIS D 434 -14.78 -10.43 9.16
CA HIS D 434 -15.28 -9.83 10.39
C HIS D 434 -14.23 -8.95 11.04
N ARG D 435 -13.01 -9.46 11.09
CA ARG D 435 -11.92 -8.79 11.80
C ARG D 435 -11.53 -7.46 11.19
N ILE D 436 -11.40 -7.42 9.87
CA ILE D 436 -10.96 -6.20 9.19
C ILE D 436 -12.08 -5.16 9.13
N LEU D 437 -13.33 -5.61 9.23
CA LEU D 437 -14.46 -4.69 9.26
C LEU D 437 -14.49 -3.87 10.55
N GLU D 438 -14.26 -4.51 11.68
CA GLU D 438 -14.28 -3.80 12.96
C GLU D 438 -13.00 -3.01 13.16
N SER D 439 -11.97 -3.34 12.40
CA SER D 439 -10.72 -2.58 12.45
C SER D 439 -10.92 -1.19 11.85
N GLY D 440 -11.83 -1.10 10.88
CA GLY D 440 -12.16 0.17 10.28
C GLY D 440 -11.25 0.56 9.13
N TYR D 441 -10.26 -0.27 8.82
CA TYR D 441 -9.31 0.05 7.76
C TYR D 441 -9.91 -0.17 6.38
N ALA D 442 -10.72 -1.21 6.23
CA ALA D 442 -11.32 -1.53 4.94
C ALA D 442 -12.65 -2.25 5.09
N ALA D 443 -13.42 -2.29 4.02
CA ALA D 443 -14.69 -3.00 4.01
C ALA D 443 -14.62 -4.18 3.04
N ILE D 444 -14.55 -5.39 3.59
CA ILE D 444 -14.49 -6.59 2.78
C ILE D 444 -15.43 -7.67 3.33
N PHE D 445 -16.40 -8.07 2.53
CA PHE D 445 -17.34 -9.10 2.93
C PHE D 445 -17.05 -10.40 2.19
N THR D 446 -17.79 -11.44 2.55
CA THR D 446 -17.59 -12.75 1.94
C THR D 446 -18.70 -13.09 0.95
N THR D 447 -18.39 -14.02 0.05
CA THR D 447 -19.37 -14.57 -0.87
C THR D 447 -19.07 -16.05 -1.05
N VAL D 448 -19.92 -16.76 -1.77
CA VAL D 448 -19.69 -18.18 -2.00
C VAL D 448 -19.33 -18.43 -3.47
N LEU D 449 -18.29 -19.20 -3.70
CA LEU D 449 -17.79 -19.44 -5.04
C LEU D 449 -17.22 -20.85 -5.15
N ASN D 450 -17.78 -21.64 -6.06
CA ASN D 450 -17.38 -23.03 -6.22
C ASN D 450 -17.51 -23.82 -4.92
N GLY D 451 -18.52 -23.48 -4.12
CA GLY D 451 -18.79 -24.18 -2.88
C GLY D 451 -17.83 -23.81 -1.75
N LYS D 452 -17.16 -22.68 -1.90
CA LYS D 452 -16.21 -22.24 -0.88
C LYS D 452 -16.46 -20.78 -0.49
N THR D 453 -16.44 -20.51 0.82
CA THR D 453 -16.57 -19.16 1.32
C THR D 453 -15.30 -18.37 1.00
N VAL D 454 -15.48 -17.24 0.32
CA VAL D 454 -14.35 -16.51 -0.25
C VAL D 454 -14.41 -15.01 0.05
N LEU D 455 -13.24 -14.41 0.26
CA LEU D 455 -13.14 -12.98 0.40
C LEU D 455 -13.15 -12.32 -0.98
N ARG D 456 -13.88 -11.21 -1.09
CA ARG D 456 -14.01 -10.55 -2.39
C ARG D 456 -13.62 -9.07 -2.32
N ILE D 457 -12.94 -8.60 -3.35
CA ILE D 457 -12.56 -7.21 -3.46
C ILE D 457 -13.00 -6.60 -4.78
N CYS D 458 -13.74 -5.50 -4.69
CA CYS D 458 -14.09 -4.71 -5.86
C CYS D 458 -13.64 -3.28 -5.62
N ALA D 459 -12.54 -2.89 -6.25
CA ALA D 459 -11.95 -1.57 -6.03
C ALA D 459 -12.05 -0.71 -7.29
N ILE D 460 -12.80 0.38 -7.19
CA ILE D 460 -13.04 1.25 -8.34
C ILE D 460 -12.90 2.72 -7.99
N HIS D 461 -12.41 3.01 -6.78
CA HIS D 461 -12.22 4.38 -6.35
C HIS D 461 -10.93 4.96 -6.94
N PRO D 462 -11.05 6.09 -7.66
CA PRO D 462 -9.92 6.72 -8.35
C PRO D 462 -8.83 7.22 -7.41
N GLU D 463 -9.17 7.46 -6.15
CA GLU D 463 -8.20 7.99 -5.19
C GLU D 463 -7.65 6.91 -4.28
N ALA D 464 -7.80 5.65 -4.68
CA ALA D 464 -7.22 4.55 -3.93
C ALA D 464 -5.84 4.21 -4.48
N THR D 465 -4.88 3.96 -3.60
CA THR D 465 -3.50 3.76 -4.01
C THR D 465 -3.03 2.32 -3.81
N GLN D 466 -1.86 2.02 -4.34
CA GLN D 466 -1.25 0.71 -4.18
C GLN D 466 -1.05 0.39 -2.70
N GLU D 467 -0.70 1.40 -1.92
CA GLU D 467 -0.50 1.22 -0.48
C GLU D 467 -1.78 0.76 0.17
N ASP D 468 -2.90 1.35 -0.25
CA ASP D 468 -4.22 0.94 0.21
C ASP D 468 -4.44 -0.56 -0.01
N MET D 469 -4.10 -1.03 -1.20
CA MET D 469 -4.27 -2.43 -1.55
C MET D 469 -3.24 -3.33 -0.87
N GLN D 470 -1.99 -2.87 -0.83
CA GLN D 470 -0.92 -3.66 -0.23
C GLN D 470 -1.15 -3.84 1.27
N HIS D 471 -1.49 -2.74 1.94
CA HIS D 471 -1.72 -2.76 3.38
C HIS D 471 -2.97 -3.58 3.73
N THR D 472 -3.95 -3.55 2.82
CA THR D 472 -5.18 -4.31 3.02
C THR D 472 -4.89 -5.80 3.01
N ILE D 473 -4.14 -6.25 2.01
CA ILE D 473 -3.75 -7.65 1.92
C ILE D 473 -2.85 -8.06 3.08
N ASP D 474 -1.89 -7.20 3.43
CA ASP D 474 -1.00 -7.45 4.55
C ASP D 474 -1.78 -7.59 5.86
N LEU D 475 -2.81 -6.78 6.00
CA LEU D 475 -3.65 -6.81 7.19
C LEU D 475 -4.51 -8.07 7.24
N LEU D 476 -4.99 -8.49 6.07
CA LEU D 476 -5.80 -9.69 5.97
C LEU D 476 -4.98 -10.92 6.30
N ASP D 477 -3.74 -10.97 5.79
CA ASP D 477 -2.84 -12.07 6.04
C ASP D 477 -2.49 -12.18 7.52
N GLN D 478 -2.28 -11.02 8.15
CA GLN D 478 -2.01 -10.97 9.58
C GLN D 478 -3.17 -11.54 10.40
N TYR D 479 -4.38 -11.06 10.12
CA TYR D 479 -5.57 -11.54 10.79
C TYR D 479 -5.81 -13.03 10.58
N GLY D 480 -5.49 -13.51 9.38
CA GLY D 480 -5.72 -14.91 9.04
C GLY D 480 -4.92 -15.90 9.85
N ARG D 481 -3.60 -15.72 9.89
CA ARG D 481 -2.73 -16.65 10.60
C ARG D 481 -2.83 -16.42 12.11
N GLU D 482 -3.42 -15.30 12.49
CA GLU D 482 -3.61 -14.97 13.89
C GLU D 482 -4.79 -15.78 14.42
N ILE D 483 -5.87 -15.82 13.65
CA ILE D 483 -7.05 -16.58 14.02
C ILE D 483 -6.78 -18.07 13.85
N TYR D 484 -5.93 -18.40 12.89
CA TYR D 484 -5.52 -19.78 12.64
C TYR D 484 -4.83 -20.40 13.84
N THR D 485 -4.13 -19.58 14.62
CA THR D 485 -3.47 -20.05 15.84
C THR D 485 -4.47 -20.12 16.98
N GLU D 486 -5.42 -19.19 16.98
CA GLU D 486 -6.49 -19.18 17.97
C GLU D 486 -7.35 -20.43 17.85
N MET D 487 -7.56 -20.87 16.62
CA MET D 487 -8.37 -22.06 16.35
C MET D 487 -7.73 -23.32 16.91
N LYS D 488 -6.45 -23.51 16.63
CA LYS D 488 -5.72 -24.65 17.15
C LYS D 488 -5.25 -24.37 18.58
N LYS D 489 -6.20 -24.31 19.50
CA LYS D 489 -5.91 -23.97 20.89
C LYS D 489 -7.00 -24.48 21.82
F01 2SU E . 36.18 -3.76 35.60
O02 2SU E . 35.59 -3.72 32.01
O03 2SU E . 36.04 -5.18 33.56
N04 2SU E . 40.29 -3.66 30.49
N05 2SU E . 37.32 -1.95 32.80
C06 2SU E . 37.22 -3.11 33.64
C07 2SU E . 38.55 -3.79 33.74
C08 2SU E . 39.39 -3.51 32.54
C09 2SU E . 40.27 -2.47 32.39
C10 2SU E . 36.77 -2.71 34.99
C11 2SU E . 40.83 -2.57 31.11
C12 2SU E . 39.40 -4.26 31.36
C13 2SU E . 36.24 -4.06 33.04
C14 2SU E . 40.68 -1.34 33.32
C15 2SU E . 41.86 -1.54 30.65
C16 2SU E . 41.67 -0.35 32.88
C17 2SU E . 42.27 -0.45 31.55
O01 3SO F . 50.59 -11.44 17.16
C02 3SO F . 50.24 -11.00 15.97
C03 3SO F . 51.22 -10.35 15.28
N04 3SO F . 50.91 -9.86 14.03
C05 3SO F . 49.67 -10.00 13.48
C06 3SO F . 48.68 -10.67 14.21
C07 3SO F . 47.29 -10.78 13.48
O08 3SO F . 46.50 -9.90 13.94
P09 3SO F . 44.81 -10.22 14.07
O10 3SO F . 44.87 -11.45 14.87
O11 3SO F . 44.33 -8.98 14.67
O12 3SO F . 44.58 -10.40 12.63
C13 3SO F . 48.91 -11.19 15.46
C14 3SO F . 47.88 -11.91 16.22
C15 3SO F . 48.05 -12.86 17.10
C16 3SO F . 47.10 -13.63 17.88
C17 3SO F . 45.81 -13.02 18.40
C18 3SO F . 44.81 -13.88 19.00
C19 3SO F . 44.08 -13.49 20.09
N20 3SO F . 43.21 -14.49 20.43
C21 3SO F . 43.37 -15.54 19.54
C22 3SO F . 44.35 -15.19 18.66
C23 3SO F . 44.63 -16.15 17.70
C24 3SO F . 44.00 -17.36 17.62
C25 3SO F . 43.02 -17.67 18.52
C26 3SO F . 42.70 -16.78 19.47
O27 3SO F . 47.34 -14.80 18.11
C28 3SO F . 52.57 -10.15 15.81
F01 2SU G . -40.66 29.29 0.27
O02 2SU G . -41.39 27.56 -1.57
O03 2SU G . -40.11 26.17 -0.47
N04 2SU G . -44.31 23.85 -0.16
N05 2SU G . -41.45 26.37 1.78
C06 2SU G . -41.78 27.34 0.77
C07 2SU G . -43.26 27.32 0.52
C08 2SU G . -43.77 25.93 0.52
C09 2SU G . -44.33 25.27 1.59
C10 2SU G . -41.37 28.70 1.24
C11 2SU G . -44.66 23.98 1.17
C12 2SU G . -43.75 25.05 -0.56
C13 2SU G . -41.06 27.00 -0.48
C14 2SU G . -44.60 25.70 3.02
C15 2SU G . -45.32 23.01 2.15
C16 2SU G . -45.23 24.77 3.97
C17 2SU G . -45.59 23.41 3.53
F01 2SU H . 10.90 1.04 12.68
O02 2SU H . 14.01 2.22 12.46
O03 2SU H . 14.96 0.62 13.61
N04 2SU H . 15.24 -0.99 8.81
N05 2SU H . 13.45 -1.26 12.54
C06 2SU H . 12.97 0.08 12.43
C07 2SU H . 12.59 0.36 11.01
C08 2SU H . 13.47 -0.40 10.08
C09 2SU H . 13.18 -1.61 9.49
C10 2SU H . 11.78 0.25 13.30
C11 2SU H . 14.28 -1.97 8.70
C12 2SU H . 14.75 -0.02 9.66
C13 2SU H . 14.04 1.02 12.86
C14 2SU H . 11.96 -2.52 9.57
C15 2SU H . 14.25 -3.28 7.92
C16 2SU H . 11.93 -3.78 8.81
C17 2SU H . 13.07 -4.17 7.99
O01 3SO I . 27.90 -1.22 -5.18
C02 3SO I . 28.89 -1.94 -4.74
C03 3SO I . 29.18 -3.00 -5.47
N04 3SO I . 30.22 -3.78 -5.10
C05 3SO I . 30.97 -3.52 -4.01
C06 3SO I . 30.66 -2.42 -3.26
C07 3SO I . 31.62 -2.23 -2.04
O08 3SO I . 31.19 -1.40 -1.18
P09 3SO I . 31.76 -1.59 0.43
O10 3SO I . 33.13 -1.86 0.02
O11 3SO I . 30.96 -2.72 0.92
O12 3SO I . 31.51 -0.22 0.94
C13 3SO I . 29.62 -1.61 -3.60
C14 3SO I . 29.27 -0.41 -2.87
C15 3SO I . 29.03 0.77 -3.39
C16 3SO I . 28.70 2.06 -2.78
C17 3SO I . 29.34 2.39 -1.42
C18 3SO I . 28.69 3.33 -0.53
C19 3SO I . 27.59 3.05 0.22
N20 3SO I . 27.28 4.19 0.97
C21 3SO I . 28.18 5.19 0.67
C22 3SO I . 29.07 4.67 -0.24
C23 3SO I . 30.05 5.53 -0.67
C24 3SO I . 30.17 6.79 -0.25
C25 3SO I . 29.31 7.29 0.67
C26 3SO I . 28.29 6.50 1.12
O27 3SO I . 28.01 2.89 -3.37
C28 3SO I . 28.41 -3.33 -6.65
O01 3SO J . -52.76 10.67 -10.04
C02 3SO J . -52.07 9.55 -9.98
C03 3SO J . -52.66 8.46 -9.40
N04 3SO J . -51.96 7.29 -9.35
C05 3SO J . -50.70 7.18 -9.85
C06 3SO J . -50.11 8.29 -10.45
C07 3SO J . -48.70 7.99 -10.98
O08 3SO J . -48.04 9.08 -11.14
P09 3SO J . -46.32 9.20 -10.67
O10 3SO J . -46.47 9.28 -9.21
O11 3SO J . -45.91 10.40 -11.45
O12 3SO J . -45.96 7.89 -11.26
C13 3SO J . -50.78 9.51 -10.53
C14 3SO J . -50.25 10.72 -11.16
C15 3SO J . -50.96 11.49 -11.96
C16 3SO J . -50.63 12.70 -12.70
C17 3SO J . -49.37 12.77 -13.52
C18 3SO J . -48.64 14.06 -13.58
C19 3SO J . -48.44 14.83 -12.48
N20 3SO J . -47.72 15.96 -12.85
C21 3SO J . -47.46 15.91 -14.21
C22 3SO J . -48.01 14.74 -14.69
C23 3SO J . -47.83 14.52 -16.07
C24 3SO J . -47.17 15.39 -16.88
C25 3SO J . -46.62 16.56 -16.36
C26 3SO J . -46.77 16.82 -15.04
O27 3SO J . -51.41 13.61 -12.73
C28 3SO J . -54.01 8.46 -8.79
F01 2SU K . -12.98 14.74 -4.09
O02 2SU K . -15.84 13.32 -4.61
O03 2SU K . -14.24 12.50 -3.37
N04 2SU K . -15.19 9.55 -7.70
N05 2SU K . -14.38 13.54 -6.77
C06 2SU K . -13.67 13.13 -5.59
C07 2SU K . -12.97 11.83 -5.83
C08 2SU K . -13.73 11.00 -6.81
C09 2SU K . -13.52 10.97 -8.17
C10 2SU K . -12.66 14.17 -5.24
C11 2SU K . -14.43 10.06 -8.73
C12 2SU K . -14.77 10.12 -6.52
C13 2SU K . -14.63 12.97 -4.46
C14 2SU K . -12.53 11.70 -9.08
C15 2SU K . -14.44 9.82 -10.23
C16 2SU K . -12.54 11.46 -10.53
C17 2SU K . -13.48 10.52 -11.11
O01 3SO L . -24.10 -6.56 -10.44
C02 3SO L . -25.29 -6.30 -10.91
C03 3SO L . -25.61 -6.82 -12.11
N04 3SO L . -26.86 -6.61 -12.61
C05 3SO L . -27.76 -5.86 -11.95
C06 3SO L . -27.42 -5.32 -10.72
C07 3SO L . -28.60 -4.50 -10.07
O08 3SO L . -28.12 -3.65 -9.26
P09 3SO L . -29.02 -2.21 -8.76
O10 3SO L . -28.52 -2.02 -7.36
O11 3SO L . -28.60 -1.26 -9.81
O12 3SO L . -30.34 -2.86 -8.84
C13 3SO L . -26.17 -5.52 -10.14
C14 3SO L . -25.72 -5.02 -8.78
C15 3SO L . -24.97 -5.65 -7.90
C16 3SO L . -24.51 -5.19 -6.60
C17 3SO L . -25.05 -3.88 -6.06
C18 3SO L . -24.74 -3.39 -4.72
C19 3SO L . -23.93 -2.33 -4.49
N20 3SO L . -23.84 -2.09 -3.16
C21 3SO L . -24.61 -3.00 -2.51
C22 3SO L . -25.19 -3.81 -3.45
C23 3SO L . -26.03 -4.80 -2.95
C24 3SO L . -26.27 -4.99 -1.63
C25 3SO L . -25.68 -4.14 -0.71
C26 3SO L . -24.86 -3.16 -1.14
O27 3SO L . -23.73 -5.85 -5.94
C28 3SO L . -24.69 -7.63 -12.90
#